data_9C5C
#
_entry.id   9C5C
#
loop_
_entity.id
_entity.type
_entity.pdbx_description
1 polymer 'AP-3 complex subunit delta-1'
2 polymer 'AP-3 complex subunit beta-1'
3 polymer 'AP-3 complex subunit mu-1'
4 polymer 'AP-3 complex subunit sigma-1'
#
loop_
_entity_poly.entity_id
_entity_poly.type
_entity_poly.pdbx_seq_one_letter_code
_entity_poly.pdbx_strand_id
1 'polypeptide(L)'
;LQDLVRGIRNHKEDEAKYISQCIDEIKQELKQDNIAVKANAVCKLTYLQMLGYDISWAAFNIIEVMSASKFTFKRIGYLA
ASQSFHEGTDVIMLTTNQIRKDLSSPSQYDTGVALTGLSCFVTPDLARDLANDIMTLMSHTKPYIRKKAVLIMYKVFLKY
PESLRPAFPRLKEKLEDPDPGVQSAAVNVICELARRNPKNYLSLAPLFFKLMTSSTNNWVLIKIIKLFGALTPLEPRLGK
KLIEPLTNLIHSTSAMSLLYECVNTVIAVLISLSSGMPNHSASIQLCVQKLRILIEDSDQNLKYLGLLAMSKILKTHPKS
VQSHKDLILQCLDDKDESIRLRALDLLYGMVSKKNLMEIVKKLMTHVDKAEGTTYRDELLTKIIDICSQSNYQYITNFEW
YISILVELTRLEGTRHGHLIAAQMLDVAIRVKAIRKFAVSQMSALLDSAHLLASSTQRNGICEVLYAAAWICGEFSEHLQ
EPHHTLEAMLRPRVTTLPGHIQAVYVQNVVKLYASILQQKEQAGEAEGAQAVTQLMVDRLPQFVQSADLEVQERASCILQ
LVKHIQKLQAKDVPVAEEVSALFAGELN
;
D
2 'polypeptide(L)'
;DLKKNEDLKQMLESNKDSAKLDAMKRIVGMIAKGKNASELFPAVVKNVASKNIEIKKLVYVYLVRYAEEQQDLALLSIST
FQRALKDPNQLIRASALRVLSSIRVPIIVPIMMLAIKEASADLSPYVRKNAAHAIQKLYSLDPEQKEMLIEVIEKLLKDK
STLVAGSVVMAFEEVCPDRIDLIHKNYRKLCNLLVDVEEWGQVVIIHMLTRYARTQFVSPWDPDHRLLIRNTKPLLQSRN
AAVVMAVAQLYWHISPKSEAGIISKSLVRLLRSNREVQYIVLQNIATMSIQRKGMFEPYLKSFYVRSTDPTMIKTLKLEI
LTNLANEANISTLLREFQTYVKSQDKQFAAATIQTIGRCATNILEVTDTCLNGLVCLLSNRDEIVVAESVVVIKKLLQMQ
PAQHGEIIKHMAKLLDSITVPVARASILWLIGENCERVPKIAPDVLRKMAKSFTSEDDLVKLQILNLGAKLYLTNSKQTK
LLTQYILNLGKYDQNYDIRDRTRFIRQLIVPNVKSGALSKYAKKIFLAQKPAPLLESPFKDRDHFQLGTLSHTLNIKATG
YLELSNWPEVAPDPSVRN
;
B
3 'polypeptide(L)'
;MIHSLFLINCSGDIFLEKHWKSVVSQSVCDYFFEAQEKAADVENVPPVISTPHHYLISIYRDKLFFVSVIQTEVPPLFVI
EFLHRVADTFQDYFGECSEAAIKDNVVIVYELLEEMLDNGFPLA
;
M
4 'polypeptide(L)'
;MIKAILIFNNHGKPRLSKFYQPYSEDTQQQIIRETFHLVSKRDENVCNFLEGGLLIGGSDNKLIYRHYATLYFVFCVDSS
ESELGILDLIQVFVETLDKCFENVCELDLIFHVDKVHNILAEMVMGGMVLETNMNEIVTQIDAQNKLEKSE
;
S
#
# COMPACT_ATOMS: atom_id res chain seq x y z
N LEU A 1 37.42 24.64 -11.24
CA LEU A 1 36.11 24.01 -11.11
C LEU A 1 35.99 23.28 -9.77
N GLN A 2 37.09 22.66 -9.35
CA GLN A 2 37.05 21.86 -8.12
C GLN A 2 36.90 22.73 -6.88
N ASP A 3 37.35 23.98 -6.93
CA ASP A 3 37.17 24.86 -5.79
C ASP A 3 35.69 25.10 -5.51
N LEU A 4 34.90 25.34 -6.55
CA LEU A 4 33.45 25.48 -6.35
C LEU A 4 32.83 24.18 -5.87
N VAL A 5 33.35 23.04 -6.34
CA VAL A 5 32.86 21.74 -5.87
C VAL A 5 33.07 21.62 -4.36
N ARG A 6 34.27 21.95 -3.89
CA ARG A 6 34.58 21.86 -2.47
C ARG A 6 33.73 22.86 -1.67
N GLY A 7 33.55 24.07 -2.21
CA GLY A 7 32.72 25.05 -1.53
C GLY A 7 31.28 24.61 -1.39
N ILE A 8 30.71 24.03 -2.44
CA ILE A 8 29.34 23.52 -2.38
C ILE A 8 29.24 22.37 -1.40
N ARG A 9 30.22 21.46 -1.43
CA ARG A 9 30.19 20.32 -0.51
C ARG A 9 30.28 20.78 0.95
N ASN A 10 31.13 21.76 1.23
CA ASN A 10 31.22 22.28 2.59
C ASN A 10 29.95 23.02 2.99
N HIS A 11 29.38 23.81 2.07
CA HIS A 11 28.17 24.58 2.35
C HIS A 11 26.93 23.80 1.90
N LYS A 12 26.53 22.86 2.77
CA LYS A 12 25.36 22.03 2.46
C LYS A 12 24.07 22.78 2.75
N GLU A 13 23.86 23.17 4.01
CA GLU A 13 22.65 23.91 4.38
C GLU A 13 22.68 25.36 3.91
N ASP A 14 23.87 25.94 3.76
CA ASP A 14 24.00 27.31 3.27
C ASP A 14 24.27 27.34 1.77
N GLU A 15 23.69 26.41 1.02
CA GLU A 15 23.96 26.34 -0.42
C GLU A 15 23.49 27.59 -1.13
N ALA A 16 22.31 28.10 -0.78
CA ALA A 16 21.76 29.25 -1.50
C ALA A 16 22.65 30.48 -1.36
N LYS A 17 23.10 30.79 -0.14
CA LYS A 17 23.90 31.99 0.07
C LYS A 17 25.27 31.88 -0.60
N TYR A 18 25.93 30.74 -0.45
CA TYR A 18 27.24 30.54 -1.06
C TYR A 18 27.12 30.57 -2.59
N ILE A 19 26.05 29.99 -3.12
CA ILE A 19 25.83 30.01 -4.56
C ILE A 19 25.57 31.41 -5.06
N SER A 20 24.83 32.22 -4.29
CA SER A 20 24.62 33.61 -4.68
C SER A 20 25.93 34.40 -4.68
N GLN A 21 26.76 34.20 -3.65
CA GLN A 21 28.07 34.85 -3.62
C GLN A 21 28.93 34.41 -4.79
N CYS A 22 28.91 33.13 -5.11
CA CYS A 22 29.67 32.63 -6.24
C CYS A 22 29.12 33.17 -7.56
N ILE A 23 27.82 33.39 -7.64
CA ILE A 23 27.22 33.97 -8.84
C ILE A 23 27.69 35.41 -9.01
N ASP A 24 27.74 36.17 -7.92
CA ASP A 24 28.29 37.52 -8.01
C ASP A 24 29.75 37.50 -8.43
N GLU A 25 30.54 36.57 -7.86
CA GLU A 25 31.94 36.44 -8.25
C GLU A 25 32.08 36.06 -9.72
N ILE A 26 31.18 35.20 -10.21
CA ILE A 26 31.21 34.80 -11.61
C ILE A 26 30.84 35.98 -12.51
N LYS A 27 29.89 36.80 -12.07
CA LYS A 27 29.57 38.03 -12.81
C LYS A 27 30.79 38.93 -12.91
N GLN A 28 31.54 39.06 -11.80
CA GLN A 28 32.76 39.86 -11.84
C GLN A 28 33.80 39.24 -12.76
N GLU A 29 33.93 37.92 -12.73
CA GLU A 29 35.01 37.25 -13.45
C GLU A 29 34.76 37.22 -14.95
N LEU A 30 33.51 37.01 -15.36
CA LEU A 30 33.18 36.85 -16.77
C LEU A 30 33.27 38.15 -17.56
N LYS A 31 33.43 39.29 -16.89
CA LYS A 31 33.62 40.57 -17.57
C LYS A 31 35.09 40.99 -17.60
N GLN A 32 35.99 40.09 -17.22
CA GLN A 32 37.42 40.37 -17.23
C GLN A 32 37.98 40.17 -18.64
N ASP A 33 39.16 40.75 -18.87
CA ASP A 33 39.80 40.64 -20.18
C ASP A 33 40.42 39.27 -20.39
N ASN A 34 40.94 38.66 -19.33
CA ASN A 34 41.58 37.35 -19.44
C ASN A 34 40.52 36.30 -19.72
N ILE A 35 40.72 35.52 -20.78
CA ILE A 35 39.73 34.52 -21.16
C ILE A 35 39.85 33.27 -20.29
N ALA A 36 41.02 33.05 -19.68
CA ALA A 36 41.18 31.89 -18.79
C ALA A 36 40.29 32.00 -17.57
N VAL A 37 40.23 33.17 -16.94
CA VAL A 37 39.36 33.37 -15.78
C VAL A 37 37.89 33.23 -16.21
N LYS A 38 37.56 33.73 -17.39
CA LYS A 38 36.21 33.57 -17.91
C LYS A 38 35.86 32.11 -18.13
N ALA A 39 36.82 31.32 -18.61
CA ALA A 39 36.59 29.89 -18.82
C ALA A 39 36.43 29.16 -17.50
N ASN A 40 37.20 29.55 -16.48
CA ASN A 40 37.02 28.97 -15.15
C ASN A 40 35.63 29.31 -14.61
N ALA A 41 35.19 30.55 -14.78
CA ALA A 41 33.85 30.92 -14.36
C ALA A 41 32.79 30.16 -15.16
N VAL A 42 33.10 29.86 -16.42
CA VAL A 42 32.17 29.08 -17.25
C VAL A 42 32.08 27.64 -16.76
N CYS A 43 33.21 27.07 -16.32
CA CYS A 43 33.17 25.78 -15.66
C CYS A 43 32.28 25.83 -14.41
N LYS A 44 32.49 26.86 -13.58
CA LYS A 44 31.64 27.06 -12.42
C LYS A 44 30.18 27.13 -12.82
N LEU A 45 29.90 27.83 -13.91
CA LEU A 45 28.51 28.08 -14.31
C LEU A 45 27.87 26.84 -14.92
N THR A 46 28.67 26.00 -15.58
CA THR A 46 28.16 24.71 -16.05
C THR A 46 27.79 23.82 -14.86
N TYR A 47 28.65 23.80 -13.84
CA TYR A 47 28.29 23.14 -12.60
C TYR A 47 27.01 23.74 -12.00
N LEU A 48 26.88 25.06 -12.08
CA LEU A 48 25.68 25.74 -11.60
C LEU A 48 24.44 25.29 -12.35
N GLN A 49 24.54 25.18 -13.68
CA GLN A 49 23.41 24.72 -14.49
C GLN A 49 23.04 23.29 -14.12
N MET A 50 24.03 22.43 -13.92
CA MET A 50 23.72 21.08 -13.48
C MET A 50 23.01 21.11 -12.13
N LEU A 51 23.43 22.01 -11.23
CA LEU A 51 22.77 22.16 -9.95
C LEU A 51 21.35 22.71 -10.10
N GLY A 52 21.08 23.46 -11.17
CA GLY A 52 19.73 23.92 -11.42
C GLY A 52 19.51 25.43 -11.38
N TYR A 53 20.53 26.19 -11.81
CA TYR A 53 20.45 27.64 -11.83
C TYR A 53 20.51 28.13 -13.28
N ASP A 54 19.86 29.28 -13.53
CA ASP A 54 19.62 29.79 -14.88
C ASP A 54 20.96 30.07 -15.56
N ILE A 55 21.14 29.48 -16.74
CA ILE A 55 22.36 29.58 -17.52
C ILE A 55 22.27 30.75 -18.51
N SER A 56 21.05 31.21 -18.77
CA SER A 56 20.83 32.18 -19.84
C SER A 56 21.43 33.55 -19.53
N TRP A 57 21.80 33.81 -18.28
CA TRP A 57 22.23 35.16 -17.92
C TRP A 57 23.60 35.52 -18.49
N ALA A 58 24.49 34.53 -18.67
CA ALA A 58 25.85 34.79 -19.13
C ALA A 58 26.14 34.14 -20.48
N ALA A 59 25.15 34.14 -21.38
CA ALA A 59 25.35 33.57 -22.71
C ALA A 59 26.40 34.36 -23.48
N PHE A 60 26.38 35.69 -23.37
CA PHE A 60 27.39 36.51 -24.03
C PHE A 60 28.79 36.20 -23.51
N ASN A 61 28.94 36.03 -22.19
CA ASN A 61 30.23 35.65 -21.63
C ASN A 61 30.68 34.27 -22.09
N ILE A 62 29.74 33.33 -22.21
CA ILE A 62 30.06 32.02 -22.76
C ILE A 62 30.56 32.15 -24.19
N ILE A 63 29.93 33.03 -24.98
CA ILE A 63 30.40 33.30 -26.34
C ILE A 63 31.81 33.86 -26.31
N GLU A 64 32.07 34.80 -25.38
CA GLU A 64 33.40 35.39 -25.27
C GLU A 64 34.45 34.33 -24.96
N VAL A 65 34.12 33.38 -24.07
CA VAL A 65 35.02 32.27 -23.80
C VAL A 65 35.22 31.44 -25.06
N MET A 66 34.13 31.18 -25.80
CA MET A 66 34.21 30.39 -27.03
C MET A 66 35.08 31.08 -28.08
N SER A 67 35.13 32.41 -28.07
CA SER A 67 35.88 33.15 -29.08
C SER A 67 37.39 33.03 -28.91
N ALA A 68 37.86 32.45 -27.81
CA ALA A 68 39.30 32.35 -27.57
C ALA A 68 39.97 31.49 -28.64
N SER A 69 41.19 31.88 -29.02
CA SER A 69 41.95 31.11 -30.00
C SER A 69 42.46 29.79 -29.44
N LYS A 70 42.49 29.63 -28.11
CA LYS A 70 42.94 28.39 -27.49
C LYS A 70 41.78 27.41 -27.40
N PHE A 71 42.01 26.20 -27.91
CA PHE A 71 40.97 25.17 -27.90
C PHE A 71 40.68 24.67 -26.50
N THR A 72 41.60 24.87 -25.56
CA THR A 72 41.35 24.51 -24.17
C THR A 72 40.17 25.28 -23.61
N PHE A 73 40.11 26.59 -23.87
CA PHE A 73 38.92 27.36 -23.53
C PHE A 73 37.77 27.13 -24.51
N LYS A 74 38.09 26.77 -25.75
CA LYS A 74 37.04 26.50 -26.74
C LYS A 74 36.15 25.36 -26.29
N ARG A 75 36.74 24.29 -25.75
CA ARG A 75 35.92 23.14 -25.35
C ARG A 75 34.97 23.49 -24.21
N ILE A 76 35.45 24.22 -23.20
CA ILE A 76 34.58 24.61 -22.09
C ILE A 76 33.49 25.55 -22.58
N GLY A 77 33.86 26.52 -23.43
CA GLY A 77 32.87 27.42 -23.98
C GLY A 77 31.81 26.70 -24.78
N TYR A 78 32.23 25.73 -25.58
CA TYR A 78 31.29 24.95 -26.39
C TYR A 78 30.40 24.08 -25.53
N LEU A 79 30.93 23.53 -24.43
CA LEU A 79 30.10 22.73 -23.53
C LEU A 79 29.01 23.59 -22.89
N ALA A 80 29.41 24.72 -22.30
CA ALA A 80 28.43 25.62 -21.71
C ALA A 80 27.48 26.17 -22.76
N ALA A 81 27.96 26.31 -23.99
CA ALA A 81 27.11 26.80 -25.07
C ALA A 81 26.07 25.77 -25.48
N SER A 82 26.47 24.49 -25.52
CA SER A 82 25.51 23.41 -25.75
C SER A 82 24.47 23.37 -24.65
N GLN A 83 24.88 23.65 -23.42
CA GLN A 83 23.96 23.62 -22.30
C GLN A 83 23.29 24.96 -22.01
N SER A 84 23.51 25.98 -22.84
CA SER A 84 23.13 27.34 -22.45
C SER A 84 21.98 27.93 -23.26
N PHE A 85 22.12 28.04 -24.59
CA PHE A 85 21.11 28.76 -25.35
C PHE A 85 19.93 27.87 -25.69
N HIS A 86 18.77 28.50 -25.90
CA HIS A 86 17.54 27.81 -26.23
C HIS A 86 16.90 28.48 -27.44
N GLU A 87 15.68 28.04 -27.76
CA GLU A 87 14.97 28.58 -28.90
C GLU A 87 14.64 30.06 -28.76
N GLY A 88 14.45 30.54 -27.53
CA GLY A 88 14.09 31.93 -27.28
C GLY A 88 15.25 32.84 -26.96
N THR A 89 16.49 32.44 -27.24
CA THR A 89 17.68 33.22 -26.94
C THR A 89 18.21 33.82 -28.24
N ASP A 90 17.88 35.10 -28.48
CA ASP A 90 18.44 35.80 -29.62
C ASP A 90 19.91 36.13 -29.43
N VAL A 91 20.43 35.99 -28.20
CA VAL A 91 21.83 36.23 -27.92
C VAL A 91 22.73 35.25 -28.68
N ILE A 92 22.19 34.10 -29.09
CA ILE A 92 22.96 33.11 -29.82
C ILE A 92 23.44 33.65 -31.17
N MET A 93 22.83 34.72 -31.67
CA MET A 93 23.23 35.29 -32.94
C MET A 93 24.66 35.82 -32.92
N LEU A 94 25.17 36.21 -31.75
CA LEU A 94 26.55 36.68 -31.67
C LEU A 94 27.55 35.56 -31.85
N THR A 95 27.11 34.30 -31.78
CA THR A 95 28.01 33.17 -31.95
C THR A 95 28.47 32.98 -33.39
N THR A 96 27.77 33.61 -34.35
CA THR A 96 27.88 33.23 -35.76
C THR A 96 29.30 33.29 -36.29
N ASN A 97 30.04 34.36 -35.99
CA ASN A 97 31.39 34.50 -36.55
C ASN A 97 32.31 33.40 -36.03
N GLN A 98 32.26 33.13 -34.72
CA GLN A 98 33.10 32.06 -34.17
C GLN A 98 32.66 30.70 -34.67
N ILE A 99 31.35 30.49 -34.81
CA ILE A 99 30.84 29.22 -35.31
C ILE A 99 31.35 28.97 -36.73
N ARG A 100 31.27 29.99 -37.58
CA ARG A 100 31.76 29.84 -38.95
C ARG A 100 33.27 29.64 -38.99
N LYS A 101 34.00 30.38 -38.15
CA LYS A 101 35.46 30.23 -38.11
C LYS A 101 35.86 28.81 -37.71
N ASP A 102 35.20 28.26 -36.69
CA ASP A 102 35.53 26.91 -36.24
C ASP A 102 35.05 25.86 -37.23
N LEU A 103 33.89 26.09 -37.85
CA LEU A 103 33.31 25.10 -38.75
C LEU A 103 34.09 25.00 -40.04
N SER A 104 34.53 26.15 -40.59
CA SER A 104 35.30 26.13 -41.82
C SER A 104 36.76 25.79 -41.59
N SER A 105 37.20 25.69 -40.34
CA SER A 105 38.59 25.36 -40.06
C SER A 105 38.88 23.93 -40.49
N PRO A 106 40.09 23.67 -41.02
CA PRO A 106 40.43 22.28 -41.40
C PRO A 106 40.81 21.40 -40.22
N SER A 107 40.98 21.96 -39.02
CA SER A 107 41.36 21.16 -37.85
C SER A 107 40.26 20.17 -37.51
N GLN A 108 40.64 18.89 -37.34
CA GLN A 108 39.65 17.86 -37.08
C GLN A 108 38.97 18.05 -35.73
N TYR A 109 39.76 18.27 -34.68
CA TYR A 109 39.21 18.21 -33.33
C TYR A 109 38.56 19.54 -32.94
N ASP A 110 39.09 20.66 -33.42
CA ASP A 110 38.40 21.92 -33.23
C ASP A 110 37.02 21.89 -33.90
N THR A 111 36.96 21.33 -35.11
CA THR A 111 35.67 21.13 -35.77
C THR A 111 34.80 20.16 -34.97
N GLY A 112 35.41 19.17 -34.33
CA GLY A 112 34.63 18.26 -33.51
C GLY A 112 33.95 18.96 -32.35
N VAL A 113 34.71 19.80 -31.64
CA VAL A 113 34.10 20.57 -30.55
C VAL A 113 33.08 21.55 -31.09
N ALA A 114 33.34 22.13 -32.26
CA ALA A 114 32.38 23.05 -32.87
C ALA A 114 31.07 22.34 -33.18
N LEU A 115 31.15 21.11 -33.69
CA LEU A 115 29.94 20.35 -33.98
C LEU A 115 29.24 19.92 -32.70
N THR A 116 30.02 19.60 -31.66
CA THR A 116 29.43 19.29 -30.37
C THR A 116 28.63 20.48 -29.84
N GLY A 117 29.17 21.68 -30.01
CA GLY A 117 28.41 22.87 -29.65
C GLY A 117 27.19 23.07 -30.53
N LEU A 118 27.36 22.85 -31.84
CA LEU A 118 26.26 23.08 -32.79
C LEU A 118 25.10 22.11 -32.56
N SER A 119 25.38 20.94 -31.99
CA SER A 119 24.33 19.95 -31.75
C SER A 119 23.19 20.49 -30.90
N CYS A 120 23.46 21.49 -30.06
CA CYS A 120 22.41 22.16 -29.31
C CYS A 120 22.13 23.57 -29.84
N PHE A 121 22.77 23.97 -30.93
CA PHE A 121 22.53 25.26 -31.56
C PHE A 121 21.47 25.15 -32.66
N VAL A 122 20.73 24.06 -32.69
CA VAL A 122 19.94 23.72 -33.87
C VAL A 122 18.64 24.49 -33.85
N THR A 123 18.66 25.69 -34.42
CA THR A 123 17.50 26.53 -34.64
C THR A 123 17.27 26.70 -36.13
N PRO A 124 16.03 26.99 -36.55
CA PRO A 124 15.77 27.15 -37.99
C PRO A 124 16.65 28.21 -38.65
N ASP A 125 16.91 29.32 -37.97
CA ASP A 125 17.78 30.35 -38.54
C ASP A 125 19.22 29.87 -38.66
N LEU A 126 19.79 29.30 -37.59
CA LEU A 126 21.15 28.80 -37.65
C LEU A 126 21.28 27.62 -38.61
N ALA A 127 20.29 26.73 -38.65
CA ALA A 127 20.30 25.64 -39.61
C ALA A 127 20.28 26.18 -41.04
N ARG A 128 19.38 27.14 -41.30
CA ARG A 128 19.30 27.74 -42.63
C ARG A 128 20.58 28.47 -43.02
N ASP A 129 21.32 28.99 -42.05
CA ASP A 129 22.56 29.72 -42.34
C ASP A 129 23.78 28.81 -42.44
N LEU A 130 23.77 27.64 -41.81
CA LEU A 130 24.94 26.79 -41.77
C LEU A 130 24.84 25.51 -42.59
N ALA A 131 23.64 25.16 -43.07
CA ALA A 131 23.48 23.93 -43.84
C ALA A 131 24.32 23.95 -45.10
N ASN A 132 24.51 25.12 -45.71
CA ASN A 132 25.30 25.20 -46.93
C ASN A 132 26.73 24.73 -46.69
N ASP A 133 27.32 25.10 -45.55
CA ASP A 133 28.69 24.71 -45.27
C ASP A 133 28.77 23.29 -44.74
N ILE A 134 27.81 22.87 -43.89
CA ILE A 134 27.92 21.52 -43.34
C ILE A 134 27.58 20.47 -44.40
N MET A 135 26.82 20.85 -45.42
CA MET A 135 26.60 19.95 -46.55
C MET A 135 27.90 19.67 -47.29
N THR A 136 28.74 20.70 -47.45
CA THR A 136 30.08 20.47 -47.98
C THR A 136 30.91 19.63 -47.02
N LEU A 137 30.77 19.88 -45.72
CA LEU A 137 31.51 19.10 -44.73
C LEU A 137 31.12 17.63 -44.72
N MET A 138 29.94 17.30 -45.28
CA MET A 138 29.57 15.90 -45.49
C MET A 138 30.73 15.06 -46.00
N SER A 139 31.35 15.48 -47.10
CA SER A 139 32.41 14.70 -47.75
C SER A 139 33.80 15.22 -47.39
N HIS A 140 33.99 15.69 -46.16
CA HIS A 140 35.31 16.16 -45.74
C HIS A 140 36.28 15.00 -45.69
N THR A 141 37.56 15.29 -45.96
CA THR A 141 38.57 14.25 -46.14
C THR A 141 38.78 13.38 -44.90
N LYS A 142 38.98 14.00 -43.74
CA LYS A 142 39.27 13.28 -42.52
C LYS A 142 38.01 12.64 -41.94
N PRO A 143 38.09 11.39 -41.48
CA PRO A 143 36.87 10.63 -41.14
C PRO A 143 36.11 11.17 -39.93
N TYR A 144 36.82 11.56 -38.88
CA TYR A 144 36.18 11.94 -37.62
C TYR A 144 35.26 13.15 -37.79
N ILE A 145 35.68 14.11 -38.61
CA ILE A 145 34.85 15.27 -38.90
C ILE A 145 33.54 14.83 -39.53
N ARG A 146 33.61 13.95 -40.53
CA ARG A 146 32.39 13.45 -41.15
C ARG A 146 31.54 12.67 -40.15
N LYS A 147 32.20 11.93 -39.27
CA LYS A 147 31.52 11.06 -38.32
C LYS A 147 30.64 11.87 -37.38
N LYS A 148 31.12 13.01 -36.91
CA LYS A 148 30.23 13.91 -36.19
C LYS A 148 29.31 14.68 -37.13
N ALA A 149 29.77 14.95 -38.35
CA ALA A 149 29.07 15.85 -39.25
C ALA A 149 27.74 15.26 -39.68
N VAL A 150 27.68 13.94 -39.88
CA VAL A 150 26.41 13.36 -40.33
C VAL A 150 25.34 13.54 -39.26
N LEU A 151 25.71 13.43 -37.99
CA LEU A 151 24.76 13.72 -36.92
C LEU A 151 24.34 15.19 -36.94
N ILE A 152 25.29 16.08 -37.21
CA ILE A 152 24.91 17.49 -37.33
C ILE A 152 23.93 17.69 -38.49
N MET A 153 24.13 16.99 -39.61
CA MET A 153 23.07 16.90 -40.61
C MET A 153 21.76 16.48 -39.99
N TYR A 154 21.70 15.32 -39.33
CA TYR A 154 20.42 14.85 -38.78
C TYR A 154 19.71 15.96 -38.02
N LYS A 155 20.47 16.73 -37.23
CA LYS A 155 19.90 17.91 -36.59
C LYS A 155 19.33 18.89 -37.62
N VAL A 156 20.13 19.24 -38.63
CA VAL A 156 19.69 20.23 -39.62
C VAL A 156 18.47 19.73 -40.39
N PHE A 157 18.55 18.45 -40.80
CA PHE A 157 17.39 17.83 -41.50
C PHE A 157 16.16 18.03 -40.63
N LEU A 158 16.26 17.66 -39.33
CA LEU A 158 15.12 17.93 -38.47
C LEU A 158 14.66 19.38 -38.52
N LYS A 159 15.59 20.33 -38.61
CA LYS A 159 15.20 21.74 -38.56
C LYS A 159 15.16 22.44 -39.92
N TYR A 160 15.87 21.94 -40.93
CA TYR A 160 15.93 22.60 -42.24
C TYR A 160 15.67 21.58 -43.34
N PRO A 161 14.40 21.29 -43.63
CA PRO A 161 14.08 20.33 -44.70
C PRO A 161 14.50 20.78 -46.08
N GLU A 162 14.69 22.09 -46.29
CA GLU A 162 15.10 22.57 -47.62
C GLU A 162 16.50 22.09 -47.96
N SER A 163 17.31 21.75 -46.95
CA SER A 163 18.57 21.06 -47.19
C SER A 163 18.39 19.55 -47.17
N LEU A 164 17.30 19.07 -46.56
CA LEU A 164 17.00 17.64 -46.57
C LEU A 164 16.66 17.17 -47.99
N ARG A 165 15.97 18.00 -48.76
CA ARG A 165 15.62 17.67 -50.14
C ARG A 165 16.83 17.34 -51.02
N PRO A 166 17.88 18.17 -51.07
CA PRO A 166 19.02 17.81 -51.94
C PRO A 166 20.08 16.95 -51.27
N ALA A 167 20.19 16.97 -49.94
CA ALA A 167 21.27 16.24 -49.29
C ALA A 167 20.89 14.79 -49.01
N PHE A 168 19.65 14.40 -49.27
CA PHE A 168 19.25 13.00 -49.14
C PHE A 168 20.04 12.08 -50.06
N PRO A 169 20.22 12.38 -51.35
CA PRO A 169 21.18 11.58 -52.14
C PRO A 169 22.59 11.64 -51.60
N ARG A 170 22.98 12.76 -50.99
CA ARG A 170 24.30 12.85 -50.39
C ARG A 170 24.47 11.85 -49.26
N LEU A 171 23.45 11.70 -48.42
CA LEU A 171 23.52 10.69 -47.36
C LEU A 171 23.43 9.28 -47.95
N LYS A 172 22.69 9.13 -49.04
CA LYS A 172 22.61 7.82 -49.70
C LYS A 172 23.99 7.38 -50.18
N GLU A 173 24.77 8.29 -50.79
CA GLU A 173 26.12 7.93 -51.19
C GLU A 173 27.05 7.88 -49.99
N LYS A 174 26.73 8.61 -48.91
CA LYS A 174 27.48 8.52 -47.68
C LYS A 174 27.40 7.13 -47.06
N LEU A 175 26.28 6.44 -47.26
CA LEU A 175 26.09 5.10 -46.70
C LEU A 175 27.23 4.13 -47.02
N GLU A 176 28.01 4.38 -48.06
CA GLU A 176 29.14 3.52 -48.41
C GLU A 176 30.47 4.09 -47.95
N ASP A 177 30.49 4.84 -46.85
CA ASP A 177 31.75 5.39 -46.37
C ASP A 177 32.66 4.27 -45.86
N PRO A 178 33.93 4.24 -46.28
CA PRO A 178 34.81 3.12 -45.89
C PRO A 178 35.17 3.10 -44.41
N ASP A 179 35.23 4.26 -43.75
CA ASP A 179 35.65 4.31 -42.35
C ASP A 179 34.51 3.81 -41.48
N PRO A 180 34.71 2.78 -40.65
CA PRO A 180 33.57 2.15 -39.95
C PRO A 180 32.80 3.10 -39.06
N GLY A 181 33.48 3.97 -38.31
CA GLY A 181 32.76 4.90 -37.45
C GLY A 181 31.91 5.87 -38.26
N VAL A 182 32.45 6.37 -39.38
CA VAL A 182 31.72 7.33 -40.19
C VAL A 182 30.48 6.70 -40.78
N GLN A 183 30.62 5.49 -41.35
CA GLN A 183 29.45 4.85 -41.93
C GLN A 183 28.43 4.53 -40.84
N SER A 184 28.89 4.13 -39.66
CA SER A 184 27.96 3.83 -38.57
C SER A 184 27.16 5.06 -38.16
N ALA A 185 27.84 6.21 -38.04
CA ALA A 185 27.13 7.45 -37.72
C ALA A 185 26.13 7.81 -38.82
N ALA A 186 26.54 7.63 -40.08
CA ALA A 186 25.63 7.88 -41.19
C ALA A 186 24.41 6.97 -41.12
N VAL A 187 24.62 5.70 -40.76
CA VAL A 187 23.50 4.79 -40.58
C VAL A 187 22.58 5.29 -39.48
N ASN A 188 23.14 5.69 -38.35
CA ASN A 188 22.29 6.18 -37.27
C ASN A 188 21.42 7.35 -37.74
N VAL A 189 22.03 8.29 -38.46
CA VAL A 189 21.28 9.42 -38.98
C VAL A 189 20.18 8.96 -39.93
N ILE A 190 20.52 8.09 -40.87
CA ILE A 190 19.55 7.70 -41.89
C ILE A 190 18.41 6.90 -41.29
N CYS A 191 18.69 6.07 -40.28
CA CYS A 191 17.60 5.41 -39.58
C CYS A 191 16.71 6.42 -38.88
N GLU A 192 17.29 7.39 -38.18
CA GLU A 192 16.40 8.32 -37.48
C GLU A 192 15.66 9.22 -38.45
N LEU A 193 16.14 9.33 -39.70
CA LEU A 193 15.30 9.89 -40.75
C LEU A 193 14.17 8.95 -41.14
N ALA A 194 14.48 7.66 -41.32
CA ALA A 194 13.50 6.72 -41.84
C ALA A 194 12.38 6.47 -40.84
N ARG A 195 12.65 6.74 -39.56
CA ARG A 195 11.65 6.50 -38.52
C ARG A 195 10.45 7.43 -38.64
N ARG A 196 10.61 8.60 -39.27
CA ARG A 196 9.53 9.56 -39.37
C ARG A 196 8.71 9.41 -40.65
N ASN A 197 9.37 9.19 -41.79
CA ASN A 197 8.67 9.00 -43.07
C ASN A 197 9.21 7.73 -43.73
N PRO A 198 8.82 6.56 -43.22
CA PRO A 198 9.41 5.31 -43.70
C PRO A 198 9.15 5.01 -45.17
N LYS A 199 8.14 5.64 -45.78
CA LYS A 199 7.82 5.33 -47.17
C LYS A 199 8.95 5.72 -48.12
N ASN A 200 9.65 6.81 -47.83
CA ASN A 200 10.70 7.29 -48.72
C ASN A 200 12.00 6.49 -48.62
N TYR A 201 11.99 5.34 -47.95
CA TYR A 201 13.19 4.54 -47.77
C TYR A 201 13.01 3.07 -48.08
N LEU A 202 11.84 2.65 -48.58
CA LEU A 202 11.68 1.26 -48.98
C LEU A 202 12.58 0.91 -50.16
N SER A 203 12.77 1.86 -51.07
CA SER A 203 13.72 1.68 -52.17
C SER A 203 15.17 1.65 -51.69
N LEU A 204 15.44 2.11 -50.46
CA LEU A 204 16.79 2.08 -49.91
C LEU A 204 17.08 0.80 -49.16
N ALA A 205 16.15 -0.15 -49.14
CA ALA A 205 16.34 -1.41 -48.43
C ALA A 205 17.58 -2.19 -48.87
N PRO A 206 17.88 -2.35 -50.18
CA PRO A 206 19.08 -3.12 -50.56
C PRO A 206 20.37 -2.56 -49.98
N LEU A 207 20.46 -1.24 -49.84
CA LEU A 207 21.61 -0.65 -49.17
C LEU A 207 21.70 -1.14 -47.74
N PHE A 208 20.56 -1.24 -47.04
CA PHE A 208 20.56 -1.74 -45.68
C PHE A 208 20.91 -3.22 -45.62
N PHE A 209 20.48 -4.00 -46.61
CA PHE A 209 20.85 -5.41 -46.67
C PHE A 209 22.36 -5.56 -46.82
N LYS A 210 22.97 -4.74 -47.70
CA LYS A 210 24.42 -4.73 -47.86
C LYS A 210 25.09 -4.33 -46.55
N LEU A 211 24.52 -3.32 -45.87
CA LEU A 211 25.02 -2.91 -44.57
C LEU A 211 25.05 -4.07 -43.59
N MET A 212 23.93 -4.77 -43.44
CA MET A 212 23.82 -5.79 -42.41
C MET A 212 24.65 -7.03 -42.77
N THR A 213 24.83 -7.30 -44.06
CA THR A 213 25.77 -8.33 -44.46
C THR A 213 27.20 -7.93 -44.10
N SER A 214 27.53 -6.65 -44.26
CA SER A 214 28.90 -6.20 -44.03
C SER A 214 29.16 -5.79 -42.59
N SER A 215 28.14 -5.36 -41.85
CA SER A 215 28.36 -4.75 -40.55
C SER A 215 28.82 -5.79 -39.53
N THR A 216 29.62 -5.33 -38.56
CA THR A 216 30.14 -6.17 -37.49
C THR A 216 29.85 -5.57 -36.10
N ASN A 217 29.82 -4.24 -36.00
CA ASN A 217 29.60 -3.55 -34.73
C ASN A 217 28.13 -3.71 -34.36
N ASN A 218 27.87 -4.31 -33.20
CA ASN A 218 26.53 -4.80 -32.87
C ASN A 218 25.47 -3.70 -32.90
N TRP A 219 25.79 -2.53 -32.34
CA TRP A 219 24.79 -1.47 -32.19
C TRP A 219 24.21 -1.06 -33.53
N VAL A 220 25.04 -1.06 -34.57
CA VAL A 220 24.55 -0.76 -35.92
C VAL A 220 23.46 -1.74 -36.30
N LEU A 221 23.72 -3.05 -36.13
CA LEU A 221 22.72 -4.06 -36.45
C LEU A 221 21.46 -3.87 -35.61
N ILE A 222 21.62 -3.56 -34.32
CA ILE A 222 20.44 -3.35 -33.48
C ILE A 222 19.56 -2.26 -34.07
N LYS A 223 20.16 -1.13 -34.43
CA LYS A 223 19.36 -0.01 -34.94
C LYS A 223 18.68 -0.39 -36.25
N ILE A 224 19.44 -0.94 -37.20
CA ILE A 224 18.83 -1.19 -38.51
C ILE A 224 17.79 -2.29 -38.39
N ILE A 225 17.98 -3.23 -37.47
CA ILE A 225 17.07 -4.35 -37.32
C ILE A 225 15.75 -3.89 -36.72
N LYS A 226 15.81 -2.99 -35.74
CA LYS A 226 14.57 -2.39 -35.25
C LYS A 226 13.86 -1.63 -36.35
N LEU A 227 14.60 -0.91 -37.20
CA LEU A 227 13.90 -0.20 -38.26
C LEU A 227 13.37 -1.16 -39.32
N PHE A 228 14.01 -2.31 -39.50
CA PHE A 228 13.48 -3.35 -40.37
C PHE A 228 12.16 -3.88 -39.82
N GLY A 229 12.07 -4.03 -38.51
CA GLY A 229 10.77 -4.26 -37.91
C GLY A 229 9.81 -3.14 -38.21
N ALA A 230 10.32 -1.91 -38.27
CA ALA A 230 9.45 -0.75 -38.49
C ALA A 230 8.84 -0.73 -39.89
N LEU A 231 9.61 -1.06 -40.94
CA LEU A 231 9.07 -0.98 -42.29
C LEU A 231 8.23 -2.20 -42.69
N THR A 232 8.31 -3.28 -41.92
CA THR A 232 7.57 -4.48 -42.27
C THR A 232 6.07 -4.25 -42.45
N PRO A 233 5.40 -3.41 -41.66
CA PRO A 233 4.00 -3.07 -41.99
C PRO A 233 3.83 -2.46 -43.38
N LEU A 234 4.76 -1.63 -43.84
CA LEU A 234 4.60 -0.98 -45.13
C LEU A 234 4.89 -1.92 -46.30
N GLU A 235 5.85 -2.83 -46.15
CA GLU A 235 6.24 -3.73 -47.22
C GLU A 235 6.71 -5.04 -46.62
N PRO A 236 5.84 -6.03 -46.53
CA PRO A 236 6.27 -7.33 -45.97
C PRO A 236 7.35 -8.02 -46.78
N ARG A 237 7.51 -7.67 -48.05
CA ARG A 237 8.46 -8.37 -48.90
C ARG A 237 9.91 -8.11 -48.52
N LEU A 238 10.23 -6.95 -47.96
CA LEU A 238 11.60 -6.79 -47.48
C LEU A 238 11.87 -7.71 -46.31
N GLY A 239 10.86 -7.94 -45.46
CA GLY A 239 11.00 -8.94 -44.41
C GLY A 239 11.10 -10.34 -44.96
N LYS A 240 10.40 -10.62 -46.06
CA LYS A 240 10.52 -11.92 -46.71
C LYS A 240 11.94 -12.14 -47.23
N LYS A 241 12.52 -11.11 -47.84
CA LYS A 241 13.92 -11.20 -48.26
C LYS A 241 14.86 -11.26 -47.07
N LEU A 242 14.46 -10.68 -45.94
CA LEU A 242 15.35 -10.45 -44.83
C LEU A 242 15.35 -11.59 -43.82
N ILE A 243 14.35 -12.47 -43.86
CA ILE A 243 14.25 -13.52 -42.84
C ILE A 243 15.47 -14.44 -42.87
N GLU A 244 16.00 -14.75 -44.06
CA GLU A 244 17.17 -15.62 -44.14
C GLU A 244 18.40 -14.99 -43.49
N PRO A 245 18.77 -13.74 -43.83
CA PRO A 245 19.81 -13.07 -43.03
C PRO A 245 19.41 -12.88 -41.58
N LEU A 246 18.12 -12.68 -41.29
CA LEU A 246 17.67 -12.67 -39.90
C LEU A 246 18.06 -13.97 -39.19
N THR A 247 17.68 -15.11 -39.78
CA THR A 247 17.94 -16.40 -39.16
C THR A 247 19.44 -16.65 -39.02
N ASN A 248 20.21 -16.29 -40.05
CA ASN A 248 21.66 -16.44 -39.98
C ASN A 248 22.23 -15.61 -38.84
N LEU A 249 21.71 -14.40 -38.64
CA LEU A 249 22.17 -13.57 -37.54
C LEU A 249 21.84 -14.20 -36.19
N ILE A 250 20.59 -14.61 -35.99
CA ILE A 250 20.20 -15.21 -34.71
C ILE A 250 21.06 -16.44 -34.41
N HIS A 251 21.30 -17.27 -35.42
CA HIS A 251 22.20 -18.41 -35.22
C HIS A 251 23.62 -17.94 -34.91
N SER A 252 24.02 -16.79 -35.45
CA SER A 252 25.36 -16.26 -35.18
C SER A 252 25.39 -15.23 -34.06
N THR A 253 24.26 -14.91 -33.45
CA THR A 253 24.26 -13.95 -32.34
C THR A 253 25.06 -14.46 -31.16
N SER A 254 25.90 -13.59 -30.61
CA SER A 254 26.62 -13.87 -29.37
C SER A 254 26.27 -12.90 -28.25
N ALA A 255 25.72 -11.73 -28.58
CA ALA A 255 25.27 -10.76 -27.59
C ALA A 255 23.81 -11.02 -27.27
N MET A 256 23.50 -11.08 -25.98
CA MET A 256 22.13 -11.38 -25.55
C MET A 256 21.15 -10.29 -25.98
N SER A 257 21.57 -9.02 -25.85
CA SER A 257 20.72 -7.90 -26.25
C SER A 257 20.42 -7.91 -27.73
N LEU A 258 21.46 -8.07 -28.56
CA LEU A 258 21.26 -8.15 -30.00
C LEU A 258 20.38 -9.34 -30.33
N LEU A 259 20.56 -10.44 -29.62
CA LEU A 259 19.72 -11.62 -29.81
C LEU A 259 18.26 -11.30 -29.57
N TYR A 260 17.96 -10.61 -28.47
CA TYR A 260 16.57 -10.23 -28.18
C TYR A 260 16.02 -9.35 -29.29
N GLU A 261 16.82 -8.39 -29.76
CA GLU A 261 16.33 -7.49 -30.78
C GLU A 261 16.00 -8.24 -32.07
N CYS A 262 16.89 -9.14 -32.50
CA CYS A 262 16.57 -9.95 -33.67
C CYS A 262 15.33 -10.82 -33.47
N VAL A 263 15.18 -11.48 -32.31
CA VAL A 263 14.04 -12.39 -32.18
C VAL A 263 12.74 -11.61 -32.15
N ASN A 264 12.71 -10.48 -31.44
CA ASN A 264 11.49 -9.67 -31.42
C ASN A 264 11.17 -9.16 -32.83
N THR A 265 12.20 -8.75 -33.56
CA THR A 265 11.95 -8.24 -34.91
C THR A 265 11.49 -9.35 -35.84
N VAL A 266 11.93 -10.59 -35.62
CA VAL A 266 11.43 -11.65 -36.50
C VAL A 266 10.02 -12.07 -36.10
N ILE A 267 9.64 -11.89 -34.82
CA ILE A 267 8.23 -11.99 -34.47
C ILE A 267 7.42 -10.99 -35.29
N ALA A 268 7.88 -9.74 -35.34
CA ALA A 268 7.19 -8.73 -36.12
C ALA A 268 7.14 -9.12 -37.60
N VAL A 269 8.28 -9.59 -38.13
CA VAL A 269 8.36 -9.95 -39.55
C VAL A 269 7.42 -11.10 -39.87
N LEU A 270 7.36 -12.10 -39.00
CA LEU A 270 6.50 -13.25 -39.24
C LEU A 270 5.03 -12.87 -39.07
N ILE A 271 4.72 -11.93 -38.18
CA ILE A 271 3.36 -11.41 -38.09
C ILE A 271 2.98 -10.76 -39.42
N SER A 272 3.89 -9.97 -39.99
CA SER A 272 3.62 -9.37 -41.30
C SER A 272 3.48 -10.43 -42.39
N LEU A 273 4.33 -11.45 -42.37
CA LEU A 273 4.37 -12.45 -43.45
C LEU A 273 3.26 -13.49 -43.34
N SER A 274 2.61 -13.61 -42.18
CA SER A 274 1.59 -14.64 -42.02
C SER A 274 0.35 -14.33 -42.85
N SER A 275 0.26 -13.12 -43.40
CA SER A 275 -0.88 -12.73 -44.22
C SER A 275 -0.80 -13.38 -45.60
N GLY A 276 -1.25 -14.63 -45.70
CA GLY A 276 -1.27 -15.35 -46.95
C GLY A 276 -0.18 -16.38 -47.14
N MET A 277 0.82 -16.42 -46.26
CA MET A 277 1.92 -17.39 -46.35
C MET A 277 2.10 -18.08 -45.00
N PRO A 278 1.20 -19.01 -44.66
CA PRO A 278 1.31 -19.73 -43.37
C PRO A 278 2.23 -20.93 -43.46
N ASN A 279 3.50 -20.69 -43.78
CA ASN A 279 4.47 -21.77 -43.90
C ASN A 279 5.78 -21.43 -43.20
N HIS A 280 5.71 -20.59 -42.18
CA HIS A 280 6.90 -20.16 -41.44
C HIS A 280 6.93 -20.73 -40.03
N SER A 281 6.30 -21.89 -39.80
CA SER A 281 6.26 -22.46 -38.45
C SER A 281 7.64 -22.90 -37.97
N ALA A 282 8.56 -23.19 -38.90
CA ALA A 282 9.92 -23.54 -38.50
C ALA A 282 10.65 -22.34 -37.92
N SER A 283 10.52 -21.18 -38.58
CA SER A 283 11.04 -19.94 -38.01
C SER A 283 10.38 -19.61 -36.69
N ILE A 284 9.08 -19.89 -36.57
CA ILE A 284 8.39 -19.68 -35.29
C ILE A 284 9.01 -20.56 -34.22
N GLN A 285 9.25 -21.83 -34.53
CA GLN A 285 9.82 -22.73 -33.55
C GLN A 285 11.20 -22.25 -33.11
N LEU A 286 12.03 -21.82 -34.07
CA LEU A 286 13.37 -21.38 -33.71
C LEU A 286 13.33 -20.11 -32.85
N CYS A 287 12.39 -19.20 -33.14
CA CYS A 287 12.35 -17.98 -32.35
C CYS A 287 11.81 -18.26 -30.94
N VAL A 288 10.88 -19.21 -30.79
CA VAL A 288 10.49 -19.60 -29.43
C VAL A 288 11.67 -20.23 -28.69
N GLN A 289 12.47 -21.04 -29.39
CA GLN A 289 13.64 -21.60 -28.74
C GLN A 289 14.59 -20.50 -28.27
N LYS A 290 14.81 -19.50 -29.13
CA LYS A 290 15.66 -18.37 -28.73
C LYS A 290 15.07 -17.61 -27.56
N LEU A 291 13.75 -17.43 -27.53
CA LEU A 291 13.11 -16.79 -26.39
C LEU A 291 13.32 -17.58 -25.11
N ARG A 292 13.22 -18.90 -25.20
CA ARG A 292 13.50 -19.74 -24.05
C ARG A 292 14.92 -19.52 -23.55
N ILE A 293 15.90 -19.56 -24.45
CA ILE A 293 17.30 -19.36 -24.05
C ILE A 293 17.47 -17.99 -23.43
N LEU A 294 16.76 -16.98 -23.96
CA LEU A 294 16.81 -15.65 -23.37
C LEU A 294 16.25 -15.63 -21.96
N ILE A 295 15.11 -16.29 -21.75
CA ILE A 295 14.41 -16.14 -20.48
C ILE A 295 15.05 -16.99 -19.39
N GLU A 296 15.74 -18.07 -19.75
CA GLU A 296 16.40 -18.87 -18.72
C GLU A 296 17.54 -18.12 -18.05
N ASP A 297 18.06 -17.06 -18.68
CA ASP A 297 19.20 -16.35 -18.12
C ASP A 297 18.76 -15.61 -16.86
N SER A 298 19.72 -15.46 -15.93
CA SER A 298 19.45 -14.99 -14.58
C SER A 298 19.35 -13.48 -14.45
N ASP A 299 19.72 -12.70 -15.48
CA ASP A 299 19.62 -11.25 -15.39
C ASP A 299 18.17 -10.86 -15.66
N GLN A 300 17.60 -10.06 -14.73
CA GLN A 300 16.16 -9.81 -14.75
C GLN A 300 15.71 -9.02 -15.97
N ASN A 301 16.56 -8.15 -16.52
CA ASN A 301 16.18 -7.36 -17.68
C ASN A 301 16.01 -8.23 -18.92
N LEU A 302 17.01 -9.08 -19.17
CA LEU A 302 16.93 -10.04 -20.26
C LEU A 302 15.67 -10.88 -20.13
N LYS A 303 15.42 -11.40 -18.93
CA LYS A 303 14.28 -12.25 -18.68
C LYS A 303 12.96 -11.50 -18.92
N TYR A 304 12.91 -10.25 -18.46
CA TYR A 304 11.69 -9.45 -18.60
C TYR A 304 11.35 -9.23 -20.07
N LEU A 305 12.31 -8.74 -20.86
CA LEU A 305 11.99 -8.44 -22.24
C LEU A 305 11.80 -9.71 -23.06
N GLY A 306 12.53 -10.78 -22.74
CA GLY A 306 12.25 -12.04 -23.39
C GLY A 306 10.84 -12.52 -23.13
N LEU A 307 10.39 -12.41 -21.87
CA LEU A 307 9.02 -12.78 -21.53
C LEU A 307 8.01 -11.89 -22.25
N LEU A 308 8.33 -10.60 -22.41
CA LEU A 308 7.45 -9.74 -23.19
C LEU A 308 7.34 -10.23 -24.64
N ALA A 309 8.47 -10.66 -25.21
CA ALA A 309 8.44 -11.19 -26.57
C ALA A 309 7.61 -12.47 -26.65
N MET A 310 7.73 -13.34 -25.65
CA MET A 310 6.89 -14.54 -25.62
C MET A 310 5.43 -14.16 -25.48
N SER A 311 5.13 -13.06 -24.79
CA SER A 311 3.76 -12.58 -24.73
C SER A 311 3.26 -12.17 -26.11
N LYS A 312 4.08 -11.43 -26.85
CA LYS A 312 3.68 -11.03 -28.20
C LYS A 312 3.46 -12.26 -29.07
N ILE A 313 4.32 -13.27 -28.97
CA ILE A 313 4.15 -14.43 -29.82
C ILE A 313 3.00 -15.30 -29.32
N LEU A 314 2.62 -15.15 -28.04
CA LEU A 314 1.41 -15.79 -27.56
C LEU A 314 0.17 -15.17 -28.20
N LYS A 315 0.16 -13.84 -28.33
CA LYS A 315 -0.84 -13.25 -29.23
C LYS A 315 -0.67 -13.76 -30.65
N THR A 316 0.54 -14.17 -31.03
CA THR A 316 0.77 -14.63 -32.39
C THR A 316 0.61 -16.14 -32.55
N HIS A 317 1.46 -16.92 -31.88
CA HIS A 317 1.46 -18.39 -31.99
C HIS A 317 1.58 -19.01 -30.61
N PRO A 318 0.49 -19.10 -29.87
CA PRO A 318 0.55 -19.70 -28.53
C PRO A 318 0.70 -21.20 -28.54
N LYS A 319 0.57 -21.86 -29.70
CA LYS A 319 0.69 -23.32 -29.75
C LYS A 319 2.03 -23.81 -29.24
N SER A 320 3.11 -23.05 -29.50
CA SER A 320 4.41 -23.40 -28.98
C SER A 320 4.68 -22.79 -27.62
N VAL A 321 4.04 -21.66 -27.31
CA VAL A 321 4.23 -21.01 -26.01
C VAL A 321 3.66 -21.88 -24.90
N GLN A 322 2.55 -22.56 -25.18
CA GLN A 322 1.88 -23.35 -24.14
C GLN A 322 2.78 -24.45 -23.60
N SER A 323 3.81 -24.84 -24.34
CA SER A 323 4.72 -25.89 -23.88
C SER A 323 5.67 -25.41 -22.80
N HIS A 324 5.79 -24.09 -22.59
CA HIS A 324 6.74 -23.58 -21.60
C HIS A 324 6.34 -23.97 -20.18
N LYS A 325 5.09 -23.72 -19.80
CA LYS A 325 4.54 -24.21 -18.53
C LYS A 325 5.44 -23.93 -17.34
N ASP A 326 6.21 -24.96 -16.96
CA ASP A 326 7.04 -24.90 -15.76
C ASP A 326 8.01 -23.72 -15.82
N LEU A 327 8.47 -23.35 -17.01
CA LEU A 327 9.37 -22.21 -17.13
C LEU A 327 8.73 -20.94 -16.59
N ILE A 328 7.52 -20.63 -17.06
CA ILE A 328 6.82 -19.45 -16.58
C ILE A 328 6.45 -19.61 -15.11
N LEU A 329 6.14 -20.84 -14.71
CA LEU A 329 5.78 -21.09 -13.32
C LEU A 329 6.95 -20.79 -12.38
N GLN A 330 8.19 -21.03 -12.85
CA GLN A 330 9.35 -20.63 -12.05
C GLN A 330 9.58 -19.13 -12.14
N CYS A 331 9.42 -18.53 -13.31
CA CYS A 331 9.65 -17.09 -13.38
C CYS A 331 8.63 -16.33 -12.54
N LEU A 332 7.54 -16.99 -12.14
CA LEU A 332 6.58 -16.38 -11.22
C LEU A 332 7.20 -15.95 -9.90
N ASP A 333 8.28 -16.60 -9.45
CA ASP A 333 8.80 -16.31 -8.11
C ASP A 333 9.80 -15.16 -8.08
N ASP A 334 10.04 -14.50 -9.21
CA ASP A 334 11.00 -13.40 -9.24
C ASP A 334 10.52 -12.25 -8.35
N LYS A 335 11.48 -11.55 -7.76
CA LYS A 335 11.17 -10.53 -6.76
C LYS A 335 10.59 -9.25 -7.37
N ASP A 336 10.65 -9.08 -8.69
CA ASP A 336 10.08 -7.90 -9.34
C ASP A 336 8.59 -8.13 -9.54
N GLU A 337 7.79 -7.11 -9.24
CA GLU A 337 6.34 -7.24 -9.37
C GLU A 337 5.90 -7.19 -10.83
N SER A 338 6.62 -6.42 -11.65
CA SER A 338 6.22 -6.27 -13.06
C SER A 338 6.38 -7.57 -13.83
N ILE A 339 7.50 -8.27 -13.63
CA ILE A 339 7.69 -9.56 -14.30
C ILE A 339 6.64 -10.55 -13.82
N ARG A 340 6.28 -10.48 -12.54
CA ARG A 340 5.26 -11.37 -12.00
C ARG A 340 3.91 -11.09 -12.65
N LEU A 341 3.56 -9.81 -12.83
CA LEU A 341 2.29 -9.46 -13.47
C LEU A 341 2.27 -9.93 -14.91
N ARG A 342 3.39 -9.77 -15.63
CA ARG A 342 3.46 -10.25 -17.00
C ARG A 342 3.32 -11.77 -17.03
N ALA A 343 3.93 -12.46 -16.07
CA ALA A 343 3.78 -13.91 -15.97
C ALA A 343 2.33 -14.30 -15.72
N LEU A 344 1.63 -13.53 -14.87
CA LEU A 344 0.22 -13.81 -14.63
C LEU A 344 -0.60 -13.64 -15.89
N ASP A 345 -0.28 -12.60 -16.68
CA ASP A 345 -0.97 -12.45 -17.96
C ASP A 345 -0.68 -13.62 -18.89
N LEU A 346 0.55 -14.14 -18.89
CA LEU A 346 0.82 -15.33 -19.69
C LEU A 346 0.02 -16.52 -19.20
N LEU A 347 -0.08 -16.69 -17.87
CA LEU A 347 -0.90 -17.77 -17.32
C LEU A 347 -2.34 -17.65 -17.78
N TYR A 348 -2.88 -16.44 -17.78
CA TYR A 348 -4.18 -16.19 -18.40
C TYR A 348 -4.20 -16.66 -19.85
N GLY A 349 -3.12 -16.34 -20.59
CA GLY A 349 -3.09 -16.68 -22.00
C GLY A 349 -3.12 -18.17 -22.27
N MET A 350 -2.31 -18.94 -21.55
CA MET A 350 -2.17 -20.37 -21.86
C MET A 350 -3.10 -21.26 -21.05
N VAL A 351 -3.91 -20.71 -20.14
CA VAL A 351 -4.84 -21.54 -19.38
C VAL A 351 -5.76 -22.27 -20.33
N SER A 352 -5.87 -23.59 -20.15
CA SER A 352 -6.61 -24.43 -21.07
C SER A 352 -7.45 -25.43 -20.28
N LYS A 353 -8.30 -26.17 -21.00
CA LYS A 353 -9.16 -27.15 -20.37
C LYS A 353 -8.36 -28.30 -19.75
N LYS A 354 -7.10 -28.45 -20.11
CA LYS A 354 -6.24 -29.51 -19.59
C LYS A 354 -5.37 -29.07 -18.44
N ASN A 355 -4.94 -27.81 -18.40
CA ASN A 355 -3.97 -27.39 -17.39
C ASN A 355 -4.47 -26.29 -16.47
N LEU A 356 -5.77 -25.99 -16.44
CA LEU A 356 -6.27 -24.95 -15.53
C LEU A 356 -6.03 -25.34 -14.08
N MET A 357 -6.25 -26.61 -13.74
CA MET A 357 -6.11 -27.04 -12.36
C MET A 357 -4.69 -26.85 -11.85
N GLU A 358 -3.69 -27.29 -12.62
CA GLU A 358 -2.31 -27.20 -12.18
C GLU A 358 -1.87 -25.74 -12.07
N ILE A 359 -2.23 -24.93 -13.07
CA ILE A 359 -1.83 -23.52 -13.04
C ILE A 359 -2.43 -22.82 -11.84
N VAL A 360 -3.71 -23.10 -11.54
CA VAL A 360 -4.35 -22.46 -10.41
C VAL A 360 -3.79 -22.99 -9.09
N LYS A 361 -3.41 -24.26 -9.03
CA LYS A 361 -2.79 -24.78 -7.82
C LYS A 361 -1.48 -24.07 -7.53
N LYS A 362 -0.63 -23.90 -8.53
CA LYS A 362 0.61 -23.16 -8.33
C LYS A 362 0.33 -21.70 -8.01
N LEU A 363 -0.65 -21.09 -8.69
CA LEU A 363 -0.99 -19.70 -8.43
C LEU A 363 -1.49 -19.51 -7.01
N MET A 364 -2.22 -20.48 -6.47
CA MET A 364 -2.75 -20.35 -5.12
C MET A 364 -1.71 -20.69 -4.06
N THR A 365 -0.78 -21.59 -4.36
CA THR A 365 0.39 -21.71 -3.50
C THR A 365 1.12 -20.38 -3.41
N HIS A 366 1.27 -19.70 -4.54
CA HIS A 366 1.90 -18.38 -4.53
C HIS A 366 1.05 -17.35 -3.79
N VAL A 367 -0.27 -17.39 -3.93
CA VAL A 367 -1.12 -16.43 -3.23
C VAL A 367 -1.05 -16.67 -1.73
N ASP A 368 -0.86 -17.93 -1.31
CA ASP A 368 -0.53 -18.19 0.09
C ASP A 368 0.81 -17.56 0.43
N LYS A 369 1.79 -17.66 -0.48
CA LYS A 369 3.08 -17.00 -0.29
C LYS A 369 3.04 -15.52 -0.63
N ALA A 370 1.99 -15.04 -1.29
CA ALA A 370 1.96 -13.65 -1.74
C ALA A 370 1.84 -12.69 -0.56
N GLU A 371 2.43 -11.51 -0.73
CA GLU A 371 2.36 -10.44 0.25
C GLU A 371 1.93 -9.16 -0.44
N GLY A 372 1.06 -8.40 0.24
CA GLY A 372 0.59 -7.14 -0.29
C GLY A 372 -0.88 -7.19 -0.68
N THR A 373 -1.71 -6.41 0.02
CA THR A 373 -3.14 -6.41 -0.28
C THR A 373 -3.40 -6.01 -1.72
N THR A 374 -2.61 -5.09 -2.28
CA THR A 374 -2.70 -4.78 -3.69
C THR A 374 -2.33 -5.98 -4.56
N TYR A 375 -1.17 -6.58 -4.30
CA TYR A 375 -0.75 -7.76 -5.05
C TYR A 375 -1.72 -8.91 -4.82
N ARG A 376 -2.13 -9.12 -3.57
CA ARG A 376 -3.06 -10.20 -3.28
C ARG A 376 -4.37 -9.99 -4.02
N ASP A 377 -4.84 -8.75 -4.10
CA ASP A 377 -6.06 -8.44 -4.83
C ASP A 377 -5.91 -8.74 -6.31
N GLU A 378 -4.82 -8.27 -6.94
CA GLU A 378 -4.67 -8.55 -8.37
C GLU A 378 -4.52 -10.04 -8.62
N LEU A 379 -3.81 -10.75 -7.72
CA LEU A 379 -3.61 -12.18 -7.91
C LEU A 379 -4.92 -12.93 -7.81
N LEU A 380 -5.74 -12.62 -6.80
CA LEU A 380 -7.02 -13.32 -6.68
C LEU A 380 -7.96 -12.92 -7.81
N THR A 381 -7.93 -11.66 -8.25
CA THR A 381 -8.74 -11.26 -9.39
C THR A 381 -8.32 -12.00 -10.64
N LYS A 382 -7.01 -12.19 -10.84
CA LYS A 382 -6.53 -12.95 -11.99
C LYS A 382 -6.93 -14.41 -11.89
N ILE A 383 -6.90 -14.98 -10.68
CA ILE A 383 -7.34 -16.36 -10.51
C ILE A 383 -8.80 -16.51 -10.91
N ILE A 384 -9.64 -15.58 -10.45
CA ILE A 384 -11.05 -15.62 -10.80
C ILE A 384 -11.25 -15.37 -12.30
N ASP A 385 -10.41 -14.52 -12.90
CA ASP A 385 -10.54 -14.25 -14.32
C ASP A 385 -10.19 -15.47 -15.16
N ILE A 386 -9.12 -16.18 -14.78
CA ILE A 386 -8.70 -17.34 -15.57
C ILE A 386 -9.63 -18.53 -15.31
N CYS A 387 -10.22 -18.61 -14.12
CA CYS A 387 -11.19 -19.66 -13.86
C CYS A 387 -12.54 -19.37 -14.50
N SER A 388 -12.92 -18.09 -14.57
CA SER A 388 -14.24 -17.70 -15.00
C SER A 388 -14.29 -17.23 -16.45
N GLN A 389 -13.16 -17.25 -17.16
CA GLN A 389 -13.16 -16.86 -18.55
C GLN A 389 -14.08 -17.76 -19.36
N SER A 390 -14.91 -17.15 -20.21
CA SER A 390 -15.92 -17.84 -21.01
C SER A 390 -16.78 -18.75 -20.14
N ASN A 391 -17.38 -18.16 -19.10
CA ASN A 391 -18.43 -18.78 -18.30
C ASN A 391 -18.03 -20.13 -17.70
N TYR A 392 -16.79 -20.19 -17.21
CA TYR A 392 -16.20 -21.41 -16.63
C TYR A 392 -16.04 -22.49 -17.70
N GLN A 393 -15.48 -22.13 -18.85
CA GLN A 393 -15.34 -23.08 -19.94
C GLN A 393 -14.34 -24.19 -19.62
N TYR A 394 -13.20 -23.84 -19.01
CA TYR A 394 -12.08 -24.76 -18.89
C TYR A 394 -12.01 -25.44 -17.53
N ILE A 395 -13.10 -25.48 -16.77
CA ILE A 395 -13.14 -26.18 -15.49
C ILE A 395 -14.10 -27.35 -15.61
N THR A 396 -13.65 -28.53 -15.17
CA THR A 396 -14.47 -29.73 -15.20
C THR A 396 -14.87 -30.24 -13.83
N ASN A 397 -13.99 -30.13 -12.83
CA ASN A 397 -14.27 -30.59 -11.47
C ASN A 397 -14.66 -29.36 -10.66
N PHE A 398 -15.96 -29.05 -10.66
CA PHE A 398 -16.44 -27.84 -10.00
C PHE A 398 -16.26 -27.90 -8.48
N GLU A 399 -16.23 -29.10 -7.91
CA GLU A 399 -16.00 -29.22 -6.48
C GLU A 399 -14.66 -28.61 -6.10
N TRP A 400 -13.63 -28.87 -6.91
CA TRP A 400 -12.35 -28.22 -6.71
C TRP A 400 -12.48 -26.70 -6.80
N TYR A 401 -13.36 -26.22 -7.69
CA TYR A 401 -13.50 -24.77 -7.84
C TYR A 401 -14.11 -24.14 -6.61
N ILE A 402 -15.13 -24.79 -6.03
CA ILE A 402 -15.68 -24.29 -4.77
C ILE A 402 -14.63 -24.37 -3.67
N SER A 403 -13.81 -25.44 -3.70
CA SER A 403 -12.76 -25.57 -2.70
C SER A 403 -11.77 -24.42 -2.79
N ILE A 404 -11.38 -24.04 -4.00
CA ILE A 404 -10.44 -22.93 -4.14
C ILE A 404 -11.10 -21.60 -3.80
N LEU A 405 -12.42 -21.46 -4.05
CA LEU A 405 -13.12 -20.27 -3.58
C LEU A 405 -13.07 -20.16 -2.06
N VAL A 406 -13.31 -21.28 -1.37
CA VAL A 406 -13.23 -21.27 0.09
C VAL A 406 -11.80 -20.98 0.55
N GLU A 407 -10.81 -21.48 -0.20
CA GLU A 407 -9.42 -21.17 0.11
C GLU A 407 -9.14 -19.68 -0.02
N LEU A 408 -9.70 -19.04 -1.05
CA LEU A 408 -9.60 -17.59 -1.19
C LEU A 408 -10.29 -16.87 -0.04
N THR A 409 -11.37 -17.43 0.49
CA THR A 409 -12.03 -16.82 1.65
C THR A 409 -11.08 -16.67 2.83
N ARG A 410 -10.03 -17.50 2.90
CA ARG A 410 -9.03 -17.34 3.95
C ARG A 410 -8.26 -16.04 3.82
N LEU A 411 -8.23 -15.44 2.63
CA LEU A 411 -7.44 -14.25 2.39
C LEU A 411 -8.08 -13.04 3.05
N GLU A 412 -8.02 -12.98 4.37
CA GLU A 412 -8.63 -11.88 5.11
C GLU A 412 -7.95 -10.57 4.74
N GLY A 413 -8.76 -9.53 4.55
CA GLY A 413 -8.28 -8.23 4.11
C GLY A 413 -8.44 -7.95 2.64
N THR A 414 -9.00 -8.88 1.88
CA THR A 414 -9.21 -8.66 0.45
C THR A 414 -10.25 -7.56 0.23
N ARG A 415 -10.02 -6.76 -0.81
CA ARG A 415 -11.00 -5.76 -1.23
C ARG A 415 -11.95 -6.29 -2.30
N HIS A 416 -11.76 -7.53 -2.74
CA HIS A 416 -12.60 -8.14 -3.77
C HIS A 416 -13.55 -9.18 -3.20
N GLY A 417 -13.97 -9.03 -1.94
CA GLY A 417 -14.85 -10.01 -1.34
C GLY A 417 -16.15 -10.16 -2.10
N HIS A 418 -16.68 -9.06 -2.61
CA HIS A 418 -17.90 -9.13 -3.41
C HIS A 418 -17.73 -9.97 -4.66
N LEU A 419 -16.55 -9.91 -5.30
CA LEU A 419 -16.31 -10.74 -6.47
C LEU A 419 -16.33 -12.22 -6.09
N ILE A 420 -15.73 -12.56 -4.94
CA ILE A 420 -15.74 -13.95 -4.48
C ILE A 420 -17.17 -14.40 -4.21
N ALA A 421 -17.96 -13.55 -3.55
CA ALA A 421 -19.34 -13.90 -3.25
C ALA A 421 -20.16 -14.08 -4.52
N ALA A 422 -19.97 -13.19 -5.51
CA ALA A 422 -20.68 -13.32 -6.77
C ALA A 422 -20.28 -14.60 -7.48
N GLN A 423 -19.00 -14.96 -7.43
CA GLN A 423 -18.56 -16.21 -8.03
C GLN A 423 -19.20 -17.41 -7.35
N MET A 424 -19.24 -17.42 -6.01
CA MET A 424 -19.85 -18.54 -5.30
C MET A 424 -21.33 -18.65 -5.64
N LEU A 425 -22.04 -17.53 -5.66
CA LEU A 425 -23.45 -17.55 -6.03
C LEU A 425 -23.65 -18.05 -7.45
N ASP A 426 -22.84 -17.55 -8.40
CA ASP A 426 -23.02 -17.92 -9.79
C ASP A 426 -22.75 -19.41 -10.01
N VAL A 427 -21.67 -19.91 -9.42
CA VAL A 427 -21.35 -21.33 -9.60
C VAL A 427 -22.36 -22.21 -8.85
N ALA A 428 -22.94 -21.70 -7.76
CA ALA A 428 -23.93 -22.50 -7.02
C ALA A 428 -25.25 -22.61 -7.79
N ILE A 429 -25.75 -21.49 -8.30
CA ILE A 429 -27.03 -21.53 -9.00
C ILE A 429 -26.88 -22.15 -10.38
N ARG A 430 -25.79 -21.85 -11.09
CA ARG A 430 -25.69 -22.25 -12.50
C ARG A 430 -25.60 -23.77 -12.64
N VAL A 431 -24.85 -24.44 -11.77
CA VAL A 431 -24.59 -25.87 -11.91
C VAL A 431 -25.22 -26.56 -10.69
N LYS A 432 -26.01 -27.60 -10.96
CA LYS A 432 -26.86 -28.17 -9.91
C LYS A 432 -26.16 -29.29 -9.14
N ALA A 433 -25.37 -30.12 -9.83
CA ALA A 433 -24.80 -31.31 -9.20
C ALA A 433 -23.78 -30.98 -8.12
N ILE A 434 -23.35 -29.73 -8.03
CA ILE A 434 -22.36 -29.27 -7.06
C ILE A 434 -23.00 -28.44 -5.96
N ARG A 435 -24.33 -28.29 -5.99
CA ARG A 435 -25.01 -27.52 -4.96
C ARG A 435 -24.82 -28.15 -3.58
N LYS A 436 -24.78 -29.48 -3.51
CA LYS A 436 -24.60 -30.14 -2.23
C LYS A 436 -23.26 -29.76 -1.60
N PHE A 437 -22.19 -29.81 -2.38
CA PHE A 437 -20.88 -29.46 -1.85
C PHE A 437 -20.80 -27.97 -1.52
N ALA A 438 -21.42 -27.13 -2.35
CA ALA A 438 -21.44 -25.69 -2.07
C ALA A 438 -22.14 -25.42 -0.74
N VAL A 439 -23.29 -26.04 -0.53
CA VAL A 439 -24.04 -25.88 0.70
C VAL A 439 -23.23 -26.37 1.88
N SER A 440 -22.58 -27.53 1.74
CA SER A 440 -21.79 -28.08 2.84
C SER A 440 -20.66 -27.13 3.23
N GLN A 441 -19.88 -26.67 2.25
CA GLN A 441 -18.78 -25.75 2.54
C GLN A 441 -19.27 -24.46 3.16
N MET A 442 -20.35 -23.90 2.60
CA MET A 442 -20.81 -22.58 3.09
C MET A 442 -21.37 -22.73 4.52
N SER A 443 -22.12 -23.80 4.78
CA SER A 443 -22.62 -24.01 6.14
C SER A 443 -21.46 -24.24 7.10
N ALA A 444 -20.39 -24.89 6.65
CA ALA A 444 -19.21 -25.03 7.50
C ALA A 444 -18.62 -23.66 7.81
N LEU A 445 -18.58 -22.76 6.82
CA LEU A 445 -18.08 -21.42 7.08
C LEU A 445 -19.02 -20.64 8.00
N LEU A 446 -20.33 -20.83 7.84
CA LEU A 446 -21.29 -20.18 8.74
C LEU A 446 -21.12 -20.64 10.17
N ASP A 447 -20.85 -21.92 10.38
CA ASP A 447 -20.55 -22.40 11.73
C ASP A 447 -19.32 -21.71 12.30
N SER A 448 -18.43 -21.25 11.43
CA SER A 448 -17.26 -20.48 11.82
C SER A 448 -17.44 -18.99 11.57
N ALA A 449 -18.68 -18.53 11.37
CA ALA A 449 -18.94 -17.11 11.16
C ALA A 449 -18.55 -16.28 12.36
N HIS A 450 -18.44 -16.89 13.54
CA HIS A 450 -17.87 -16.19 14.69
C HIS A 450 -16.40 -15.84 14.48
N LEU A 451 -15.71 -16.55 13.59
CA LEU A 451 -14.35 -16.20 13.19
C LEU A 451 -14.33 -15.26 12.00
N LEU A 452 -15.23 -15.47 11.03
CA LEU A 452 -15.31 -14.59 9.87
C LEU A 452 -15.89 -13.24 10.20
N ALA A 453 -16.45 -13.06 11.40
CA ALA A 453 -17.02 -11.78 11.79
C ALA A 453 -15.95 -10.77 12.18
N SER A 454 -14.68 -11.19 12.24
CA SER A 454 -13.60 -10.28 12.61
C SER A 454 -13.38 -9.18 11.58
N SER A 455 -13.84 -9.38 10.35
CA SER A 455 -13.67 -8.42 9.27
C SER A 455 -15.05 -7.91 8.84
N THR A 456 -15.47 -6.79 9.42
CA THR A 456 -16.76 -6.17 9.11
C THR A 456 -16.66 -5.09 8.06
N GLN A 457 -15.48 -4.87 7.47
CA GLN A 457 -15.32 -3.84 6.45
C GLN A 457 -16.09 -4.20 5.20
N ARG A 458 -16.54 -3.19 4.46
CA ARG A 458 -17.27 -3.42 3.23
C ARG A 458 -16.41 -4.07 2.17
N ASN A 459 -17.05 -4.87 1.30
CA ASN A 459 -16.40 -5.68 0.28
C ASN A 459 -15.41 -6.67 0.87
N GLY A 460 -15.56 -7.02 2.15
CA GLY A 460 -14.68 -7.92 2.85
C GLY A 460 -15.28 -9.30 2.99
N ILE A 461 -15.01 -9.91 4.15
CA ILE A 461 -15.48 -11.28 4.40
C ILE A 461 -17.00 -11.30 4.57
N CYS A 462 -17.58 -10.17 4.94
CA CYS A 462 -19.04 -10.12 5.12
C CYS A 462 -19.79 -10.44 3.84
N GLU A 463 -19.25 -10.10 2.68
CA GLU A 463 -19.91 -10.50 1.44
C GLU A 463 -19.82 -12.01 1.23
N VAL A 464 -18.71 -12.62 1.65
CA VAL A 464 -18.63 -14.07 1.67
C VAL A 464 -19.72 -14.65 2.56
N LEU A 465 -19.94 -14.02 3.71
CA LEU A 465 -21.02 -14.47 4.60
C LEU A 465 -22.38 -14.31 3.94
N TYR A 466 -22.56 -13.23 3.19
CA TYR A 466 -23.80 -13.04 2.42
C TYR A 466 -24.02 -14.17 1.43
N ALA A 467 -22.96 -14.54 0.70
CA ALA A 467 -23.07 -15.66 -0.24
C ALA A 467 -23.41 -16.95 0.48
N ALA A 468 -22.75 -17.20 1.62
CA ALA A 468 -23.05 -18.38 2.42
C ALA A 468 -24.51 -18.41 2.82
N ALA A 469 -25.01 -17.30 3.36
CA ALA A 469 -26.39 -17.24 3.82
C ALA A 469 -27.36 -17.49 2.67
N TRP A 470 -27.12 -16.86 1.52
CA TRP A 470 -28.04 -17.03 0.41
C TRP A 470 -28.07 -18.48 -0.05
N ILE A 471 -26.90 -19.09 -0.26
CA ILE A 471 -26.92 -20.42 -0.86
C ILE A 471 -27.25 -21.50 0.16
N CYS A 472 -27.18 -21.21 1.46
CA CYS A 472 -27.66 -22.20 2.42
C CYS A 472 -29.18 -22.09 2.58
N GLY A 473 -29.69 -20.86 2.67
CA GLY A 473 -31.12 -20.69 2.81
C GLY A 473 -31.89 -21.17 1.59
N GLU A 474 -31.44 -20.77 0.40
CA GLU A 474 -32.17 -21.13 -0.81
C GLU A 474 -32.07 -22.61 -1.10
N PHE A 475 -30.92 -23.22 -0.82
CA PHE A 475 -30.67 -24.63 -1.10
C PHE A 475 -30.61 -25.44 0.18
N SER A 476 -31.51 -25.14 1.13
CA SER A 476 -31.49 -25.80 2.42
C SER A 476 -31.83 -27.28 2.34
N GLU A 477 -32.47 -27.72 1.25
CA GLU A 477 -32.83 -29.13 1.12
C GLU A 477 -31.62 -30.04 1.18
N HIS A 478 -30.44 -29.55 0.81
CA HIS A 478 -29.22 -30.33 0.83
C HIS A 478 -28.44 -30.17 2.12
N LEU A 479 -28.92 -29.34 3.05
CA LEU A 479 -28.26 -29.20 4.34
C LEU A 479 -28.43 -30.48 5.16
N GLN A 480 -27.42 -30.77 5.99
CA GLN A 480 -27.45 -31.91 6.87
C GLN A 480 -27.82 -31.56 8.31
N GLU A 481 -27.58 -30.32 8.73
CA GLU A 481 -27.96 -29.89 10.07
C GLU A 481 -28.71 -28.55 10.00
N PRO A 482 -29.91 -28.53 9.38
CA PRO A 482 -30.61 -27.25 9.24
C PRO A 482 -30.90 -26.57 10.56
N HIS A 483 -31.23 -27.33 11.60
CA HIS A 483 -31.44 -26.74 12.91
C HIS A 483 -30.15 -26.10 13.42
N HIS A 484 -29.02 -26.81 13.29
CA HIS A 484 -27.75 -26.26 13.72
C HIS A 484 -27.38 -25.02 12.92
N THR A 485 -27.61 -25.05 11.60
CA THR A 485 -27.19 -23.93 10.77
C THR A 485 -28.05 -22.70 11.04
N LEU A 486 -29.35 -22.89 11.33
CA LEU A 486 -30.17 -21.73 11.66
C LEU A 486 -29.86 -21.21 13.05
N GLU A 487 -29.52 -22.09 13.99
CA GLU A 487 -29.07 -21.62 15.30
C GLU A 487 -27.78 -20.82 15.17
N ALA A 488 -26.86 -21.27 14.31
CA ALA A 488 -25.62 -20.54 14.09
C ALA A 488 -25.88 -19.20 13.42
N MET A 489 -26.83 -19.16 12.49
CA MET A 489 -27.17 -17.92 11.80
C MET A 489 -27.99 -16.98 12.66
N LEU A 490 -28.58 -17.45 13.76
CA LEU A 490 -29.27 -16.58 14.70
C LEU A 490 -28.43 -16.27 15.93
N ARG A 491 -27.14 -16.58 15.89
CA ARG A 491 -26.27 -16.36 17.03
C ARG A 491 -26.08 -14.86 17.28
N PRO A 492 -25.94 -14.45 18.55
CA PRO A 492 -25.73 -13.01 18.83
C PRO A 492 -24.47 -12.44 18.22
N ARG A 493 -23.51 -13.26 17.82
CA ARG A 493 -22.30 -12.74 17.19
C ARG A 493 -22.61 -12.10 15.84
N VAL A 494 -23.76 -12.44 15.25
CA VAL A 494 -24.15 -11.88 13.97
C VAL A 494 -24.46 -10.39 14.10
N THR A 495 -24.87 -9.95 15.29
CA THR A 495 -25.42 -8.62 15.50
C THR A 495 -24.43 -7.48 15.25
N THR A 496 -23.20 -7.79 14.81
CA THR A 496 -22.21 -6.74 14.53
C THR A 496 -21.82 -6.68 13.06
N LEU A 497 -22.63 -7.25 12.17
CA LEU A 497 -22.34 -7.22 10.75
C LEU A 497 -23.08 -6.07 10.06
N PRO A 498 -22.59 -5.62 8.91
CA PRO A 498 -23.26 -4.51 8.22
C PRO A 498 -24.68 -4.87 7.78
N GLY A 499 -25.43 -3.85 7.40
CA GLY A 499 -26.86 -3.94 7.19
C GLY A 499 -27.36 -5.08 6.33
N HIS A 500 -27.04 -5.05 5.03
CA HIS A 500 -27.59 -6.05 4.12
C HIS A 500 -27.16 -7.47 4.46
N ILE A 501 -25.99 -7.66 5.09
CA ILE A 501 -25.60 -8.99 5.52
C ILE A 501 -26.59 -9.53 6.54
N GLN A 502 -26.90 -8.73 7.57
CA GLN A 502 -27.89 -9.15 8.56
C GLN A 502 -29.26 -9.32 7.93
N ALA A 503 -29.58 -8.45 6.97
CA ALA A 503 -30.89 -8.51 6.32
C ALA A 503 -31.09 -9.83 5.58
N VAL A 504 -30.11 -10.20 4.74
CA VAL A 504 -30.22 -11.46 4.03
C VAL A 504 -30.09 -12.63 5.00
N TYR A 505 -29.34 -12.44 6.09
CA TYR A 505 -29.24 -13.47 7.12
C TYR A 505 -30.62 -13.81 7.65
N VAL A 506 -31.39 -12.79 8.01
CA VAL A 506 -32.73 -13.00 8.56
C VAL A 506 -33.66 -13.56 7.49
N GLN A 507 -33.58 -13.02 6.28
CA GLN A 507 -34.47 -13.45 5.22
C GLN A 507 -34.23 -14.90 4.83
N ASN A 508 -33.04 -15.43 5.09
CA ASN A 508 -32.81 -16.86 4.87
C ASN A 508 -32.99 -17.69 6.13
N VAL A 509 -32.88 -17.08 7.31
CA VAL A 509 -33.25 -17.77 8.54
C VAL A 509 -34.71 -18.17 8.49
N VAL A 510 -35.56 -17.27 8.00
CA VAL A 510 -36.97 -17.63 7.84
C VAL A 510 -37.16 -18.72 6.79
N LYS A 511 -36.31 -18.76 5.76
CA LYS A 511 -36.38 -19.86 4.78
C LYS A 511 -36.03 -21.19 5.43
N LEU A 512 -34.99 -21.21 6.25
CA LEU A 512 -34.67 -22.42 7.01
C LEU A 512 -35.81 -22.79 7.93
N TYR A 513 -36.48 -21.79 8.51
CA TYR A 513 -37.62 -22.09 9.35
C TYR A 513 -38.71 -22.80 8.56
N ALA A 514 -38.96 -22.31 7.34
CA ALA A 514 -39.93 -22.97 6.47
C ALA A 514 -39.54 -24.41 6.20
N SER A 515 -38.27 -24.64 5.86
CA SER A 515 -37.82 -25.98 5.52
C SER A 515 -37.91 -26.92 6.72
N ILE A 516 -37.40 -26.48 7.88
CA ILE A 516 -37.39 -27.35 9.05
C ILE A 516 -38.80 -27.58 9.58
N LEU A 517 -39.66 -26.57 9.50
CA LEU A 517 -41.06 -26.76 9.89
C LEU A 517 -41.75 -27.74 8.96
N GLN A 518 -41.45 -27.67 7.65
CA GLN A 518 -41.98 -28.66 6.72
C GLN A 518 -41.51 -30.06 7.10
N GLN A 519 -40.23 -30.22 7.42
CA GLN A 519 -39.72 -31.53 7.78
C GLN A 519 -40.38 -32.06 9.05
N LYS A 520 -40.51 -31.22 10.08
CA LYS A 520 -41.05 -31.68 11.35
C LYS A 520 -42.55 -31.94 11.27
N GLU A 521 -43.29 -31.12 10.53
CA GLU A 521 -44.72 -31.33 10.39
C GLU A 521 -45.00 -32.54 9.51
N GLN A 522 -44.19 -32.78 8.48
CA GLN A 522 -44.39 -33.95 7.64
C GLN A 522 -44.21 -35.23 8.43
N ALA A 523 -43.24 -35.26 9.34
CA ALA A 523 -43.05 -36.41 10.22
C ALA A 523 -43.97 -36.38 11.43
N GLY A 524 -44.69 -35.30 11.65
CA GLY A 524 -45.62 -35.21 12.77
C GLY A 524 -45.02 -34.78 14.08
N GLU A 525 -43.78 -34.28 14.09
CA GLU A 525 -43.13 -33.85 15.33
C GLU A 525 -43.60 -32.44 15.69
N ALA A 526 -44.77 -32.39 16.31
CA ALA A 526 -45.35 -31.10 16.70
C ALA A 526 -44.50 -30.41 17.77
N GLU A 527 -43.97 -31.18 18.72
CA GLU A 527 -43.17 -30.59 19.79
C GLU A 527 -41.90 -29.94 19.23
N GLY A 528 -41.25 -30.60 18.26
CA GLY A 528 -40.08 -30.00 17.64
C GLY A 528 -40.40 -28.72 16.89
N ALA A 529 -41.53 -28.69 16.18
CA ALA A 529 -41.94 -27.48 15.49
C ALA A 529 -42.20 -26.35 16.48
N GLN A 530 -42.87 -26.65 17.59
CA GLN A 530 -43.09 -25.64 18.62
C GLN A 530 -41.77 -25.16 19.20
N ALA A 531 -40.83 -26.07 19.42
CA ALA A 531 -39.53 -25.68 19.95
C ALA A 531 -38.79 -24.75 19.00
N VAL A 532 -38.81 -25.05 17.71
CA VAL A 532 -38.13 -24.20 16.73
C VAL A 532 -38.80 -22.83 16.67
N THR A 533 -40.13 -22.81 16.67
CA THR A 533 -40.84 -21.53 16.61
C THR A 533 -40.54 -20.69 17.83
N GLN A 534 -40.56 -21.29 19.03
CA GLN A 534 -40.27 -20.53 20.24
C GLN A 534 -38.81 -20.09 20.27
N LEU A 535 -37.91 -20.88 19.68
CA LEU A 535 -36.53 -20.45 19.56
C LEU A 535 -36.41 -19.19 18.72
N MET A 536 -37.12 -19.14 17.58
CA MET A 536 -37.01 -17.99 16.71
C MET A 536 -37.69 -16.76 17.30
N VAL A 537 -38.84 -16.95 17.96
CA VAL A 537 -39.48 -15.84 18.64
C VAL A 537 -38.59 -15.28 19.74
N ASP A 538 -37.68 -16.09 20.29
CA ASP A 538 -36.76 -15.63 21.31
C ASP A 538 -35.45 -15.10 20.74
N ARG A 539 -35.32 -15.04 19.41
CA ARG A 539 -34.05 -14.65 18.81
C ARG A 539 -34.22 -13.45 17.88
N LEU A 540 -35.34 -13.42 17.13
CA LEU A 540 -35.60 -12.30 16.23
C LEU A 540 -35.65 -10.93 16.93
N PRO A 541 -36.21 -10.78 18.14
CA PRO A 541 -36.17 -9.47 18.80
C PRO A 541 -34.78 -8.91 18.93
N GLN A 542 -33.76 -9.76 19.08
CA GLN A 542 -32.38 -9.29 19.10
C GLN A 542 -32.01 -8.52 17.84
N PHE A 543 -32.63 -8.85 16.71
CA PHE A 543 -32.41 -8.14 15.45
C PHE A 543 -33.42 -7.03 15.20
N VAL A 544 -34.62 -7.14 15.77
CA VAL A 544 -35.61 -6.07 15.61
C VAL A 544 -35.09 -4.78 16.21
N GLN A 545 -34.37 -4.88 17.33
CA GLN A 545 -33.89 -3.68 18.02
C GLN A 545 -32.76 -2.98 17.26
N SER A 546 -32.24 -3.59 16.20
CA SER A 546 -31.14 -2.99 15.45
C SER A 546 -31.57 -1.66 14.83
N ALA A 547 -30.63 -0.72 14.77
CA ALA A 547 -30.93 0.63 14.31
C ALA A 547 -30.87 0.79 12.80
N ASP A 548 -30.21 -0.13 12.09
CA ASP A 548 -30.14 -0.02 10.63
C ASP A 548 -31.50 -0.35 10.01
N LEU A 549 -31.80 0.33 8.90
CA LEU A 549 -33.17 0.40 8.40
C LEU A 549 -33.71 -0.98 8.00
N GLU A 550 -33.10 -1.58 6.98
CA GLU A 550 -33.73 -2.72 6.33
C GLU A 550 -33.69 -3.97 7.20
N VAL A 551 -32.59 -4.17 7.94
CA VAL A 551 -32.52 -5.30 8.85
C VAL A 551 -33.61 -5.19 9.90
N GLN A 552 -33.82 -3.98 10.44
CA GLN A 552 -34.88 -3.78 11.41
C GLN A 552 -36.25 -4.05 10.82
N GLU A 553 -36.50 -3.55 9.61
CA GLU A 553 -37.80 -3.78 8.97
C GLU A 553 -38.05 -5.26 8.79
N ARG A 554 -37.07 -5.98 8.24
CA ARG A 554 -37.17 -7.42 8.00
C ARG A 554 -37.39 -8.17 9.30
N ALA A 555 -36.58 -7.88 10.31
CA ALA A 555 -36.70 -8.58 11.58
C ALA A 555 -38.06 -8.32 12.22
N SER A 556 -38.54 -7.08 12.18
CA SER A 556 -39.81 -6.77 12.81
C SER A 556 -40.96 -7.47 12.10
N CYS A 557 -41.04 -7.36 10.77
CA CYS A 557 -42.15 -7.99 10.08
C CYS A 557 -42.09 -9.51 10.21
N ILE A 558 -40.90 -10.10 10.10
CA ILE A 558 -40.76 -11.55 10.18
C ILE A 558 -41.07 -12.04 11.60
N LEU A 559 -40.65 -11.27 12.62
CA LEU A 559 -40.96 -11.65 14.00
C LEU A 559 -42.46 -11.59 14.26
N GLN A 560 -43.12 -10.54 13.78
CA GLN A 560 -44.56 -10.45 13.93
C GLN A 560 -45.23 -11.64 13.23
N LEU A 561 -44.72 -11.99 12.05
CA LEU A 561 -45.24 -13.12 11.30
C LEU A 561 -45.03 -14.43 12.05
N VAL A 562 -43.86 -14.62 12.66
CA VAL A 562 -43.57 -15.87 13.37
C VAL A 562 -44.43 -15.96 14.63
N LYS A 563 -44.68 -14.84 15.29
CA LYS A 563 -45.63 -14.84 16.40
C LYS A 563 -47.01 -15.26 15.93
N HIS A 564 -47.44 -14.76 14.78
CA HIS A 564 -48.74 -15.15 14.25
C HIS A 564 -48.77 -16.62 13.85
N ILE A 565 -47.66 -17.12 13.31
CA ILE A 565 -47.56 -18.55 12.99
C ILE A 565 -47.67 -19.39 14.25
N GLN A 566 -47.03 -18.95 15.33
CA GLN A 566 -47.15 -19.64 16.61
C GLN A 566 -48.59 -19.61 17.11
N LYS A 567 -49.28 -18.48 16.90
CA LYS A 567 -50.69 -18.41 17.26
C LYS A 567 -51.52 -19.42 16.47
N LEU A 568 -51.26 -19.55 15.17
CA LEU A 568 -51.97 -20.55 14.38
C LEU A 568 -51.62 -21.97 14.83
N GLN A 569 -50.35 -22.21 15.16
CA GLN A 569 -49.94 -23.53 15.62
C GLN A 569 -50.63 -23.91 16.93
N ALA A 570 -50.86 -22.92 17.79
CA ALA A 570 -51.64 -23.17 19.00
C ALA A 570 -53.07 -23.58 18.65
N LYS A 571 -53.52 -23.26 17.44
CA LYS A 571 -54.85 -23.62 16.96
C LYS A 571 -54.83 -24.86 16.08
N ASP A 572 -53.73 -25.59 16.03
CA ASP A 572 -53.60 -26.81 15.22
C ASP A 572 -53.82 -26.50 13.74
N VAL A 573 -52.93 -25.70 13.16
CA VAL A 573 -53.04 -25.30 11.76
C VAL A 573 -51.83 -25.84 10.99
N PRO A 574 -52.03 -26.50 9.84
CA PRO A 574 -50.89 -26.93 9.02
C PRO A 574 -50.23 -25.76 8.33
N VAL A 575 -49.50 -24.95 9.09
CA VAL A 575 -48.94 -23.70 8.58
C VAL A 575 -47.67 -23.96 7.78
N ALA A 576 -47.10 -25.17 7.87
CA ALA A 576 -45.83 -25.45 7.23
C ALA A 576 -45.90 -25.27 5.71
N GLU A 577 -46.98 -25.74 5.08
CA GLU A 577 -47.09 -25.62 3.63
C GLU A 577 -47.11 -24.15 3.20
N GLU A 578 -47.83 -23.30 3.92
CA GLU A 578 -47.92 -21.90 3.54
C GLU A 578 -46.61 -21.16 3.82
N VAL A 579 -45.95 -21.47 4.93
CA VAL A 579 -44.65 -20.85 5.20
C VAL A 579 -43.65 -21.26 4.13
N SER A 580 -43.69 -22.51 3.68
CA SER A 580 -42.83 -22.93 2.58
C SER A 580 -43.20 -22.21 1.28
N ALA A 581 -44.50 -22.04 1.02
CA ALA A 581 -44.94 -21.37 -0.20
C ALA A 581 -44.49 -19.92 -0.20
N LEU A 582 -44.34 -19.31 0.98
CA LEU A 582 -43.79 -17.96 1.05
C LEU A 582 -42.43 -17.86 0.38
N PHE A 583 -41.66 -18.94 0.38
CA PHE A 583 -40.32 -18.96 -0.21
C PHE A 583 -40.15 -20.08 -1.23
N ALA A 584 -41.21 -20.49 -1.90
CA ALA A 584 -41.11 -21.55 -2.91
C ALA A 584 -40.91 -20.96 -4.30
N LEU B 8 30.48 -5.46 -2.62
CA LEU B 8 30.97 -5.06 -1.30
C LEU B 8 31.63 -6.22 -0.58
N LYS B 9 31.52 -7.41 -1.15
CA LYS B 9 32.09 -8.59 -0.50
C LYS B 9 33.59 -8.47 -0.35
N GLN B 10 34.29 -8.20 -1.45
CA GLN B 10 35.74 -8.02 -1.39
C GLN B 10 36.12 -6.88 -0.46
N MET B 11 35.25 -5.86 -0.36
CA MET B 11 35.53 -4.73 0.52
C MET B 11 35.57 -5.17 1.98
N LEU B 12 34.69 -6.10 2.38
CA LEU B 12 34.75 -6.63 3.73
C LEU B 12 35.89 -7.64 3.89
N GLU B 13 36.16 -8.44 2.86
CA GLU B 13 37.23 -9.43 2.99
C GLU B 13 38.59 -8.78 3.16
N SER B 14 38.69 -7.48 2.89
CA SER B 14 39.94 -6.76 3.11
C SER B 14 40.30 -6.75 4.59
N ASN B 15 41.61 -6.81 4.86
CA ASN B 15 42.10 -6.77 6.23
C ASN B 15 41.92 -5.39 6.86
N LYS B 16 41.61 -4.37 6.08
CA LYS B 16 41.46 -3.01 6.58
C LYS B 16 40.14 -2.92 7.35
N ASP B 17 40.24 -2.60 8.64
CA ASP B 17 39.05 -2.56 9.49
C ASP B 17 38.13 -1.38 9.13
N SER B 18 38.72 -0.26 8.71
CA SER B 18 37.91 0.89 8.30
C SER B 18 37.08 0.56 7.07
N ALA B 19 37.66 -0.19 6.12
CA ALA B 19 36.90 -0.63 4.96
C ALA B 19 35.73 -1.50 5.38
N LYS B 20 35.95 -2.41 6.32
CA LYS B 20 34.87 -3.24 6.85
C LYS B 20 33.80 -2.38 7.51
N LEU B 21 34.22 -1.36 8.27
CA LEU B 21 33.26 -0.48 8.94
C LEU B 21 32.40 0.26 7.93
N ASP B 22 33.03 0.79 6.89
CA ASP B 22 32.28 1.50 5.85
C ASP B 22 31.31 0.57 5.14
N ALA B 23 31.76 -0.65 4.82
CA ALA B 23 30.88 -1.60 4.16
C ALA B 23 29.69 -1.96 5.04
N MET B 24 29.93 -2.18 6.32
CA MET B 24 28.84 -2.53 7.23
C MET B 24 27.87 -1.37 7.40
N LYS B 25 28.39 -0.13 7.42
CA LYS B 25 27.48 1.02 7.47
C LYS B 25 26.63 1.10 6.22
N ARG B 26 27.22 0.86 5.05
CA ARG B 26 26.44 0.84 3.81
C ARG B 26 25.40 -0.27 3.83
N ILE B 27 25.77 -1.45 4.36
CA ILE B 27 24.84 -2.57 4.43
C ILE B 27 23.68 -2.24 5.37
N VAL B 28 23.97 -1.61 6.50
CA VAL B 28 22.91 -1.19 7.41
C VAL B 28 21.99 -0.17 6.72
N GLY B 29 22.58 0.74 5.95
CA GLY B 29 21.78 1.69 5.21
C GLY B 29 20.83 1.02 4.22
N MET B 30 21.33 0.05 3.45
CA MET B 30 20.47 -0.60 2.49
C MET B 30 19.46 -1.52 3.16
N ILE B 31 19.79 -2.01 4.36
CA ILE B 31 18.80 -2.72 5.17
C ILE B 31 17.67 -1.76 5.55
N ALA B 32 18.02 -0.56 6.01
CA ALA B 32 17.01 0.44 6.32
C ALA B 32 16.19 0.79 5.09
N LYS B 33 16.79 0.72 3.90
CA LYS B 33 16.01 0.84 2.67
C LYS B 33 15.10 -0.36 2.47
N GLY B 34 15.44 -1.51 3.03
CA GLY B 34 14.62 -2.69 2.88
C GLY B 34 15.04 -3.65 1.79
N LYS B 35 16.22 -3.47 1.21
CA LYS B 35 16.69 -4.36 0.16
C LYS B 35 17.27 -5.64 0.75
N ASN B 36 17.49 -6.63 -0.12
CA ASN B 36 17.93 -7.95 0.30
C ASN B 36 19.46 -7.97 0.41
N ALA B 37 19.95 -8.18 1.63
CA ALA B 37 21.37 -8.38 1.87
C ALA B 37 21.69 -9.80 2.34
N SER B 38 20.76 -10.74 2.19
CA SER B 38 21.00 -12.11 2.62
C SER B 38 22.10 -12.77 1.82
N GLU B 39 22.30 -12.35 0.57
CA GLU B 39 23.38 -12.91 -0.25
C GLU B 39 24.75 -12.58 0.31
N LEU B 40 24.87 -11.50 1.08
CA LEU B 40 26.15 -11.03 1.59
C LEU B 40 26.47 -11.60 2.97
N PHE B 41 25.58 -12.40 3.54
CA PHE B 41 25.80 -13.03 4.84
C PHE B 41 27.14 -13.76 4.96
N PRO B 42 27.60 -14.54 3.98
CA PRO B 42 28.88 -15.25 4.14
C PRO B 42 30.06 -14.35 4.45
N ALA B 43 30.06 -13.12 3.93
CA ALA B 43 31.12 -12.17 4.25
C ALA B 43 30.98 -11.59 5.65
N VAL B 44 29.75 -11.31 6.09
CA VAL B 44 29.53 -10.69 7.39
C VAL B 44 29.85 -11.67 8.51
N VAL B 45 29.47 -12.94 8.34
CA VAL B 45 29.66 -13.89 9.44
C VAL B 45 31.15 -14.09 9.72
N LYS B 46 32.01 -13.84 8.74
CA LYS B 46 33.44 -14.06 8.91
C LYS B 46 34.04 -13.18 10.00
N ASN B 47 33.64 -11.92 10.07
CA ASN B 47 34.24 -10.96 10.99
C ASN B 47 33.40 -10.70 12.23
N VAL B 48 32.53 -11.64 12.62
CA VAL B 48 31.77 -11.49 13.86
C VAL B 48 32.68 -11.49 15.07
N ALA B 49 33.85 -12.11 14.98
CA ALA B 49 34.81 -12.17 16.07
C ALA B 49 35.84 -11.05 16.03
N SER B 50 35.56 -9.98 15.28
CA SER B 50 36.51 -8.89 15.17
C SER B 50 36.72 -8.22 16.51
N LYS B 51 37.88 -7.57 16.67
CA LYS B 51 38.25 -6.93 17.93
C LYS B 51 37.77 -5.49 18.04
N ASN B 52 37.22 -4.91 16.97
CA ASN B 52 36.73 -3.54 16.99
C ASN B 52 35.29 -3.58 17.49
N ILE B 53 34.99 -2.76 18.51
CA ILE B 53 33.66 -2.79 19.12
C ILE B 53 32.59 -2.28 18.16
N GLU B 54 32.90 -1.24 17.39
CA GLU B 54 31.90 -0.66 16.49
C GLU B 54 31.54 -1.64 15.38
N ILE B 55 32.55 -2.29 14.80
CA ILE B 55 32.27 -3.29 13.77
C ILE B 55 31.50 -4.47 14.36
N LYS B 56 31.79 -4.82 15.61
CA LYS B 56 31.02 -5.87 16.27
C LYS B 56 29.56 -5.47 16.38
N LYS B 57 29.30 -4.22 16.76
CA LYS B 57 27.92 -3.76 16.91
C LYS B 57 27.17 -3.79 15.59
N LEU B 58 27.79 -3.26 14.53
CA LEU B 58 27.13 -3.27 13.22
C LEU B 58 26.95 -4.70 12.71
N VAL B 59 27.95 -5.56 12.91
CA VAL B 59 27.84 -6.95 12.49
C VAL B 59 26.70 -7.63 13.22
N TYR B 60 26.56 -7.36 14.51
CA TYR B 60 25.50 -8.00 15.28
C TYR B 60 24.13 -7.46 14.88
N VAL B 61 24.06 -6.19 14.48
CA VAL B 61 22.82 -5.67 13.92
C VAL B 61 22.45 -6.45 12.66
N TYR B 62 23.44 -6.66 11.79
CA TYR B 62 23.18 -7.42 10.57
C TYR B 62 22.75 -8.85 10.88
N LEU B 63 23.41 -9.48 11.85
CA LEU B 63 23.07 -10.84 12.23
C LEU B 63 21.66 -10.92 12.83
N VAL B 64 21.28 -9.92 13.63
CA VAL B 64 19.94 -9.88 14.19
C VAL B 64 18.92 -9.73 13.08
N ARG B 65 19.24 -8.94 12.05
CA ARG B 65 18.28 -8.71 10.99
C ARG B 65 18.16 -9.92 10.06
N TYR B 66 19.26 -10.58 9.71
CA TYR B 66 19.25 -11.64 8.71
C TYR B 66 19.57 -13.02 9.28
N ALA B 67 19.42 -13.23 10.59
CA ALA B 67 19.66 -14.55 11.14
C ALA B 67 18.52 -15.50 10.80
N GLU B 68 17.30 -14.98 10.70
CA GLU B 68 16.15 -15.78 10.33
C GLU B 68 16.04 -15.99 8.82
N GLU B 69 16.79 -15.22 8.02
CA GLU B 69 16.75 -15.40 6.58
C GLU B 69 17.73 -16.49 6.14
N GLN B 70 19.01 -16.31 6.45
CA GLN B 70 20.03 -17.32 6.16
C GLN B 70 20.28 -18.16 7.41
N GLN B 71 19.31 -19.04 7.69
CA GLN B 71 19.37 -19.84 8.91
C GLN B 71 20.46 -20.89 8.85
N ASP B 72 20.75 -21.41 7.65
CA ASP B 72 21.70 -22.51 7.54
C ASP B 72 23.14 -22.06 7.80
N LEU B 73 23.52 -20.88 7.28
CA LEU B 73 24.87 -20.39 7.57
C LEU B 73 25.02 -20.03 9.05
N ALA B 74 23.96 -19.52 9.66
CA ALA B 74 23.99 -19.31 11.11
C ALA B 74 24.14 -20.64 11.84
N LEU B 75 23.48 -21.69 11.35
CA LEU B 75 23.67 -23.02 11.89
C LEU B 75 25.14 -23.44 11.77
N LEU B 76 25.79 -23.05 10.68
CA LEU B 76 27.19 -23.40 10.48
C LEU B 76 28.10 -22.73 11.50
N SER B 77 27.65 -21.60 12.06
CA SER B 77 28.47 -20.81 12.97
C SER B 77 27.85 -20.66 14.36
N ILE B 78 27.19 -21.69 14.88
CA ILE B 78 26.59 -21.60 16.22
C ILE B 78 27.67 -21.50 17.30
N SER B 79 28.78 -22.22 17.12
CA SER B 79 29.83 -22.20 18.14
C SER B 79 30.41 -20.81 18.34
N THR B 80 30.43 -19.99 17.29
CA THR B 80 30.89 -18.62 17.44
C THR B 80 29.94 -17.84 18.34
N PHE B 81 28.63 -18.04 18.19
CA PHE B 81 27.68 -17.40 19.09
C PHE B 81 27.83 -17.91 20.51
N GLN B 82 28.13 -19.21 20.66
CA GLN B 82 28.41 -19.76 21.98
C GLN B 82 29.58 -19.05 22.63
N ARG B 83 30.66 -18.84 21.86
CA ARG B 83 31.81 -18.12 22.39
C ARG B 83 31.46 -16.67 22.70
N ALA B 84 30.58 -16.08 21.90
CA ALA B 84 30.18 -14.69 22.11
C ALA B 84 29.34 -14.54 23.36
N LEU B 85 28.62 -15.59 23.77
CA LEU B 85 27.83 -15.54 24.99
C LEU B 85 28.66 -15.20 26.22
N LYS B 86 29.95 -15.49 26.20
CA LYS B 86 30.85 -15.21 27.32
C LYS B 86 31.61 -13.91 27.15
N ASP B 87 31.21 -13.06 26.22
CA ASP B 87 31.94 -11.83 25.95
C ASP B 87 31.92 -10.93 27.17
N PRO B 88 33.04 -10.31 27.54
CA PRO B 88 33.07 -9.49 28.77
C PRO B 88 32.18 -8.26 28.71
N ASN B 89 31.80 -7.78 27.54
CA ASN B 89 30.97 -6.59 27.41
C ASN B 89 29.51 -7.02 27.35
N GLN B 90 28.66 -6.39 28.16
CA GLN B 90 27.29 -6.82 28.37
C GLN B 90 26.46 -6.79 27.09
N LEU B 91 26.62 -5.73 26.30
CA LEU B 91 25.85 -5.61 25.07
C LEU B 91 26.16 -6.77 24.12
N ILE B 92 27.40 -7.24 24.10
CA ILE B 92 27.75 -8.37 23.25
C ILE B 92 27.04 -9.65 23.72
N ARG B 93 26.99 -9.89 25.03
CA ARG B 93 26.26 -11.05 25.52
C ARG B 93 24.79 -10.97 25.16
N ALA B 94 24.19 -9.79 25.35
CA ALA B 94 22.78 -9.63 25.01
C ALA B 94 22.54 -9.86 23.52
N SER B 95 23.41 -9.30 22.67
CA SER B 95 23.25 -9.46 21.23
C SER B 95 23.42 -10.92 20.82
N ALA B 96 24.40 -11.60 21.39
CA ALA B 96 24.62 -13.01 21.04
C ALA B 96 23.43 -13.87 21.45
N LEU B 97 22.90 -13.64 22.65
CA LEU B 97 21.71 -14.36 23.07
C LEU B 97 20.53 -14.04 22.17
N ARG B 98 20.44 -12.79 21.72
CA ARG B 98 19.39 -12.39 20.79
C ARG B 98 19.50 -13.15 19.47
N VAL B 99 20.71 -13.24 18.91
CA VAL B 99 20.90 -13.95 17.65
C VAL B 99 20.59 -15.43 17.82
N LEU B 100 21.02 -16.02 18.94
CA LEU B 100 20.69 -17.41 19.20
C LEU B 100 19.18 -17.62 19.28
N SER B 101 18.49 -16.72 19.97
CA SER B 101 17.04 -16.78 20.05
C SER B 101 16.37 -16.60 18.69
N SER B 102 17.01 -15.87 17.78
CA SER B 102 16.44 -15.64 16.46
C SER B 102 16.40 -16.91 15.60
N ILE B 103 17.19 -17.93 15.93
CA ILE B 103 17.27 -19.14 15.13
C ILE B 103 16.05 -20.01 15.43
N ARG B 104 15.33 -20.40 14.37
CA ARG B 104 14.09 -21.16 14.51
C ARG B 104 14.25 -22.64 14.18
N VAL B 105 15.47 -23.13 14.10
CA VAL B 105 15.70 -24.55 13.82
C VAL B 105 15.27 -25.36 15.03
N PRO B 106 14.51 -26.45 14.86
CA PRO B 106 14.04 -27.22 16.02
C PRO B 106 15.15 -27.91 16.81
N ILE B 107 16.43 -27.71 16.45
CA ILE B 107 17.52 -28.39 17.13
C ILE B 107 18.27 -27.46 18.09
N ILE B 108 18.14 -26.14 17.92
CA ILE B 108 18.93 -25.20 18.71
C ILE B 108 18.46 -25.19 20.17
N VAL B 109 17.33 -25.83 20.44
CA VAL B 109 16.60 -25.70 21.70
C VAL B 109 17.50 -25.86 22.93
N PRO B 110 18.12 -27.01 23.21
CA PRO B 110 18.83 -27.16 24.49
C PRO B 110 19.97 -26.17 24.69
N ILE B 111 20.66 -25.81 23.60
CA ILE B 111 21.68 -24.77 23.68
C ILE B 111 21.05 -23.45 24.10
N MET B 112 19.90 -23.11 23.52
CA MET B 112 19.19 -21.90 23.92
C MET B 112 18.78 -21.97 25.39
N MET B 113 18.36 -23.14 25.87
CA MET B 113 17.97 -23.31 27.26
C MET B 113 19.12 -23.03 28.19
N LEU B 114 20.28 -23.64 27.91
CA LEU B 114 21.46 -23.38 28.74
C LEU B 114 21.88 -21.92 28.67
N ALA B 115 21.76 -21.32 27.49
CA ALA B 115 22.08 -19.91 27.33
C ALA B 115 21.20 -19.05 28.22
N ILE B 116 19.90 -19.31 28.22
CA ILE B 116 18.97 -18.54 29.04
C ILE B 116 19.26 -18.75 30.53
N LYS B 117 19.55 -19.99 30.93
CA LYS B 117 19.87 -20.25 32.33
C LYS B 117 21.08 -19.44 32.77
N GLU B 118 22.16 -19.50 31.98
CA GLU B 118 23.37 -18.76 32.33
C GLU B 118 23.12 -17.26 32.34
N ALA B 119 22.36 -16.76 31.37
CA ALA B 119 22.09 -15.33 31.31
C ALA B 119 21.27 -14.87 32.52
N SER B 120 20.24 -15.63 32.88
CA SER B 120 19.41 -15.27 34.02
C SER B 120 20.19 -15.35 35.33
N ALA B 121 21.18 -16.24 35.41
CA ALA B 121 22.00 -16.27 36.61
C ALA B 121 23.11 -15.23 36.61
N ASP B 122 23.39 -14.60 35.47
CA ASP B 122 24.54 -13.69 35.39
C ASP B 122 24.16 -12.34 35.99
N LEU B 123 25.15 -11.61 36.51
CA LEU B 123 24.87 -10.51 37.43
C LEU B 123 24.34 -9.26 36.73
N SER B 124 24.70 -9.05 35.47
CA SER B 124 24.35 -7.79 34.80
C SER B 124 22.85 -7.71 34.54
N PRO B 125 22.16 -6.66 35.00
CA PRO B 125 20.71 -6.60 34.81
C PRO B 125 20.27 -6.55 33.36
N TYR B 126 21.10 -5.95 32.49
CA TYR B 126 20.71 -5.79 31.09
C TYR B 126 20.56 -7.14 30.41
N VAL B 127 21.53 -8.03 30.61
CA VAL B 127 21.41 -9.36 30.04
C VAL B 127 20.31 -10.14 30.73
N ARG B 128 19.95 -9.77 31.96
CA ARG B 128 18.81 -10.43 32.59
C ARG B 128 17.50 -10.08 31.90
N LYS B 129 17.28 -8.80 31.59
CA LYS B 129 16.06 -8.46 30.86
C LYS B 129 16.09 -9.03 29.45
N ASN B 130 17.28 -9.07 28.83
CA ASN B 130 17.40 -9.74 27.54
C ASN B 130 17.13 -11.23 27.64
N ALA B 131 17.41 -11.83 28.79
CA ALA B 131 17.10 -13.24 28.99
C ALA B 131 15.60 -13.45 29.19
N ALA B 132 14.93 -12.47 29.80
CA ALA B 132 13.47 -12.50 29.85
C ALA B 132 12.90 -12.47 28.43
N HIS B 133 13.47 -11.63 27.58
CA HIS B 133 13.07 -11.63 26.17
C HIS B 133 13.46 -12.95 25.49
N ALA B 134 14.54 -13.57 25.96
CA ALA B 134 14.96 -14.84 25.39
C ALA B 134 13.96 -15.96 25.71
N ILE B 135 13.44 -15.99 26.94
CA ILE B 135 12.39 -16.95 27.26
C ILE B 135 11.09 -16.61 26.54
N GLN B 136 10.80 -15.32 26.33
CA GLN B 136 9.77 -14.96 25.36
C GLN B 136 9.97 -15.69 24.03
N LYS B 137 11.15 -15.55 23.45
CA LYS B 137 11.41 -16.12 22.12
C LYS B 137 11.34 -17.64 22.14
N LEU B 138 11.90 -18.27 23.18
CA LEU B 138 11.90 -19.73 23.26
C LEU B 138 10.48 -20.26 23.42
N TYR B 139 9.67 -19.62 24.27
CA TYR B 139 8.28 -20.04 24.38
C TYR B 139 7.55 -19.86 23.06
N SER B 140 7.87 -18.79 22.33
CA SER B 140 7.34 -18.65 20.99
C SER B 140 7.86 -19.73 20.06
N LEU B 141 8.99 -20.37 20.39
CA LEU B 141 9.56 -21.39 19.52
C LEU B 141 9.21 -22.80 19.99
N ASP B 142 9.40 -23.11 21.27
CA ASP B 142 9.23 -24.46 21.78
C ASP B 142 8.34 -24.41 23.02
N PRO B 143 7.02 -24.53 22.84
CA PRO B 143 6.11 -24.46 23.99
C PRO B 143 6.30 -25.57 25.01
N GLU B 144 6.93 -26.68 24.63
CA GLU B 144 7.02 -27.85 25.49
C GLU B 144 8.05 -27.71 26.61
N GLN B 145 8.80 -26.61 26.65
CA GLN B 145 9.78 -26.37 27.69
C GLN B 145 9.25 -25.46 28.78
N LYS B 146 7.93 -25.25 28.83
CA LYS B 146 7.36 -24.21 29.67
C LYS B 146 7.58 -24.45 31.15
N GLU B 147 7.80 -25.69 31.60
CA GLU B 147 8.05 -25.92 33.01
C GLU B 147 9.32 -25.25 33.48
N MET B 148 10.43 -25.51 32.78
CA MET B 148 11.69 -24.88 33.15
C MET B 148 11.75 -23.42 32.73
N LEU B 149 10.99 -23.04 31.70
CA LEU B 149 10.83 -21.60 31.43
C LEU B 149 10.18 -20.90 32.62
N ILE B 150 9.15 -21.52 33.20
CA ILE B 150 8.48 -20.96 34.37
C ILE B 150 9.42 -20.94 35.57
N GLU B 151 10.27 -21.96 35.69
CA GLU B 151 11.28 -21.95 36.75
C GLU B 151 12.21 -20.75 36.60
N VAL B 152 12.66 -20.49 35.36
CA VAL B 152 13.52 -19.33 35.11
C VAL B 152 12.80 -18.04 35.45
N ILE B 153 11.51 -17.97 35.10
CA ILE B 153 10.72 -16.77 35.39
C ILE B 153 10.57 -16.57 36.90
N GLU B 154 10.36 -17.66 37.63
CA GLU B 154 10.29 -17.58 39.09
C GLU B 154 11.60 -17.06 39.66
N LYS B 155 12.72 -17.52 39.10
CA LYS B 155 14.02 -17.02 39.53
C LYS B 155 14.16 -15.52 39.22
N LEU B 156 13.67 -15.10 38.06
CA LEU B 156 13.84 -13.71 37.65
C LEU B 156 12.97 -12.76 38.46
N LEU B 157 11.74 -13.17 38.77
CA LEU B 157 10.80 -12.28 39.45
C LEU B 157 11.29 -11.87 40.83
N LYS B 158 12.17 -12.66 41.45
CA LYS B 158 12.70 -12.32 42.76
C LYS B 158 13.73 -11.21 42.70
N ASP B 159 14.19 -10.82 41.52
CA ASP B 159 15.27 -9.84 41.41
C ASP B 159 14.73 -8.48 41.82
N LYS B 160 15.56 -7.71 42.54
CA LYS B 160 15.14 -6.42 43.05
C LYS B 160 15.21 -5.31 42.01
N SER B 161 15.94 -5.51 40.91
CA SER B 161 16.12 -4.45 39.93
C SER B 161 14.83 -4.21 39.14
N THR B 162 14.45 -2.94 39.00
CA THR B 162 13.28 -2.57 38.22
C THR B 162 13.52 -2.73 36.72
N LEU B 163 14.71 -2.35 36.26
CA LEU B 163 15.05 -2.47 34.84
C LEU B 163 14.80 -3.89 34.34
N VAL B 164 15.23 -4.89 35.11
CA VAL B 164 14.84 -6.24 34.76
C VAL B 164 13.36 -6.43 35.01
N ALA B 165 12.81 -5.82 36.07
CA ALA B 165 11.50 -6.20 36.58
C ALA B 165 10.39 -6.01 35.55
N GLY B 166 10.44 -4.92 34.80
CA GLY B 166 9.41 -4.72 33.79
C GLY B 166 9.37 -5.82 32.75
N SER B 167 10.52 -6.10 32.15
CA SER B 167 10.61 -7.14 31.14
C SER B 167 10.33 -8.52 31.74
N VAL B 168 10.73 -8.71 33.00
CA VAL B 168 10.50 -9.97 33.68
C VAL B 168 9.00 -10.20 33.87
N VAL B 169 8.27 -9.15 34.25
CA VAL B 169 6.82 -9.24 34.38
C VAL B 169 6.19 -9.57 33.03
N MET B 170 6.65 -8.92 31.97
CA MET B 170 6.10 -9.22 30.64
C MET B 170 6.37 -10.68 30.25
N ALA B 171 7.59 -11.16 30.52
CA ALA B 171 7.92 -12.54 30.19
C ALA B 171 7.08 -13.51 30.99
N PHE B 172 6.94 -13.26 32.29
CA PHE B 172 6.02 -14.02 33.13
C PHE B 172 4.64 -14.06 32.50
N GLU B 173 4.16 -12.90 32.04
CA GLU B 173 2.77 -12.82 31.66
C GLU B 173 2.53 -13.58 30.36
N GLU B 174 3.41 -13.41 29.37
CA GLU B 174 3.17 -14.10 28.11
C GLU B 174 3.52 -15.57 28.18
N VAL B 175 4.42 -15.97 29.07
CA VAL B 175 4.81 -17.37 29.21
C VAL B 175 3.86 -18.11 30.14
N CYS B 176 3.64 -17.59 31.34
CA CYS B 176 2.78 -18.22 32.34
C CYS B 176 1.82 -17.18 32.92
N PRO B 177 0.76 -16.85 32.18
CA PRO B 177 -0.25 -15.93 32.73
C PRO B 177 -1.08 -16.55 33.84
N ASP B 178 -1.18 -17.88 33.89
CA ASP B 178 -2.03 -18.56 34.85
C ASP B 178 -1.34 -18.86 36.17
N ARG B 179 -0.02 -19.01 36.18
CA ARG B 179 0.71 -19.30 37.42
C ARG B 179 0.80 -18.00 38.23
N ILE B 180 -0.35 -17.64 38.81
CA ILE B 180 -0.47 -16.39 39.56
C ILE B 180 0.40 -16.40 40.80
N ASP B 181 0.76 -17.58 41.32
CA ASP B 181 1.42 -17.66 42.62
C ASP B 181 2.77 -16.94 42.67
N LEU B 182 3.51 -16.89 41.56
CA LEU B 182 4.81 -16.22 41.60
C LEU B 182 4.66 -14.74 41.91
N ILE B 183 3.69 -14.04 41.30
CA ILE B 183 3.44 -12.65 41.64
C ILE B 183 2.69 -12.54 42.96
N HIS B 184 1.93 -13.58 43.28
CA HIS B 184 1.23 -13.68 44.56
C HIS B 184 2.23 -13.56 45.71
N LYS B 185 3.45 -14.07 45.51
CA LYS B 185 4.47 -13.96 46.54
C LYS B 185 5.05 -12.55 46.67
N ASN B 186 5.37 -11.86 45.56
CA ASN B 186 6.08 -10.58 45.64
C ASN B 186 5.19 -9.40 45.26
N TYR B 187 3.89 -9.50 45.55
CA TYR B 187 3.01 -8.34 45.48
C TYR B 187 3.61 -7.12 46.19
N ARG B 188 4.10 -7.29 47.42
CA ARG B 188 4.72 -6.17 48.12
C ARG B 188 5.89 -5.58 47.34
N LYS B 189 6.81 -6.43 46.87
CA LYS B 189 7.99 -5.92 46.19
C LYS B 189 7.61 -5.15 44.93
N LEU B 190 6.68 -5.71 44.14
CA LEU B 190 6.28 -5.03 42.91
C LEU B 190 5.58 -3.71 43.21
N CYS B 191 4.68 -3.69 44.20
CA CYS B 191 3.98 -2.46 44.50
C CYS B 191 4.91 -1.38 45.04
N ASN B 192 5.90 -1.77 45.85
CA ASN B 192 6.85 -0.79 46.34
C ASN B 192 7.75 -0.28 45.22
N LEU B 193 8.14 -1.15 44.29
CA LEU B 193 9.00 -0.72 43.20
C LEU B 193 8.24 0.08 42.15
N LEU B 194 6.91 -0.07 42.11
CA LEU B 194 6.12 0.60 41.08
C LEU B 194 6.30 2.11 41.11
N VAL B 195 6.67 2.67 42.26
CA VAL B 195 7.05 4.08 42.31
C VAL B 195 8.35 4.30 41.53
N ASP B 196 9.31 3.38 41.64
CA ASP B 196 10.62 3.55 41.04
C ASP B 196 10.81 2.78 39.74
N VAL B 197 9.88 1.88 39.39
CA VAL B 197 9.98 1.20 38.11
C VAL B 197 9.89 2.21 36.98
N GLU B 198 10.58 1.95 35.88
CA GLU B 198 10.56 2.86 34.74
C GLU B 198 9.18 2.81 34.09
N GLU B 199 8.77 3.93 33.48
CA GLU B 199 7.38 4.16 33.09
C GLU B 199 6.76 3.02 32.28
N TRP B 200 7.49 2.47 31.31
CA TRP B 200 6.94 1.35 30.54
C TRP B 200 6.72 0.14 31.44
N GLY B 201 7.68 -0.15 32.31
CA GLY B 201 7.48 -1.18 33.31
C GLY B 201 6.32 -0.85 34.23
N GLN B 202 6.13 0.43 34.53
CA GLN B 202 4.98 0.83 35.34
C GLN B 202 3.67 0.47 34.65
N VAL B 203 3.57 0.73 33.35
CA VAL B 203 2.35 0.40 32.62
C VAL B 203 2.09 -1.10 32.66
N VAL B 204 3.12 -1.90 32.37
CA VAL B 204 2.92 -3.35 32.32
C VAL B 204 2.56 -3.90 33.70
N ILE B 205 3.30 -3.46 34.73
CA ILE B 205 3.04 -3.91 36.09
C ILE B 205 1.64 -3.50 36.53
N ILE B 206 1.20 -2.30 36.14
CA ILE B 206 -0.12 -1.83 36.57
C ILE B 206 -1.22 -2.63 35.91
N HIS B 207 -1.06 -2.96 34.62
CA HIS B 207 -2.04 -3.82 33.98
C HIS B 207 -2.11 -5.18 34.67
N MET B 208 -0.96 -5.79 34.94
CA MET B 208 -0.97 -7.10 35.58
C MET B 208 -1.57 -7.03 36.98
N LEU B 209 -1.22 -5.97 37.74
CA LEU B 209 -1.74 -5.84 39.09
C LEU B 209 -3.24 -5.59 39.09
N THR B 210 -3.76 -4.88 38.08
CA THR B 210 -5.20 -4.73 37.96
C THR B 210 -5.87 -6.07 37.76
N ARG B 211 -5.30 -6.91 36.87
CA ARG B 211 -5.87 -8.24 36.69
C ARG B 211 -5.78 -9.07 37.97
N TYR B 212 -4.64 -8.99 38.66
CA TYR B 212 -4.44 -9.75 39.88
C TYR B 212 -5.42 -9.33 40.97
N ALA B 213 -5.65 -8.02 41.10
CA ALA B 213 -6.59 -7.53 42.11
C ALA B 213 -8.01 -7.90 41.74
N ARG B 214 -8.33 -7.90 40.45
CA ARG B 214 -9.66 -8.35 40.03
C ARG B 214 -9.86 -9.82 40.35
N THR B 215 -8.81 -10.62 40.31
CA THR B 215 -8.92 -12.05 40.60
C THR B 215 -8.87 -12.40 42.08
N GLN B 216 -7.96 -11.80 42.85
CA GLN B 216 -7.60 -12.28 44.17
C GLN B 216 -8.20 -11.46 45.31
N PHE B 217 -9.12 -10.54 45.04
CA PHE B 217 -9.72 -9.73 46.09
C PHE B 217 -11.22 -9.69 45.94
N VAL B 218 -11.90 -9.27 47.01
CA VAL B 218 -13.34 -9.07 47.01
C VAL B 218 -13.62 -7.58 47.10
N SER B 219 -14.90 -7.21 47.00
CA SER B 219 -15.36 -5.82 46.99
C SER B 219 -14.69 -5.03 48.11
N PRO B 220 -14.21 -3.81 47.82
CA PRO B 220 -13.46 -2.97 48.77
C PRO B 220 -14.29 -2.54 49.97
N ASP B 222 -9.85 -5.28 52.32
CA ASP B 222 -8.56 -5.96 52.37
C ASP B 222 -7.44 -4.93 52.28
N PRO B 223 -6.54 -4.94 53.27
CA PRO B 223 -5.42 -3.99 53.26
C PRO B 223 -4.55 -4.08 52.02
N ASP B 224 -4.36 -5.29 51.48
CA ASP B 224 -3.57 -5.43 50.26
C ASP B 224 -4.28 -4.85 49.04
N HIS B 225 -5.60 -4.99 48.97
CA HIS B 225 -6.36 -4.35 47.90
C HIS B 225 -6.22 -2.84 47.98
N ARG B 226 -6.19 -2.29 49.19
CA ARG B 226 -5.93 -0.87 49.36
C ARG B 226 -4.45 -0.53 49.16
N LEU B 227 -3.56 -1.50 49.38
CA LEU B 227 -2.13 -1.26 49.19
C LEU B 227 -1.83 -0.93 47.74
N LEU B 228 -2.47 -1.65 46.81
CA LEU B 228 -2.34 -1.32 45.39
C LEU B 228 -2.79 0.09 45.11
N ILE B 229 -3.96 0.46 45.66
CA ILE B 229 -4.53 1.77 45.39
C ILE B 229 -3.71 2.87 46.06
N ARG B 230 -3.17 2.57 47.26
CA ARG B 230 -2.42 3.57 47.99
C ARG B 230 -1.17 4.01 47.23
N ASN B 231 -0.44 3.07 46.64
CA ASN B 231 0.80 3.40 45.95
C ASN B 231 0.61 3.72 44.47
N THR B 232 -0.54 3.37 43.90
CA THR B 232 -0.79 3.71 42.50
C THR B 232 -1.24 5.17 42.37
N LYS B 233 -1.70 5.76 43.48
CA LYS B 233 -2.24 7.12 43.51
C LYS B 233 -1.26 8.19 43.00
N PRO B 234 -0.01 8.22 43.45
CA PRO B 234 0.89 9.30 43.00
C PRO B 234 1.16 9.30 41.51
N LEU B 235 0.90 8.20 40.81
CA LEU B 235 1.17 8.13 39.38
C LEU B 235 0.11 8.80 38.53
N LEU B 236 -1.01 9.23 39.12
CA LEU B 236 -2.07 9.87 38.36
C LEU B 236 -1.62 11.19 37.75
N GLN B 237 -0.57 11.81 38.29
CA GLN B 237 -0.02 13.06 37.78
C GLN B 237 1.13 12.85 36.82
N SER B 238 1.45 11.60 36.47
CA SER B 238 2.62 11.31 35.65
C SER B 238 2.48 11.95 34.27
N ARG B 239 3.63 12.30 33.69
CA ARG B 239 3.64 12.94 32.37
C ARG B 239 3.34 11.96 31.24
N ASN B 240 3.48 10.67 31.48
CA ASN B 240 3.26 9.67 30.44
C ASN B 240 1.77 9.41 30.30
N ALA B 241 1.27 9.43 29.06
CA ALA B 241 -0.15 9.17 28.83
C ALA B 241 -0.50 7.72 29.15
N ALA B 242 0.39 6.79 28.82
CA ALA B 242 0.12 5.38 29.10
C ALA B 242 0.08 5.09 30.59
N VAL B 243 0.98 5.73 31.35
CA VAL B 243 1.03 5.49 32.80
C VAL B 243 -0.27 5.96 33.45
N VAL B 244 -0.68 7.19 33.15
CA VAL B 244 -1.88 7.74 33.76
C VAL B 244 -3.11 6.96 33.32
N MET B 245 -3.19 6.62 32.03
CA MET B 245 -4.29 5.80 31.56
C MET B 245 -4.29 4.42 32.21
N ALA B 246 -3.10 3.85 32.43
CA ALA B 246 -3.01 2.59 33.16
C ALA B 246 -3.52 2.74 34.58
N VAL B 247 -3.14 3.82 35.25
CA VAL B 247 -3.64 4.08 36.59
C VAL B 247 -5.14 4.33 36.57
N ALA B 248 -5.60 5.13 35.60
CA ALA B 248 -7.03 5.41 35.49
C ALA B 248 -7.83 4.14 35.22
N GLN B 249 -7.33 3.29 34.33
CA GLN B 249 -7.98 2.00 34.10
C GLN B 249 -7.90 1.11 35.34
N LEU B 250 -6.87 1.30 36.17
CA LEU B 250 -6.79 0.56 37.43
C LEU B 250 -7.89 1.01 38.38
N TYR B 251 -8.06 2.33 38.54
CA TYR B 251 -9.06 2.85 39.46
C TYR B 251 -10.47 2.46 39.03
N TRP B 252 -10.75 2.54 37.73
CA TRP B 252 -12.09 2.21 37.24
C TRP B 252 -12.44 0.75 37.54
N HIS B 253 -11.47 -0.15 37.41
CA HIS B 253 -11.72 -1.57 37.53
C HIS B 253 -11.48 -2.13 38.93
N ILE B 254 -10.87 -1.36 39.83
CA ILE B 254 -10.46 -1.87 41.14
C ILE B 254 -11.03 -1.02 42.28
N SER B 255 -10.92 0.30 42.17
CA SER B 255 -11.28 1.19 43.27
C SER B 255 -12.78 1.20 43.51
N PRO B 256 -13.19 1.60 44.72
CA PRO B 256 -14.62 1.79 44.98
C PRO B 256 -15.18 2.90 44.08
N LYS B 257 -16.46 2.78 43.75
CA LYS B 257 -17.10 3.78 42.90
C LYS B 257 -17.11 5.16 43.56
N SER B 258 -16.97 5.23 44.89
CA SER B 258 -16.92 6.51 45.57
C SER B 258 -15.57 7.20 45.44
N GLU B 259 -14.51 6.45 45.15
CA GLU B 259 -13.17 7.01 45.03
C GLU B 259 -12.64 7.02 43.60
N ALA B 260 -13.22 6.22 42.71
CA ALA B 260 -12.66 6.07 41.37
C ALA B 260 -12.95 7.28 40.49
N GLY B 261 -13.77 8.23 40.97
CA GLY B 261 -14.07 9.40 40.18
C GLY B 261 -12.92 10.40 40.14
N ILE B 262 -11.92 10.21 40.99
CA ILE B 262 -10.80 11.14 41.13
C ILE B 262 -9.98 11.17 39.85
N ILE B 263 -10.07 10.12 39.04
CA ILE B 263 -9.27 10.03 37.83
C ILE B 263 -9.76 10.95 36.74
N SER B 264 -11.02 11.39 36.80
CA SER B 264 -11.57 12.24 35.75
C SER B 264 -10.82 13.55 35.61
N LYS B 265 -10.13 14.00 36.65
CA LYS B 265 -9.31 15.21 36.55
C LYS B 265 -8.11 14.96 35.65
N SER B 266 -7.42 13.84 35.84
CA SER B 266 -6.22 13.56 35.06
C SER B 266 -6.57 13.07 33.65
N LEU B 267 -7.66 12.31 33.52
CA LEU B 267 -8.06 11.83 32.19
C LEU B 267 -8.42 12.99 31.28
N VAL B 268 -9.12 13.99 31.81
CA VAL B 268 -9.44 15.18 31.02
C VAL B 268 -8.16 15.94 30.68
N ARG B 269 -7.23 16.01 31.62
CA ARG B 269 -5.97 16.72 31.38
C ARG B 269 -5.22 16.15 30.20
N LEU B 270 -5.35 14.84 29.95
CA LEU B 270 -4.65 14.22 28.83
C LEU B 270 -5.19 14.69 27.48
N LEU B 271 -6.40 15.26 27.45
CA LEU B 271 -6.97 15.70 26.19
C LEU B 271 -6.24 16.90 25.59
N ARG B 272 -5.39 17.57 26.36
CA ARG B 272 -4.55 18.65 25.85
C ARG B 272 -3.34 18.14 25.08
N SER B 273 -3.12 16.82 25.07
CA SER B 273 -1.96 16.23 24.43
C SER B 273 -2.22 16.05 22.93
N ASN B 274 -1.34 15.30 22.29
CA ASN B 274 -1.36 15.14 20.84
C ASN B 274 -2.61 14.42 20.37
N ARG B 275 -2.77 14.33 19.05
CA ARG B 275 -3.93 13.70 18.45
C ARG B 275 -4.05 12.23 18.83
N GLU B 276 -2.95 11.48 18.74
CA GLU B 276 -2.99 10.05 18.97
C GLU B 276 -3.25 9.72 20.44
N VAL B 277 -2.64 10.48 21.35
CA VAL B 277 -2.84 10.23 22.77
C VAL B 277 -4.30 10.38 23.15
N GLN B 278 -4.95 11.45 22.67
CA GLN B 278 -6.32 11.69 23.07
C GLN B 278 -7.32 10.87 22.28
N TYR B 279 -6.92 10.28 21.14
CA TYR B 279 -7.84 9.39 20.44
C TYR B 279 -8.18 8.17 21.29
N ILE B 280 -7.18 7.59 21.93
CA ILE B 280 -7.45 6.46 22.84
C ILE B 280 -8.13 6.97 24.11
N VAL B 281 -7.67 8.10 24.65
CA VAL B 281 -8.25 8.62 25.88
C VAL B 281 -9.72 8.97 25.67
N LEU B 282 -10.05 9.58 24.54
CA LEU B 282 -11.46 9.86 24.24
C LEU B 282 -12.24 8.56 24.05
N GLN B 283 -11.61 7.54 23.47
CA GLN B 283 -12.29 6.26 23.31
C GLN B 283 -12.57 5.62 24.67
N ASN B 284 -11.61 5.69 25.59
CA ASN B 284 -11.84 5.13 26.92
C ASN B 284 -12.86 5.94 27.69
N ILE B 285 -12.70 7.27 27.72
CA ILE B 285 -13.60 8.12 28.49
C ILE B 285 -15.03 7.98 27.99
N ALA B 286 -15.20 7.73 26.69
CA ALA B 286 -16.53 7.49 26.15
C ALA B 286 -17.19 6.28 26.81
N THR B 287 -16.41 5.21 27.01
CA THR B 287 -16.95 4.02 27.65
C THR B 287 -17.15 4.24 29.14
N MET B 288 -16.23 4.96 29.79
CA MET B 288 -16.37 5.24 31.21
C MET B 288 -17.62 6.07 31.49
N SER B 289 -17.92 7.03 30.62
CA SER B 289 -19.05 7.92 30.86
C SER B 289 -20.39 7.20 30.81
N ILE B 290 -20.48 6.09 30.08
CA ILE B 290 -21.75 5.39 29.94
C ILE B 290 -22.21 4.84 31.29
N GLN B 291 -21.33 4.12 31.99
CA GLN B 291 -21.74 3.46 33.23
C GLN B 291 -21.84 4.43 34.40
N ARG B 292 -20.90 5.37 34.52
CA ARG B 292 -20.85 6.32 35.62
C ARG B 292 -20.80 7.74 35.04
N LYS B 293 -21.97 8.38 34.98
CA LYS B 293 -22.07 9.67 34.29
C LYS B 293 -21.61 10.82 35.17
N GLY B 294 -21.81 10.72 36.48
CA GLY B 294 -21.61 11.86 37.35
C GLY B 294 -20.16 12.31 37.47
N MET B 295 -19.22 11.40 37.23
CA MET B 295 -17.81 11.74 37.38
C MET B 295 -17.33 12.71 36.29
N PHE B 296 -17.81 12.55 35.06
CA PHE B 296 -17.44 13.46 33.98
C PHE B 296 -18.46 14.57 33.74
N GLU B 297 -19.50 14.65 34.57
CA GLU B 297 -20.47 15.74 34.44
C GLU B 297 -19.85 17.12 34.67
N PRO B 298 -19.03 17.32 35.71
CA PRO B 298 -18.46 18.67 35.92
C PRO B 298 -17.57 19.15 34.78
N TYR B 299 -17.03 18.23 33.97
CA TYR B 299 -16.15 18.60 32.87
C TYR B 299 -16.85 18.56 31.53
N LEU B 300 -18.15 18.87 31.50
CA LEU B 300 -18.91 18.82 30.24
C LEU B 300 -18.38 19.82 29.22
N LYS B 301 -18.03 21.03 29.69
CA LYS B 301 -17.54 22.06 28.78
C LYS B 301 -16.18 21.67 28.20
N SER B 302 -15.37 20.93 28.94
CA SER B 302 -14.07 20.48 28.43
C SER B 302 -14.20 19.51 27.27
N PHE B 303 -15.39 18.94 27.06
CA PHE B 303 -15.63 18.04 25.94
C PHE B 303 -16.31 18.74 24.76
N TYR B 304 -16.48 20.05 24.84
CA TYR B 304 -17.00 20.80 23.70
C TYR B 304 -16.01 20.76 22.55
N VAL B 305 -16.53 20.56 21.34
CA VAL B 305 -15.71 20.35 20.16
C VAL B 305 -15.05 21.67 19.76
N ARG B 306 -13.74 21.62 19.53
CA ARG B 306 -13.01 22.70 18.89
C ARG B 306 -12.82 22.37 17.42
N SER B 307 -12.88 23.40 16.58
CA SER B 307 -12.78 23.18 15.14
C SER B 307 -11.38 22.74 14.71
N THR B 308 -10.37 22.93 15.57
CA THR B 308 -9.00 22.56 15.22
C THR B 308 -8.78 21.06 15.21
N ASP B 309 -9.57 20.30 15.95
CA ASP B 309 -9.40 18.86 16.04
C ASP B 309 -9.91 18.17 14.77
N PRO B 310 -9.33 17.03 14.41
CA PRO B 310 -9.79 16.32 13.21
C PRO B 310 -11.12 15.63 13.44
N THR B 311 -11.63 15.02 12.37
CA THR B 311 -12.98 14.46 12.40
C THR B 311 -13.11 13.36 13.45
N MET B 312 -12.13 12.44 13.51
CA MET B 312 -12.25 11.32 14.42
C MET B 312 -12.09 11.75 15.87
N ILE B 313 -11.27 12.77 16.13
CA ILE B 313 -11.13 13.28 17.49
C ILE B 313 -12.41 14.00 17.92
N LYS B 314 -12.97 14.81 17.02
CA LYS B 314 -14.19 15.54 17.34
C LYS B 314 -15.37 14.60 17.51
N THR B 315 -15.46 13.56 16.67
CA THR B 315 -16.60 12.65 16.73
C THR B 315 -16.66 11.93 18.07
N LEU B 316 -15.50 11.54 18.61
CA LEU B 316 -15.47 10.91 19.92
C LEU B 316 -15.92 11.88 21.01
N LYS B 317 -15.54 13.15 20.90
CA LYS B 317 -16.02 14.14 21.84
C LYS B 317 -17.54 14.26 21.78
N LEU B 318 -18.11 14.14 20.58
CA LEU B 318 -19.57 14.16 20.44
C LEU B 318 -20.21 12.99 21.17
N GLU B 319 -19.60 11.81 21.08
CA GLU B 319 -20.18 10.63 21.72
C GLU B 319 -20.15 10.75 23.24
N ILE B 320 -19.09 11.38 23.78
CA ILE B 320 -19.04 11.63 25.21
C ILE B 320 -20.15 12.60 25.62
N LEU B 321 -20.38 13.63 24.81
CA LEU B 321 -21.41 14.61 25.12
C LEU B 321 -22.79 13.97 25.15
N THR B 322 -23.05 13.04 24.23
CA THR B 322 -24.34 12.35 24.22
C THR B 322 -24.56 11.59 25.51
N ASN B 323 -23.55 10.86 25.97
CA ASN B 323 -23.70 10.06 27.18
C ASN B 323 -23.84 10.93 28.42
N LEU B 324 -23.30 12.15 28.39
CA LEU B 324 -23.42 13.07 29.50
C LEU B 324 -24.68 13.91 29.46
N ALA B 325 -25.53 13.74 28.45
CA ALA B 325 -26.73 14.54 28.32
C ALA B 325 -27.72 14.21 29.43
N ASN B 326 -28.29 15.25 30.03
CA ASN B 326 -29.28 15.11 31.09
C ASN B 326 -30.23 16.29 31.02
N GLU B 327 -31.39 16.13 31.67
CA GLU B 327 -32.42 17.16 31.62
C GLU B 327 -31.95 18.49 32.19
N ALA B 328 -30.92 18.50 33.05
CA ALA B 328 -30.39 19.74 33.59
C ALA B 328 -29.38 20.41 32.65
N ASN B 329 -28.94 19.72 31.60
CA ASN B 329 -27.98 20.29 30.66
C ASN B 329 -28.31 20.02 29.19
N ILE B 330 -29.44 19.37 28.89
CA ILE B 330 -29.78 19.01 27.52
C ILE B 330 -29.98 20.28 26.69
N SER B 331 -30.58 21.31 27.29
CA SER B 331 -30.78 22.56 26.58
C SER B 331 -29.47 23.24 26.21
N THR B 332 -28.50 23.23 27.12
CA THR B 332 -27.19 23.81 26.81
C THR B 332 -26.51 23.04 25.67
N LEU B 333 -26.57 21.71 25.72
CA LEU B 333 -25.96 20.92 24.66
C LEU B 333 -26.70 21.08 23.35
N LEU B 334 -28.03 21.16 23.39
CA LEU B 334 -28.81 21.30 22.16
C LEU B 334 -28.45 22.59 21.43
N ARG B 335 -28.28 23.68 22.17
CA ARG B 335 -27.83 24.93 21.55
C ARG B 335 -26.44 24.77 20.95
N GLU B 336 -25.54 24.09 21.66
CA GLU B 336 -24.20 23.86 21.14
C GLU B 336 -24.21 22.94 19.92
N PHE B 337 -25.12 21.97 19.90
CA PHE B 337 -25.21 21.08 18.74
C PHE B 337 -25.62 21.86 17.49
N GLN B 338 -26.52 22.83 17.64
CA GLN B 338 -26.93 23.64 16.51
C GLN B 338 -25.76 24.42 15.92
N THR B 339 -24.84 24.84 16.78
CA THR B 339 -23.63 25.52 16.31
C THR B 339 -22.78 24.61 15.43
N TYR B 340 -22.65 23.34 15.82
CA TYR B 340 -21.75 22.43 15.12
C TYR B 340 -22.35 21.90 13.82
N VAL B 341 -23.67 21.99 13.64
CA VAL B 341 -24.31 21.32 12.51
C VAL B 341 -23.87 21.95 11.20
N LYS B 342 -23.83 23.28 11.13
CA LYS B 342 -23.49 23.98 9.90
C LYS B 342 -22.00 24.17 9.72
N SER B 343 -21.18 23.35 10.39
CA SER B 343 -19.74 23.46 10.24
C SER B 343 -19.30 22.98 8.87
N GLN B 344 -18.13 23.47 8.44
CA GLN B 344 -17.60 23.09 7.13
C GLN B 344 -17.16 21.64 7.07
N ASP B 345 -17.04 20.97 8.22
CA ASP B 345 -16.65 19.57 8.26
C ASP B 345 -17.90 18.72 8.04
N LYS B 346 -18.08 18.28 6.79
CA LYS B 346 -19.29 17.53 6.43
C LYS B 346 -19.38 16.21 7.19
N GLN B 347 -18.26 15.50 7.34
CA GLN B 347 -18.28 14.25 8.10
C GLN B 347 -18.66 14.51 9.56
N PHE B 348 -18.13 15.57 10.15
CA PHE B 348 -18.51 15.95 11.51
C PHE B 348 -19.93 16.48 11.57
N ALA B 349 -20.36 17.22 10.55
CA ALA B 349 -21.73 17.75 10.53
C ALA B 349 -22.74 16.62 10.57
N ALA B 350 -22.44 15.50 9.91
CA ALA B 350 -23.31 14.33 9.98
C ALA B 350 -23.35 13.77 11.40
N ALA B 351 -22.20 13.77 12.09
CA ALA B 351 -22.15 13.21 13.44
C ALA B 351 -23.02 14.00 14.42
N THR B 352 -22.97 15.33 14.34
CA THR B 352 -23.77 16.15 15.25
C THR B 352 -25.26 15.95 15.00
N ILE B 353 -25.65 15.76 13.74
CA ILE B 353 -27.03 15.43 13.43
C ILE B 353 -27.42 14.11 14.10
N GLN B 354 -26.52 13.14 14.07
CA GLN B 354 -26.75 11.89 14.80
C GLN B 354 -26.80 12.13 16.30
N THR B 355 -25.95 13.04 16.80
CA THR B 355 -25.88 13.29 18.23
C THR B 355 -27.19 13.82 18.78
N ILE B 356 -27.85 14.71 18.02
CA ILE B 356 -29.09 15.32 18.50
C ILE B 356 -30.16 14.26 18.73
N GLY B 357 -30.31 13.33 17.79
CA GLY B 357 -31.32 12.29 17.95
C GLY B 357 -31.05 11.39 19.14
N ARG B 358 -29.78 11.05 19.37
CA ARG B 358 -29.42 10.24 20.52
C ARG B 358 -29.74 10.98 21.82
N CYS B 359 -29.45 12.28 21.87
CA CYS B 359 -29.83 13.07 23.04
C CYS B 359 -31.35 13.22 23.13
N ALA B 360 -32.04 13.20 22.00
CA ALA B 360 -33.50 13.26 22.02
C ALA B 360 -34.09 11.99 22.62
N THR B 361 -33.48 10.84 22.34
CA THR B 361 -33.96 9.60 22.94
C THR B 361 -33.64 9.56 24.43
N ASN B 362 -32.44 9.98 24.82
CA ASN B 362 -32.07 9.98 26.24
C ASN B 362 -32.95 10.93 27.03
N ILE B 363 -33.24 12.11 26.48
CA ILE B 363 -34.05 13.12 27.15
C ILE B 363 -35.41 13.14 26.44
N LEU B 364 -36.36 12.39 26.99
CA LEU B 364 -37.66 12.25 26.32
C LEU B 364 -38.45 13.55 26.35
N GLU B 365 -38.16 14.44 27.31
CA GLU B 365 -38.96 15.65 27.46
C GLU B 365 -38.69 16.68 26.37
N VAL B 366 -37.55 16.59 25.67
CA VAL B 366 -37.18 17.57 24.65
C VAL B 366 -37.28 16.99 23.25
N THR B 367 -38.09 15.95 23.05
CA THR B 367 -38.21 15.33 21.74
C THR B 367 -38.74 16.33 20.71
N ASP B 368 -39.77 17.10 21.07
CA ASP B 368 -40.30 18.10 20.16
C ASP B 368 -39.28 19.19 19.88
N THR B 369 -38.58 19.68 20.92
CA THR B 369 -37.58 20.72 20.73
C THR B 369 -36.43 20.25 19.84
N CYS B 370 -35.97 19.02 20.02
CA CYS B 370 -34.91 18.49 19.16
C CYS B 370 -35.36 18.43 17.70
N LEU B 371 -36.63 18.06 17.47
CA LEU B 371 -37.15 18.02 16.11
C LEU B 371 -37.14 19.40 15.47
N ASN B 372 -37.59 20.42 16.22
CA ASN B 372 -37.67 21.77 15.67
C ASN B 372 -36.31 22.23 15.15
N GLY B 373 -35.24 21.81 15.80
CA GLY B 373 -33.91 22.07 15.25
C GLY B 373 -33.67 21.36 13.93
N LEU B 374 -34.27 20.17 13.78
CA LEU B 374 -33.95 19.33 12.62
C LEU B 374 -34.91 19.55 11.46
N VAL B 375 -36.21 19.71 11.74
CA VAL B 375 -37.17 19.90 10.65
C VAL B 375 -36.86 21.18 9.88
N CYS B 376 -36.56 22.27 10.59
CA CYS B 376 -36.12 23.49 9.91
C CYS B 376 -34.75 23.28 9.27
N LEU B 377 -33.96 22.34 9.80
CA LEU B 377 -32.65 22.05 9.24
C LEU B 377 -32.76 21.30 7.93
N LEU B 378 -33.93 20.73 7.63
CA LEU B 378 -34.13 19.96 6.42
C LEU B 378 -34.05 20.81 5.16
N SER B 379 -34.15 22.13 5.30
CA SER B 379 -34.11 23.04 4.15
C SER B 379 -32.69 23.45 3.79
N ASN B 380 -31.67 22.92 4.47
CA ASN B 380 -30.30 23.28 4.16
C ASN B 380 -29.94 22.85 2.76
N ARG B 381 -29.12 23.67 2.07
CA ARG B 381 -28.70 23.35 0.72
C ARG B 381 -27.67 22.22 0.68
N ASP B 382 -27.11 21.85 1.83
CA ASP B 382 -26.06 20.85 1.89
C ASP B 382 -26.69 19.48 1.63
N GLU B 383 -26.08 18.71 0.71
CA GLU B 383 -26.67 17.43 0.34
C GLU B 383 -26.42 16.37 1.40
N ILE B 384 -25.33 16.50 2.17
CA ILE B 384 -25.03 15.49 3.18
C ILE B 384 -25.80 15.75 4.46
N VAL B 385 -25.97 17.02 4.82
CA VAL B 385 -26.70 17.35 6.05
C VAL B 385 -28.15 16.89 5.94
N VAL B 386 -28.80 17.18 4.81
CA VAL B 386 -30.17 16.72 4.63
C VAL B 386 -30.22 15.19 4.55
N ALA B 387 -29.11 14.56 4.13
CA ALA B 387 -29.08 13.11 4.05
C ALA B 387 -29.20 12.47 5.42
N GLU B 388 -28.47 13.01 6.41
CA GLU B 388 -28.49 12.40 7.74
C GLU B 388 -29.58 13.00 8.61
N SER B 389 -29.99 14.24 8.33
CA SER B 389 -31.05 14.85 9.12
C SER B 389 -32.36 14.09 8.97
N VAL B 390 -32.67 13.67 7.75
CA VAL B 390 -33.89 12.86 7.54
C VAL B 390 -33.73 11.48 8.16
N VAL B 391 -32.49 10.98 8.27
CA VAL B 391 -32.26 9.69 8.92
C VAL B 391 -32.54 9.79 10.41
N VAL B 392 -32.04 10.85 11.05
CA VAL B 392 -32.17 10.98 12.50
C VAL B 392 -33.62 11.26 12.88
N ILE B 393 -34.30 12.12 12.12
CA ILE B 393 -35.71 12.38 12.40
C ILE B 393 -36.51 11.10 12.24
N LYS B 394 -36.16 10.27 11.25
CA LYS B 394 -36.82 8.99 11.06
C LYS B 394 -36.80 8.17 12.34
N LYS B 395 -35.66 8.13 13.03
CA LYS B 395 -35.60 7.47 14.32
C LYS B 395 -36.51 8.16 15.33
N LEU B 396 -36.48 9.49 15.37
CA LEU B 396 -37.33 10.22 16.30
C LEU B 396 -38.80 10.11 15.93
N LEU B 397 -39.12 10.18 14.63
CA LEU B 397 -40.50 9.99 14.21
C LEU B 397 -40.98 8.57 14.48
N GLN B 398 -40.10 7.59 14.35
CA GLN B 398 -40.46 6.21 14.67
C GLN B 398 -40.75 6.07 16.15
N MET B 399 -39.96 6.75 16.99
CA MET B 399 -40.10 6.62 18.44
C MET B 399 -41.47 7.11 18.93
N GLN B 400 -41.95 8.24 18.39
CA GLN B 400 -43.31 8.71 18.66
C GLN B 400 -44.14 8.53 17.39
N PRO B 401 -44.81 7.38 17.23
CA PRO B 401 -45.66 7.15 16.06
C PRO B 401 -46.91 8.03 16.05
N ALA B 402 -46.72 9.33 16.20
CA ALA B 402 -47.80 10.29 16.14
C ALA B 402 -47.90 10.88 14.74
N GLN B 403 -49.07 11.43 14.43
CA GLN B 403 -49.31 12.03 13.12
C GLN B 403 -48.58 13.36 13.06
N HIS B 404 -47.27 13.28 12.86
CA HIS B 404 -46.42 14.47 12.76
C HIS B 404 -46.42 14.97 11.32
N GLY B 405 -47.57 15.47 10.90
CA GLY B 405 -47.72 15.99 9.56
C GLY B 405 -46.79 17.16 9.26
N GLU B 406 -46.60 18.04 10.24
CA GLU B 406 -45.75 19.21 10.04
C GLU B 406 -44.31 18.84 9.71
N ILE B 407 -43.96 17.55 9.78
CA ILE B 407 -42.60 17.10 9.49
C ILE B 407 -42.55 16.21 8.25
N ILE B 408 -43.46 15.23 8.16
CA ILE B 408 -43.35 14.21 7.12
C ILE B 408 -43.64 14.80 5.74
N LYS B 409 -44.62 15.70 5.65
CA LYS B 409 -44.94 16.33 4.37
C LYS B 409 -43.72 17.04 3.79
N HIS B 410 -42.87 17.59 4.64
CA HIS B 410 -41.68 18.30 4.15
C HIS B 410 -40.73 17.34 3.44
N MET B 411 -40.53 16.15 4.00
CA MET B 411 -39.60 15.20 3.41
C MET B 411 -40.05 14.73 2.03
N ALA B 412 -41.35 14.45 1.88
CA ALA B 412 -41.84 13.88 0.63
C ALA B 412 -41.59 14.80 -0.54
N LYS B 413 -41.76 16.11 -0.35
CA LYS B 413 -41.41 17.07 -1.39
C LYS B 413 -39.90 17.09 -1.62
N LEU B 414 -39.12 16.86 -0.57
CA LEU B 414 -37.67 16.96 -0.68
C LEU B 414 -37.09 15.76 -1.45
N LEU B 415 -37.78 14.63 -1.40
CA LEU B 415 -37.26 13.36 -1.90
C LEU B 415 -36.81 13.44 -3.35
N ASP B 416 -37.46 14.30 -4.14
CA ASP B 416 -37.09 14.45 -5.54
C ASP B 416 -35.67 14.98 -5.72
N SER B 417 -35.11 15.64 -4.70
CA SER B 417 -33.77 16.20 -4.79
C SER B 417 -32.77 15.49 -3.89
N ILE B 418 -33.14 14.34 -3.33
CA ILE B 418 -32.24 13.56 -2.49
C ILE B 418 -31.59 12.47 -3.32
N THR B 419 -30.26 12.40 -3.27
CA THR B 419 -29.52 11.40 -4.02
C THR B 419 -28.84 10.34 -3.15
N VAL B 420 -28.59 10.65 -1.88
CA VAL B 420 -27.88 9.74 -0.99
C VAL B 420 -28.72 8.50 -0.75
N PRO B 421 -28.16 7.30 -0.94
CA PRO B 421 -28.99 6.08 -0.85
C PRO B 421 -29.68 5.86 0.49
N VAL B 422 -28.98 6.07 1.60
CA VAL B 422 -29.59 5.84 2.90
C VAL B 422 -30.72 6.83 3.16
N ALA B 423 -30.50 8.10 2.79
CA ALA B 423 -31.54 9.10 2.98
C ALA B 423 -32.78 8.81 2.14
N ARG B 424 -32.57 8.38 0.90
CA ARG B 424 -33.70 8.05 0.04
C ARG B 424 -34.51 6.89 0.62
N ALA B 425 -33.82 5.90 1.18
CA ALA B 425 -34.51 4.79 1.83
C ALA B 425 -35.30 5.26 3.04
N SER B 426 -34.72 6.14 3.85
CA SER B 426 -35.40 6.61 5.05
C SER B 426 -36.69 7.34 4.71
N ILE B 427 -36.65 8.20 3.69
CA ILE B 427 -37.85 8.93 3.28
C ILE B 427 -38.92 7.95 2.80
N LEU B 428 -38.54 6.98 1.97
CA LEU B 428 -39.50 6.00 1.48
C LEU B 428 -40.04 5.14 2.61
N TRP B 429 -39.24 4.92 3.65
CA TRP B 429 -39.69 4.08 4.76
C TRP B 429 -40.71 4.82 5.63
N LEU B 430 -40.45 6.10 5.92
CA LEU B 430 -41.40 6.88 6.70
C LEU B 430 -42.72 7.01 5.97
N ILE B 431 -42.68 7.19 4.65
CA ILE B 431 -43.89 7.27 3.85
C ILE B 431 -44.67 5.96 3.94
N GLY B 432 -43.95 4.83 3.90
CA GLY B 432 -44.63 3.55 3.95
C GLY B 432 -45.37 3.32 5.25
N GLU B 433 -44.73 3.63 6.38
CA GLU B 433 -45.40 3.47 7.67
C GLU B 433 -46.61 4.39 7.79
N ASN B 434 -46.48 5.63 7.35
CA ASN B 434 -47.51 6.65 7.52
C ASN B 434 -48.31 6.84 6.23
N CYS B 435 -48.57 5.76 5.50
CA CYS B 435 -49.32 5.87 4.26
C CYS B 435 -50.73 6.40 4.51
N GLU B 436 -51.39 5.94 5.57
CA GLU B 436 -52.73 6.42 5.90
C GLU B 436 -52.73 7.83 6.45
N ARG B 437 -51.63 8.28 7.05
CA ARG B 437 -51.52 9.65 7.54
C ARG B 437 -51.22 10.64 6.44
N VAL B 438 -50.63 10.17 5.33
CA VAL B 438 -50.39 10.99 4.15
C VAL B 438 -50.93 10.22 2.94
N PRO B 439 -52.25 10.10 2.78
CA PRO B 439 -52.79 9.30 1.67
C PRO B 439 -52.76 10.01 0.33
N LYS B 440 -52.33 11.26 0.26
CA LYS B 440 -52.39 12.03 -0.97
C LYS B 440 -51.04 12.20 -1.66
N ILE B 441 -49.94 12.17 -0.92
CA ILE B 441 -48.60 12.32 -1.48
C ILE B 441 -47.91 10.97 -1.63
N ALA B 442 -48.16 10.06 -0.69
CA ALA B 442 -47.57 8.72 -0.74
C ALA B 442 -47.82 7.98 -2.06
N PRO B 443 -49.03 7.97 -2.63
CA PRO B 443 -49.20 7.31 -3.93
C PRO B 443 -48.36 7.91 -5.03
N ASP B 444 -48.14 9.23 -5.03
CA ASP B 444 -47.32 9.85 -6.07
C ASP B 444 -45.85 9.56 -5.85
N VAL B 445 -45.43 9.34 -4.61
CA VAL B 445 -44.03 9.05 -4.33
C VAL B 445 -43.62 7.73 -4.97
N LEU B 446 -44.47 6.72 -4.87
CA LEU B 446 -44.17 5.43 -5.48
C LEU B 446 -44.09 5.55 -7.00
N ARG B 447 -44.98 6.35 -7.59
CA ARG B 447 -44.97 6.55 -9.04
C ARG B 447 -43.66 7.22 -9.48
N LYS B 448 -43.18 8.17 -8.69
CA LYS B 448 -41.91 8.83 -9.01
C LYS B 448 -40.75 7.83 -8.98
N MET B 449 -40.71 6.99 -7.96
CA MET B 449 -39.59 6.08 -7.78
C MET B 449 -39.64 4.91 -8.76
N ALA B 450 -40.85 4.50 -9.17
CA ALA B 450 -40.97 3.35 -10.07
C ALA B 450 -40.24 3.58 -11.38
N LYS B 451 -40.33 4.80 -11.92
CA LYS B 451 -39.61 5.13 -13.15
C LYS B 451 -38.11 5.11 -12.92
N SER B 452 -37.65 5.54 -11.74
CA SER B 452 -36.24 5.65 -11.46
C SER B 452 -35.67 4.44 -10.71
N PHE B 453 -36.45 3.37 -10.56
CA PHE B 453 -36.01 2.20 -9.79
C PHE B 453 -34.72 1.61 -10.34
N THR B 454 -34.61 1.52 -11.66
CA THR B 454 -33.45 0.89 -12.29
C THR B 454 -32.14 1.61 -11.97
N SER B 455 -32.19 2.90 -11.63
CA SER B 455 -30.99 3.68 -11.33
C SER B 455 -30.78 3.89 -9.85
N GLU B 456 -31.69 3.39 -9.00
CA GLU B 456 -31.53 3.57 -7.57
C GLU B 456 -30.48 2.62 -7.01
N ASP B 457 -30.00 2.94 -5.82
CA ASP B 457 -29.05 2.08 -5.13
C ASP B 457 -29.75 0.81 -4.67
N ASP B 458 -28.96 -0.25 -4.42
CA ASP B 458 -29.56 -1.52 -4.04
C ASP B 458 -30.32 -1.41 -2.73
N LEU B 459 -29.80 -0.66 -1.77
CA LEU B 459 -30.50 -0.44 -0.50
C LEU B 459 -31.82 0.28 -0.73
N VAL B 460 -31.82 1.31 -1.56
CA VAL B 460 -33.03 2.09 -1.81
C VAL B 460 -34.10 1.22 -2.45
N LYS B 461 -33.69 0.31 -3.35
CA LYS B 461 -34.64 -0.53 -4.05
C LYS B 461 -35.52 -1.31 -3.07
N LEU B 462 -34.91 -1.85 -2.00
CA LEU B 462 -35.65 -2.66 -1.04
C LEU B 462 -36.83 -1.90 -0.46
N GLN B 463 -36.62 -0.63 -0.10
CA GLN B 463 -37.69 0.12 0.55
C GLN B 463 -38.84 0.41 -0.39
N ILE B 464 -38.57 0.48 -1.69
CA ILE B 464 -39.65 0.70 -2.64
C ILE B 464 -40.60 -0.48 -2.68
N LEU B 465 -40.08 -1.71 -2.63
CA LEU B 465 -40.97 -2.86 -2.49
C LEU B 465 -41.72 -2.79 -1.17
N ASN B 466 -41.04 -2.40 -0.10
CA ASN B 466 -41.72 -2.18 1.17
C ASN B 466 -42.79 -1.10 1.02
N LEU B 467 -42.44 0.01 0.37
CA LEU B 467 -43.43 1.05 0.10
C LEU B 467 -44.53 0.53 -0.82
N GLY B 468 -44.14 -0.21 -1.86
CA GLY B 468 -45.14 -0.72 -2.80
C GLY B 468 -46.15 -1.63 -2.14
N ALA B 469 -45.70 -2.47 -1.21
CA ALA B 469 -46.62 -3.38 -0.53
C ALA B 469 -47.50 -2.62 0.45
N LYS B 470 -46.92 -1.69 1.21
CA LYS B 470 -47.67 -0.97 2.23
C LYS B 470 -48.78 -0.13 1.61
N LEU B 471 -48.48 0.54 0.49
CA LEU B 471 -49.52 1.29 -0.21
C LEU B 471 -50.61 0.36 -0.74
N TYR B 472 -50.22 -0.83 -1.18
CA TYR B 472 -51.19 -1.78 -1.71
C TYR B 472 -52.15 -2.24 -0.61
N LEU B 473 -51.63 -2.45 0.59
CA LEU B 473 -52.47 -3.03 1.65
C LEU B 473 -53.57 -2.08 2.09
N THR B 474 -53.35 -0.77 1.94
CA THR B 474 -54.31 0.22 2.41
C THR B 474 -55.10 0.89 1.29
N ASN B 475 -54.52 1.06 0.11
CA ASN B 475 -55.13 1.86 -0.94
C ASN B 475 -54.99 1.13 -2.28
N SER B 476 -55.26 -0.18 -2.25
CA SER B 476 -55.13 -1.00 -3.46
C SER B 476 -56.11 -0.58 -4.55
N LYS B 477 -57.12 0.22 -4.21
CA LYS B 477 -58.10 0.64 -5.20
C LYS B 477 -57.44 1.38 -6.36
N GLN B 478 -56.30 2.02 -6.11
CA GLN B 478 -55.65 2.85 -7.12
C GLN B 478 -54.14 2.65 -7.22
N THR B 479 -53.49 2.05 -6.22
CA THR B 479 -52.08 1.71 -6.31
C THR B 479 -51.81 0.24 -6.60
N LYS B 480 -52.82 -0.53 -6.98
CA LYS B 480 -52.60 -1.94 -7.30
C LYS B 480 -51.69 -2.09 -8.52
N LEU B 481 -51.84 -1.24 -9.53
CA LEU B 481 -50.98 -1.30 -10.70
C LEU B 481 -49.56 -0.81 -10.39
N LEU B 482 -49.44 0.20 -9.53
CA LEU B 482 -48.11 0.68 -9.14
C LEU B 482 -47.34 -0.40 -8.38
N THR B 483 -48.01 -1.12 -7.48
CA THR B 483 -47.34 -2.17 -6.74
C THR B 483 -46.87 -3.29 -7.67
N GLN B 484 -47.71 -3.67 -8.64
CA GLN B 484 -47.32 -4.72 -9.56
C GLN B 484 -46.19 -4.25 -10.47
N TYR B 485 -46.17 -2.96 -10.79
CA TYR B 485 -45.07 -2.40 -11.57
C TYR B 485 -43.75 -2.53 -10.82
N ILE B 486 -43.70 -2.10 -9.56
CA ILE B 486 -42.43 -2.08 -8.85
C ILE B 486 -41.98 -3.49 -8.49
N LEU B 487 -42.93 -4.38 -8.15
CA LEU B 487 -42.55 -5.75 -7.84
C LEU B 487 -41.96 -6.46 -9.06
N ASN B 488 -42.55 -6.24 -10.24
CA ASN B 488 -42.01 -6.85 -11.45
C ASN B 488 -40.63 -6.31 -11.79
N LEU B 489 -40.39 -5.02 -11.52
CA LEU B 489 -39.07 -4.44 -11.76
C LEU B 489 -38.03 -5.07 -10.85
N GLY B 490 -38.36 -5.29 -9.58
CA GLY B 490 -37.41 -5.90 -8.67
C GLY B 490 -37.21 -7.38 -8.92
N LYS B 491 -38.18 -8.02 -9.59
CA LYS B 491 -38.10 -9.45 -9.84
C LYS B 491 -36.92 -9.80 -10.74
N TYR B 492 -36.56 -8.91 -11.67
CA TYR B 492 -35.49 -9.15 -12.61
C TYR B 492 -34.20 -8.42 -12.23
N ASP B 493 -34.12 -7.92 -11.01
CA ASP B 493 -32.95 -7.14 -10.61
C ASP B 493 -31.73 -8.04 -10.43
N GLN B 494 -30.55 -7.43 -10.55
CA GLN B 494 -29.31 -8.20 -10.53
C GLN B 494 -29.05 -8.79 -9.15
N ASN B 495 -29.15 -7.96 -8.11
CA ASN B 495 -28.83 -8.41 -6.76
C ASN B 495 -29.88 -9.41 -6.28
N TYR B 496 -29.42 -10.53 -5.73
CA TYR B 496 -30.35 -11.59 -5.34
C TYR B 496 -31.13 -11.22 -4.09
N ASP B 497 -30.65 -10.24 -3.31
CA ASP B 497 -31.39 -9.78 -2.14
C ASP B 497 -32.76 -9.24 -2.56
N ILE B 498 -32.78 -8.38 -3.58
CA ILE B 498 -34.04 -7.85 -4.07
C ILE B 498 -34.90 -8.95 -4.64
N ARG B 499 -34.31 -9.86 -5.42
CA ARG B 499 -35.06 -11.01 -5.92
C ARG B 499 -35.61 -11.84 -4.78
N ASP B 500 -34.93 -11.84 -3.63
CA ASP B 500 -35.45 -12.55 -2.46
C ASP B 500 -36.65 -11.83 -1.86
N ARG B 501 -36.57 -10.51 -1.68
CA ARG B 501 -37.69 -9.76 -1.13
C ARG B 501 -38.89 -9.80 -2.06
N THR B 502 -38.66 -9.57 -3.35
CA THR B 502 -39.76 -9.55 -4.31
C THR B 502 -40.49 -10.88 -4.32
N ARG B 503 -39.75 -11.98 -4.26
CA ARG B 503 -40.36 -13.30 -4.15
C ARG B 503 -41.19 -13.42 -2.88
N PHE B 504 -40.66 -12.91 -1.76
CA PHE B 504 -41.40 -12.94 -0.51
C PHE B 504 -42.56 -11.95 -0.51
N ILE B 505 -42.29 -10.70 -0.89
CA ILE B 505 -43.30 -9.66 -0.77
C ILE B 505 -44.46 -9.92 -1.72
N ARG B 506 -44.16 -10.32 -2.95
CA ARG B 506 -45.22 -10.64 -3.90
C ARG B 506 -46.07 -11.80 -3.40
N GLN B 507 -45.42 -12.82 -2.83
CA GLN B 507 -46.15 -13.97 -2.32
C GLN B 507 -47.12 -13.56 -1.20
N LEU B 508 -46.69 -12.65 -0.33
CA LEU B 508 -47.54 -12.22 0.76
C LEU B 508 -48.71 -11.38 0.27
N ILE B 509 -48.54 -10.67 -0.84
CA ILE B 509 -49.48 -9.62 -1.24
C ILE B 509 -50.44 -10.09 -2.32
N VAL B 510 -49.90 -10.49 -3.46
CA VAL B 510 -50.69 -10.64 -4.69
C VAL B 510 -51.59 -11.88 -4.69
N PRO B 511 -51.05 -13.11 -4.53
CA PRO B 511 -51.86 -14.29 -4.89
C PRO B 511 -53.00 -14.58 -3.94
N ASN B 512 -54.13 -13.88 -4.13
CA ASN B 512 -55.33 -14.18 -3.35
C ASN B 512 -55.96 -15.51 -3.75
N VAL B 513 -55.49 -16.13 -4.84
CA VAL B 513 -55.98 -17.45 -5.22
C VAL B 513 -55.63 -18.48 -4.15
N LYS B 514 -54.40 -18.42 -3.63
CA LYS B 514 -53.93 -19.30 -2.58
C LYS B 514 -53.98 -18.58 -1.23
N SER B 515 -55.03 -17.78 -1.02
CA SER B 515 -55.14 -16.98 0.19
C SER B 515 -55.49 -17.86 1.38
N GLY B 516 -54.46 -18.34 2.07
CA GLY B 516 -54.65 -19.11 3.29
C GLY B 516 -54.83 -18.21 4.49
N ALA B 517 -54.70 -18.81 5.67
CA ALA B 517 -54.85 -18.06 6.91
C ALA B 517 -53.75 -17.03 7.08
N LEU B 518 -52.52 -17.35 6.66
CA LEU B 518 -51.41 -16.43 6.83
C LEU B 518 -51.52 -15.21 5.93
N SER B 519 -52.09 -15.38 4.73
CA SER B 519 -52.18 -14.28 3.78
C SER B 519 -53.22 -13.25 4.19
N LYS B 520 -54.29 -13.66 4.87
CA LYS B 520 -55.27 -12.70 5.35
C LYS B 520 -54.69 -11.85 6.48
N TYR B 521 -53.58 -12.31 7.06
CA TYR B 521 -52.89 -11.57 8.11
C TYR B 521 -51.85 -10.61 7.55
N ALA B 522 -51.70 -10.55 6.22
CA ALA B 522 -50.58 -9.83 5.62
C ALA B 522 -50.64 -8.34 5.90
N LYS B 523 -51.85 -7.76 5.89
CA LYS B 523 -51.96 -6.34 6.20
C LYS B 523 -51.55 -6.05 7.64
N LYS B 524 -51.68 -7.02 8.53
CA LYS B 524 -51.32 -6.79 9.92
C LYS B 524 -49.80 -6.74 10.10
N ILE B 525 -49.07 -7.67 9.48
CA ILE B 525 -47.64 -7.78 9.73
C ILE B 525 -46.87 -6.61 9.13
N PHE B 526 -47.16 -6.22 7.89
CA PHE B 526 -46.48 -5.08 7.29
C PHE B 526 -46.80 -3.78 8.00
N LEU B 527 -48.07 -3.57 8.37
CA LEU B 527 -48.51 -2.35 9.01
C LEU B 527 -48.39 -2.41 10.52
N ALA B 528 -47.78 -3.46 11.06
CA ALA B 528 -47.60 -3.57 12.50
C ALA B 528 -46.75 -2.42 13.02
N GLN B 529 -47.12 -1.93 14.20
CA GLN B 529 -46.40 -0.81 14.81
C GLN B 529 -44.96 -1.22 15.05
N LYS B 530 -44.03 -0.35 14.63
CA LYS B 530 -42.61 -0.65 14.74
C LYS B 530 -42.06 -0.18 16.08
N PRO B 531 -41.50 -1.09 16.86
CA PRO B 531 -40.93 -0.71 18.16
C PRO B 531 -39.75 0.23 18.00
N ALA B 532 -39.59 1.09 19.00
CA ALA B 532 -38.51 2.06 18.97
C ALA B 532 -37.16 1.35 19.00
N PRO B 533 -36.19 1.80 18.21
CA PRO B 533 -34.88 1.13 18.20
C PRO B 533 -34.14 1.40 19.49
N LEU B 534 -33.63 0.34 20.11
CA LEU B 534 -32.78 0.49 21.27
C LEU B 534 -31.38 0.87 20.80
N LEU B 535 -31.28 2.11 20.32
CA LEU B 535 -30.01 2.60 19.82
C LEU B 535 -28.98 2.59 20.95
N GLU B 536 -27.82 2.00 20.67
CA GLU B 536 -26.78 1.84 21.67
C GLU B 536 -25.54 2.58 21.23
N SER B 537 -24.91 3.26 22.19
CA SER B 537 -23.67 3.95 21.91
C SER B 537 -22.60 2.94 21.51
N PRO B 538 -21.73 3.28 20.56
CA PRO B 538 -20.68 2.33 20.17
C PRO B 538 -19.56 2.29 21.19
N PHE B 539 -19.93 2.25 22.47
CA PHE B 539 -18.98 2.10 23.55
C PHE B 539 -19.51 1.22 24.68
N LYS B 540 -20.80 0.86 24.66
CA LYS B 540 -21.31 -0.09 25.65
C LYS B 540 -20.77 -1.49 25.40
N ASP B 541 -20.46 -1.82 24.14
CA ASP B 541 -19.83 -3.10 23.84
C ASP B 541 -18.47 -3.24 24.50
N ARG B 542 -17.86 -2.12 24.92
CA ARG B 542 -16.59 -2.12 25.60
C ARG B 542 -16.71 -2.43 27.09
N ASP B 543 -17.93 -2.67 27.57
CA ASP B 543 -18.12 -3.09 28.95
C ASP B 543 -17.48 -4.44 29.24
N HIS B 544 -17.25 -5.26 28.21
CA HIS B 544 -16.65 -6.56 28.36
C HIS B 544 -15.14 -6.54 28.28
N PHE B 545 -14.53 -5.37 28.12
CA PHE B 545 -13.10 -5.24 27.87
C PHE B 545 -12.46 -4.34 28.91
N GLN B 546 -11.19 -4.64 29.20
CA GLN B 546 -10.42 -3.84 30.13
C GLN B 546 -10.08 -2.49 29.49
N LEU B 547 -10.15 -1.42 30.29
CA LEU B 547 -9.76 -0.12 29.79
C LEU B 547 -8.25 -0.04 29.63
N GLY B 548 -7.81 0.76 28.66
CA GLY B 548 -6.40 0.95 28.41
C GLY B 548 -5.74 -0.14 27.59
N THR B 549 -6.49 -1.13 27.13
CA THR B 549 -5.92 -2.24 26.38
C THR B 549 -6.27 -2.13 24.90
N LEU B 550 -5.56 -2.91 24.08
CA LEU B 550 -5.80 -2.92 22.65
C LEU B 550 -7.20 -3.43 22.32
N SER B 551 -7.64 -4.49 23.00
CA SER B 551 -8.95 -5.07 22.70
C SER B 551 -10.08 -4.08 22.94
N HIS B 552 -9.91 -3.19 23.91
CA HIS B 552 -10.90 -2.15 24.13
C HIS B 552 -10.99 -1.21 22.94
N THR B 553 -9.85 -0.84 22.37
CA THR B 553 -9.83 0.08 21.23
C THR B 553 -10.49 -0.53 20.00
N LEU B 554 -10.20 -1.79 19.69
CA LEU B 554 -10.78 -2.43 18.52
C LEU B 554 -12.15 -3.04 18.78
N ASN B 555 -12.57 -3.15 20.04
CA ASN B 555 -13.83 -3.79 20.42
C ASN B 555 -13.85 -5.26 20.00
N ILE B 556 -12.67 -5.87 19.86
CA ILE B 556 -12.52 -7.25 19.47
C ILE B 556 -11.46 -7.88 20.37
N LYS B 557 -11.66 -9.15 20.74
CA LYS B 557 -10.72 -9.86 21.60
C LYS B 557 -9.45 -10.12 20.79
N ALA B 558 -8.46 -9.24 20.97
CA ALA B 558 -7.22 -9.32 20.22
C ALA B 558 -6.44 -10.57 20.60
N THR B 559 -5.56 -11.00 19.71
CA THR B 559 -4.71 -12.15 19.96
C THR B 559 -3.86 -11.92 21.21
N GLY B 560 -4.09 -12.74 22.23
CA GLY B 560 -3.43 -12.57 23.51
C GLY B 560 -4.15 -11.66 24.48
N TYR B 561 -5.46 -11.49 24.36
CA TYR B 561 -6.20 -10.69 25.32
C TYR B 561 -6.23 -11.36 26.68
N LEU B 562 -6.04 -10.56 27.72
CA LEU B 562 -5.95 -11.04 29.10
C LEU B 562 -7.24 -10.68 29.82
N GLU B 563 -8.25 -11.54 29.64
CA GLU B 563 -9.62 -11.19 30.03
C GLU B 563 -9.74 -11.04 31.55
N LEU B 564 -10.43 -9.98 31.96
CA LEU B 564 -10.74 -9.77 33.36
C LEU B 564 -11.85 -10.72 33.81
N SER B 565 -11.73 -11.21 35.04
CA SER B 565 -12.75 -12.07 35.61
C SER B 565 -13.75 -11.23 36.41
N ASN B 566 -14.82 -11.89 36.86
CA ASN B 566 -15.76 -11.25 37.76
C ASN B 566 -15.22 -11.32 39.18
N TRP B 567 -15.67 -10.38 40.01
CA TRP B 567 -15.21 -10.33 41.39
C TRP B 567 -15.57 -11.63 42.10
N PRO B 568 -14.61 -12.31 42.74
CA PRO B 568 -14.92 -13.56 43.41
C PRO B 568 -15.81 -13.36 44.62
N GLU B 569 -16.60 -14.39 44.92
CA GLU B 569 -17.53 -14.33 46.04
C GLU B 569 -16.79 -14.24 47.36
N VAL B 570 -15.75 -15.04 47.53
CA VAL B 570 -14.95 -15.06 48.75
C VAL B 570 -13.49 -14.87 48.38
N ALA B 571 -12.78 -14.10 49.22
CA ALA B 571 -11.39 -13.79 48.95
C ALA B 571 -10.50 -14.99 49.21
N PRO B 572 -9.54 -15.26 48.34
CA PRO B 572 -8.55 -16.31 48.62
C PRO B 572 -7.68 -15.94 49.81
N ASP B 573 -7.16 -16.97 50.48
CA ASP B 573 -6.48 -16.86 51.77
C ASP B 573 -5.42 -15.76 51.77
N PRO B 574 -5.67 -14.66 52.49
CA PRO B 574 -4.65 -13.61 52.58
C PRO B 574 -3.39 -14.04 53.30
N SER B 575 -3.48 -15.01 54.21
CA SER B 575 -2.32 -15.44 54.99
C SER B 575 -1.26 -16.10 54.12
N VAL B 576 -1.66 -16.71 53.00
CA VAL B 576 -0.68 -17.31 52.09
C VAL B 576 0.16 -16.24 51.42
N ARG B 577 -0.43 -15.08 51.13
CA ARG B 577 0.19 -14.08 50.27
C ARG B 577 1.32 -13.32 50.95
N ASN B 578 1.39 -13.34 52.28
CA ASN B 578 2.49 -12.70 52.99
C ASN B 578 3.83 -13.35 52.64
N MET C 1 6.61 -5.93 22.79
CA MET C 1 5.53 -4.98 22.56
C MET C 1 5.62 -4.50 21.12
N ILE C 2 6.15 -3.29 20.95
CA ILE C 2 6.41 -2.72 19.62
C ILE C 2 7.43 -3.61 18.93
N HIS C 3 7.07 -4.11 17.75
CA HIS C 3 7.78 -5.19 17.08
C HIS C 3 8.69 -4.71 15.96
N SER C 4 8.21 -3.79 15.12
CA SER C 4 8.99 -3.25 14.02
C SER C 4 8.50 -1.83 13.73
N LEU C 5 9.37 -1.03 13.12
CA LEU C 5 9.07 0.37 12.87
C LEU C 5 9.11 0.63 11.37
N PHE C 6 8.16 1.41 10.88
CA PHE C 6 8.08 1.80 9.47
C PHE C 6 7.81 3.29 9.38
N LEU C 7 8.85 4.10 9.37
CA LEU C 7 8.69 5.51 9.07
C LEU C 7 8.21 5.66 7.64
N ILE C 8 7.17 6.48 7.45
CA ILE C 8 6.51 6.62 6.15
C ILE C 8 6.47 8.10 5.79
N ASN C 9 6.93 8.42 4.58
CA ASN C 9 7.01 9.79 4.12
C ASN C 9 5.62 10.34 3.77
N CYS C 10 5.58 11.61 3.38
CA CYS C 10 4.32 12.24 3.01
C CYS C 10 3.73 11.65 1.74
N SER C 11 4.57 11.34 0.76
CA SER C 11 4.10 10.89 -0.55
C SER C 11 3.49 9.49 -0.51
N GLY C 12 3.68 8.74 0.57
CA GLY C 12 3.08 7.41 0.66
C GLY C 12 4.04 6.31 0.26
N ASP C 13 5.27 6.37 0.74
CA ASP C 13 6.26 5.33 0.52
C ASP C 13 6.89 4.94 1.86
N ILE C 14 7.63 3.83 1.85
CA ILE C 14 8.31 3.41 3.07
C ILE C 14 9.61 4.19 3.21
N PHE C 15 9.56 5.25 4.01
CA PHE C 15 10.72 6.13 4.18
C PHE C 15 11.86 5.39 4.88
N LEU C 16 11.57 4.74 6.00
CA LEU C 16 12.58 4.02 6.76
C LEU C 16 11.96 2.77 7.35
N GLU C 17 12.75 1.71 7.51
CA GLU C 17 12.28 0.46 8.07
C GLU C 17 13.28 -0.06 9.10
N LYS C 18 12.76 -0.53 10.23
CA LYS C 18 13.58 -1.20 11.24
C LYS C 18 12.81 -2.37 11.78
N HIS C 19 13.51 -3.47 12.05
CA HIS C 19 12.93 -4.67 12.64
C HIS C 19 13.75 -5.11 13.84
N TRP C 20 13.06 -5.49 14.91
CA TRP C 20 13.70 -5.99 16.11
C TRP C 20 13.66 -7.50 16.23
N LYS C 21 12.57 -8.13 15.82
CA LYS C 21 12.45 -9.58 15.81
C LYS C 21 12.00 -10.03 14.41
N SER C 22 11.56 -11.29 14.30
CA SER C 22 11.21 -11.89 13.02
C SER C 22 10.50 -10.91 12.11
N VAL C 23 11.06 -10.73 10.91
CA VAL C 23 10.75 -9.55 10.11
C VAL C 23 9.37 -9.67 9.49
N VAL C 24 8.59 -8.61 9.63
CA VAL C 24 7.30 -8.48 8.98
C VAL C 24 7.51 -7.78 7.65
N SER C 25 6.91 -8.31 6.60
CA SER C 25 7.07 -7.73 5.27
C SER C 25 6.56 -6.30 5.25
N GLN C 26 7.10 -5.50 4.33
CA GLN C 26 6.61 -4.13 4.15
C GLN C 26 5.17 -4.13 3.65
N SER C 27 4.67 -5.27 3.19
CA SER C 27 3.27 -5.41 2.83
C SER C 27 2.33 -5.25 4.01
N VAL C 28 2.85 -5.00 5.21
CA VAL C 28 1.98 -4.74 6.35
C VAL C 28 1.47 -3.31 6.33
N CYS C 29 2.18 -2.42 5.62
CA CYS C 29 1.81 -1.00 5.59
C CYS C 29 0.79 -0.67 4.51
N ASP C 30 0.41 -1.63 3.67
CA ASP C 30 -0.62 -1.36 2.68
C ASP C 30 -1.99 -1.14 3.32
N TYR C 31 -2.25 -1.76 4.48
CA TYR C 31 -3.45 -1.41 5.23
C TYR C 31 -3.45 0.05 5.68
N PHE C 32 -2.30 0.54 6.16
CA PHE C 32 -2.18 1.95 6.52
C PHE C 32 -2.42 2.82 5.30
N PHE C 33 -1.85 2.44 4.16
CA PHE C 33 -2.02 3.23 2.95
C PHE C 33 -3.47 3.25 2.50
N GLU C 34 -4.17 2.12 2.63
CA GLU C 34 -5.60 2.09 2.35
C GLU C 34 -6.36 3.00 3.30
N ALA C 35 -5.96 3.03 4.57
CA ALA C 35 -6.60 3.94 5.53
C ALA C 35 -6.38 5.39 5.13
N GLN C 36 -5.17 5.73 4.69
CA GLN C 36 -4.89 7.09 4.23
C GLN C 36 -5.74 7.42 3.01
N GLU C 37 -5.91 6.46 2.10
CA GLU C 37 -6.81 6.65 0.97
C GLU C 37 -8.24 6.92 1.44
N LYS C 38 -8.68 6.20 2.47
CA LYS C 38 -9.99 6.46 3.04
C LYS C 38 -10.02 7.73 3.88
N ALA C 39 -8.92 8.03 4.58
CA ALA C 39 -8.87 9.22 5.42
C ALA C 39 -8.86 10.48 4.57
N ALA C 40 -9.52 11.53 5.09
CA ALA C 40 -9.57 12.79 4.37
C ALA C 40 -8.18 13.41 4.23
N ASP C 41 -7.39 13.36 5.29
CA ASP C 41 -6.05 13.94 5.27
C ASP C 41 -5.15 13.11 6.18
N VAL C 42 -3.96 13.64 6.48
CA VAL C 42 -3.02 12.98 7.37
C VAL C 42 -3.46 13.00 8.82
N GLU C 43 -4.49 13.78 9.15
CA GLU C 43 -5.00 13.86 10.51
C GLU C 43 -6.21 12.98 10.75
N ASN C 44 -6.67 12.24 9.74
CA ASN C 44 -7.85 11.39 9.86
C ASN C 44 -7.52 9.91 9.83
N VAL C 45 -6.26 9.54 10.08
CA VAL C 45 -5.86 8.14 10.17
C VAL C 45 -5.89 7.74 11.63
N PRO C 46 -6.69 6.74 12.01
CA PRO C 46 -6.72 6.29 13.40
C PRO C 46 -5.35 5.77 13.83
N PRO C 47 -4.93 6.08 15.05
CA PRO C 47 -3.61 5.60 15.50
C PRO C 47 -3.47 4.09 15.50
N VAL C 48 -4.53 3.35 15.78
CA VAL C 48 -4.50 1.89 15.82
C VAL C 48 -5.24 1.34 14.62
N ILE C 49 -4.54 0.59 13.77
CA ILE C 49 -5.11 0.03 12.55
C ILE C 49 -4.93 -1.48 12.61
N SER C 50 -6.00 -2.22 12.35
CA SER C 50 -5.97 -3.67 12.43
C SER C 50 -5.55 -4.29 11.10
N THR C 51 -4.72 -5.33 11.21
CA THR C 51 -4.32 -6.16 10.11
C THR C 51 -4.60 -7.61 10.48
N PRO C 52 -4.70 -8.51 9.51
CA PRO C 52 -5.08 -9.90 9.82
C PRO C 52 -4.20 -10.57 10.85
N HIS C 53 -2.91 -10.26 10.90
CA HIS C 53 -2.02 -10.91 11.86
C HIS C 53 -1.21 -9.93 12.70
N HIS C 54 -1.29 -8.62 12.43
CA HIS C 54 -0.56 -7.63 13.19
C HIS C 54 -1.48 -6.44 13.47
N TYR C 55 -0.98 -5.52 14.29
CA TYR C 55 -1.67 -4.26 14.55
C TYR C 55 -0.70 -3.12 14.30
N LEU C 56 -1.18 -2.06 13.64
CA LEU C 56 -0.37 -0.92 13.27
C LEU C 56 -0.72 0.25 14.18
N ILE C 57 0.20 0.59 15.07
CA ILE C 57 0.05 1.74 15.95
C ILE C 57 0.92 2.86 15.41
N SER C 58 0.30 3.94 14.96
CA SER C 58 0.99 4.97 14.19
C SER C 58 0.69 6.35 14.77
N ILE C 59 1.69 7.22 14.69
CA ILE C 59 1.54 8.62 15.06
C ILE C 59 2.04 9.46 13.89
N TYR C 60 1.54 10.70 13.83
CA TYR C 60 1.91 11.64 12.78
C TYR C 60 2.35 12.94 13.41
N ARG C 61 3.61 13.31 13.20
CA ARG C 61 4.08 14.61 13.66
C ARG C 61 5.27 15.02 12.81
N ASP C 62 5.47 16.34 12.71
CA ASP C 62 6.55 16.91 11.91
C ASP C 62 6.49 16.42 10.47
N LYS C 63 5.27 16.33 9.94
CA LYS C 63 5.03 15.92 8.55
C LYS C 63 5.67 14.56 8.26
N LEU C 64 5.54 13.64 9.21
CA LEU C 64 6.14 12.32 9.07
C LEU C 64 5.39 11.34 9.98
N PHE C 65 5.16 10.13 9.47
CA PHE C 65 4.48 9.09 10.23
C PHE C 65 5.49 8.19 10.93
N PHE C 66 5.14 7.73 12.12
CA PHE C 66 5.91 6.74 12.87
C PHE C 66 5.03 5.51 13.02
N VAL C 67 5.13 4.58 12.08
CA VAL C 67 4.28 3.40 12.06
C VAL C 67 5.04 2.25 12.71
N SER C 68 4.45 1.70 13.76
CA SER C 68 5.00 0.54 14.45
C SER C 68 4.07 -0.66 14.26
N VAL C 69 4.64 -1.85 14.41
CA VAL C 69 3.93 -3.10 14.18
C VAL C 69 3.68 -3.77 15.53
N ILE C 70 2.46 -4.23 15.74
CA ILE C 70 2.03 -4.85 16.99
C ILE C 70 1.41 -6.19 16.65
N GLN C 71 1.88 -7.26 17.31
CA GLN C 71 1.28 -8.57 17.08
C GLN C 71 0.39 -9.01 18.24
N THR C 72 0.84 -8.84 19.47
CA THR C 72 0.09 -9.24 20.66
C THR C 72 -0.63 -8.04 21.25
N GLU C 73 -1.62 -8.33 22.10
CA GLU C 73 -2.39 -7.27 22.75
C GLU C 73 -1.46 -6.41 23.57
N VAL C 74 -1.49 -5.10 23.33
CA VAL C 74 -0.64 -4.14 24.01
C VAL C 74 -1.45 -2.91 24.35
N PRO C 75 -1.06 -2.18 25.39
CA PRO C 75 -1.65 -0.88 25.64
C PRO C 75 -1.37 0.05 24.46
N PRO C 76 -2.41 0.51 23.76
CA PRO C 76 -2.16 1.40 22.62
C PRO C 76 -1.40 2.66 23.01
N LEU C 77 -1.72 3.24 24.16
CA LEU C 77 -1.05 4.46 24.58
C LEU C 77 0.41 4.19 24.92
N PHE C 78 0.72 2.97 25.34
CA PHE C 78 2.11 2.56 25.51
C PHE C 78 2.91 2.78 24.24
N VAL C 79 2.44 2.21 23.14
CA VAL C 79 3.19 2.29 21.88
C VAL C 79 3.16 3.71 21.33
N ILE C 80 2.02 4.40 21.47
CA ILE C 80 1.91 5.77 20.96
C ILE C 80 2.89 6.69 21.69
N GLU C 81 2.92 6.59 23.02
CA GLU C 81 3.85 7.41 23.78
C GLU C 81 5.29 7.04 23.47
N PHE C 82 5.58 5.75 23.23
CA PHE C 82 6.94 5.39 22.86
C PHE C 82 7.33 5.99 21.52
N LEU C 83 6.41 5.96 20.55
CA LEU C 83 6.69 6.55 19.25
C LEU C 83 6.94 8.05 19.39
N HIS C 84 6.14 8.73 20.20
CA HIS C 84 6.37 10.16 20.40
C HIS C 84 7.67 10.43 21.13
N ARG C 85 8.06 9.54 22.05
CA ARG C 85 9.34 9.69 22.74
C ARG C 85 10.52 9.50 21.77
N VAL C 86 10.42 8.52 20.88
CA VAL C 86 11.49 8.31 19.90
C VAL C 86 11.55 9.49 18.93
N ALA C 87 10.39 10.07 18.60
CA ALA C 87 10.39 11.27 17.78
C ALA C 87 11.04 12.45 18.51
N ASP C 88 10.77 12.58 19.81
CA ASP C 88 11.39 13.64 20.60
C ASP C 88 12.90 13.48 20.63
N THR C 89 13.38 12.25 20.81
CA THR C 89 14.83 12.02 20.82
C THR C 89 15.42 12.24 19.43
N PHE C 90 14.68 11.88 18.37
CA PHE C 90 15.09 12.19 17.01
C PHE C 90 15.32 13.69 16.86
N GLN C 91 14.35 14.50 17.29
CA GLN C 91 14.49 15.95 17.20
C GLN C 91 15.64 16.46 18.06
N ASP C 92 15.81 15.88 19.26
CA ASP C 92 16.87 16.34 20.16
C ASP C 92 18.25 16.10 19.56
N TYR C 93 18.48 14.91 19.00
CA TYR C 93 19.79 14.61 18.43
C TYR C 93 20.01 15.33 17.10
N PHE C 94 18.99 15.34 16.24
CA PHE C 94 19.13 15.99 14.93
C PHE C 94 19.13 17.51 15.05
N GLY C 95 18.30 18.06 15.94
CA GLY C 95 18.00 19.47 15.98
C GLY C 95 16.69 19.81 15.28
N GLU C 96 16.23 18.94 14.40
CA GLU C 96 14.93 19.05 13.77
C GLU C 96 14.53 17.68 13.23
N CYS C 97 13.25 17.35 13.37
CA CYS C 97 12.73 16.08 12.88
C CYS C 97 12.33 16.27 11.42
N SER C 98 13.14 15.72 10.51
CA SER C 98 12.93 15.94 9.09
C SER C 98 13.32 14.68 8.31
N GLU C 99 12.79 14.61 7.09
CA GLU C 99 13.10 13.48 6.21
C GLU C 99 14.58 13.44 5.87
N ALA C 100 15.16 14.59 5.54
CA ALA C 100 16.54 14.65 5.07
C ALA C 100 17.53 14.27 6.17
N ALA C 101 17.29 14.72 7.40
CA ALA C 101 18.22 14.42 8.48
C ALA C 101 18.28 12.91 8.74
N ILE C 102 17.12 12.26 8.76
CA ILE C 102 17.09 10.81 8.95
C ILE C 102 17.72 10.10 7.76
N LYS C 103 17.43 10.56 6.55
CA LYS C 103 18.03 9.94 5.37
C LYS C 103 19.55 10.04 5.40
N ASP C 104 20.08 11.15 5.91
CA ASP C 104 21.53 11.32 6.02
C ASP C 104 22.14 10.55 7.18
N ASN C 105 21.43 10.40 8.30
CA ASN C 105 21.99 9.76 9.48
C ASN C 105 21.24 8.48 9.83
N VAL C 106 20.86 7.71 8.79
CA VAL C 106 20.29 6.38 8.98
C VAL C 106 21.03 5.56 10.04
N VAL C 107 22.37 5.62 10.04
CA VAL C 107 23.11 4.79 11.00
C VAL C 107 22.86 5.25 12.43
N ILE C 108 22.86 6.57 12.68
CA ILE C 108 22.54 7.06 14.02
C ILE C 108 21.08 6.76 14.35
N VAL C 109 20.21 6.75 13.35
CA VAL C 109 18.82 6.41 13.57
C VAL C 109 18.69 4.97 14.05
N TYR C 110 19.40 4.05 13.41
CA TYR C 110 19.38 2.66 13.84
C TYR C 110 19.99 2.51 15.23
N GLU C 111 21.06 3.25 15.51
CA GLU C 111 21.65 3.21 16.85
C GLU C 111 20.64 3.66 17.90
N LEU C 112 19.91 4.74 17.62
CA LEU C 112 18.93 5.25 18.57
C LEU C 112 17.76 4.28 18.73
N LEU C 113 17.30 3.68 17.63
CA LEU C 113 16.21 2.72 17.72
C LEU C 113 16.62 1.49 18.53
N GLU C 114 17.86 1.05 18.38
CA GLU C 114 18.33 -0.09 19.17
C GLU C 114 18.53 0.30 20.63
N GLU C 115 18.98 1.53 20.88
CA GLU C 115 19.19 1.96 22.27
C GLU C 115 17.87 2.13 23.01
N MET C 116 16.85 2.68 22.34
CA MET C 116 15.57 2.90 22.98
C MET C 116 14.82 1.60 23.23
N LEU C 117 14.76 0.73 22.23
CA LEU C 117 13.95 -0.48 22.27
C LEU C 117 14.86 -1.68 22.23
N ASP C 118 14.65 -2.61 23.17
CA ASP C 118 15.44 -3.83 23.27
C ASP C 118 14.49 -5.02 23.28
N ASN C 119 14.38 -5.68 22.13
CA ASN C 119 13.61 -6.92 22.00
C ASN C 119 12.18 -6.76 22.50
N GLY C 120 11.52 -5.67 22.12
CA GLY C 120 10.10 -5.51 22.33
C GLY C 120 9.71 -4.66 23.52
N PHE C 121 10.55 -4.53 24.52
CA PHE C 121 10.21 -3.71 25.69
C PHE C 121 11.08 -2.45 25.69
N PRO C 122 10.50 -1.27 25.47
CA PRO C 122 11.29 -0.04 25.51
C PRO C 122 11.88 0.20 26.89
N LEU C 123 13.17 0.49 26.94
CA LEU C 123 13.83 0.79 28.21
C LEU C 123 15.20 1.43 27.97
N ALA C 124 15.47 2.51 28.71
CA ALA C 124 16.77 3.16 28.65
C ALA C 124 17.11 3.78 30.00
N MET D 1 16.62 8.41 -30.27
CA MET D 1 16.64 9.77 -29.74
C MET D 1 16.68 9.81 -28.23
N ILE D 2 17.88 9.99 -27.68
CA ILE D 2 18.04 10.12 -26.24
C ILE D 2 17.57 11.51 -25.82
N LYS D 3 16.56 11.55 -24.94
CA LYS D 3 16.04 12.84 -24.50
C LYS D 3 17.03 13.57 -23.60
N ALA D 4 17.58 12.88 -22.60
CA ALA D 4 18.53 13.50 -21.69
C ALA D 4 19.28 12.40 -20.96
N ILE D 5 20.47 12.73 -20.46
CA ILE D 5 21.27 11.84 -19.64
C ILE D 5 21.22 12.36 -18.21
N LEU D 6 20.74 11.52 -17.30
CA LEU D 6 20.69 11.86 -15.88
C LEU D 6 21.58 10.90 -15.13
N ILE D 7 22.49 11.44 -14.32
CA ILE D 7 23.37 10.65 -13.47
C ILE D 7 23.30 11.21 -12.06
N PHE D 8 23.00 10.35 -11.09
CA PHE D 8 22.94 10.75 -9.70
C PHE D 8 23.23 9.54 -8.83
N ASN D 9 23.64 9.82 -7.59
CA ASN D 9 23.98 8.75 -6.66
C ASN D 9 22.70 8.16 -6.05
N ASN D 10 22.87 7.34 -5.03
CA ASN D 10 21.74 6.75 -4.33
C ASN D 10 21.00 7.76 -3.46
N HIS D 11 21.58 8.93 -3.21
CA HIS D 11 20.93 9.98 -2.42
C HIS D 11 20.23 11.02 -3.27
N GLY D 12 20.29 10.89 -4.60
CA GLY D 12 19.62 11.84 -5.46
C GLY D 12 20.39 13.10 -5.76
N LYS D 13 21.62 13.23 -5.24
CA LYS D 13 22.43 14.41 -5.51
C LYS D 13 23.02 14.30 -6.90
N PRO D 14 22.76 15.24 -7.79
CA PRO D 14 23.13 15.06 -9.21
C PRO D 14 24.62 14.90 -9.41
N ARG D 15 24.99 14.07 -10.39
CA ARG D 15 26.35 13.97 -10.88
C ARG D 15 26.50 14.35 -12.34
N LEU D 16 25.47 14.16 -13.17
CA LEU D 16 25.47 14.63 -14.54
C LEU D 16 24.06 15.00 -14.93
N SER D 17 23.91 16.05 -15.73
CA SER D 17 22.61 16.45 -16.27
C SER D 17 22.84 17.08 -17.63
N LYS D 18 22.73 16.28 -18.68
CA LYS D 18 22.89 16.76 -20.06
C LYS D 18 21.60 16.50 -20.80
N PHE D 19 20.96 17.57 -21.26
CA PHE D 19 19.66 17.49 -21.90
C PHE D 19 19.79 17.75 -23.39
N TYR D 20 19.00 17.02 -24.17
CA TYR D 20 18.93 17.21 -25.62
C TYR D 20 17.57 17.76 -26.05
N GLN D 21 16.79 18.27 -25.11
CA GLN D 21 15.54 18.98 -25.37
C GLN D 21 15.57 20.27 -24.57
N PRO D 22 15.04 21.36 -25.12
CA PRO D 22 15.11 22.64 -24.41
C PRO D 22 14.18 22.68 -23.21
N TYR D 23 14.76 22.52 -22.02
CA TYR D 23 14.02 22.50 -20.76
C TYR D 23 14.63 23.53 -19.82
N SER D 24 13.78 24.16 -19.01
CA SER D 24 14.26 25.15 -18.06
C SER D 24 14.99 24.47 -16.91
N GLU D 25 15.79 25.25 -16.20
CA GLU D 25 16.60 24.70 -15.11
C GLU D 25 15.74 24.13 -13.99
N ASP D 26 14.67 24.83 -13.61
CA ASP D 26 13.76 24.30 -12.62
C ASP D 26 13.12 23.00 -13.10
N THR D 27 12.73 22.97 -14.38
CA THR D 27 12.18 21.75 -14.96
C THR D 27 13.20 20.63 -14.94
N GLN D 28 14.47 20.95 -15.23
CA GLN D 28 15.52 19.93 -15.16
C GLN D 28 15.66 19.37 -13.76
N GLN D 29 15.62 20.25 -12.75
CA GLN D 29 15.75 19.78 -11.37
C GLN D 29 14.60 18.89 -10.96
N GLN D 30 13.35 19.30 -11.24
CA GLN D 30 12.23 18.46 -10.85
C GLN D 30 12.24 17.16 -11.64
N ILE D 31 12.73 17.20 -12.89
CA ILE D 31 12.90 15.97 -13.66
C ILE D 31 13.87 15.04 -12.96
N ILE D 32 15.01 15.57 -12.53
CA ILE D 32 16.02 14.75 -11.85
C ILE D 32 15.43 14.12 -10.61
N ARG D 33 14.72 14.91 -9.80
CA ARG D 33 14.11 14.36 -8.59
C ARG D 33 13.07 13.30 -8.92
N GLU D 34 12.25 13.53 -9.96
CA GLU D 34 11.22 12.56 -10.33
C GLU D 34 11.83 11.23 -10.72
N THR D 35 12.84 11.26 -11.59
CA THR D 35 13.48 10.00 -12.00
C THR D 35 14.19 9.34 -10.82
N PHE D 36 14.81 10.13 -9.94
CA PHE D 36 15.48 9.53 -8.79
C PHE D 36 14.48 8.81 -7.89
N HIS D 37 13.34 9.44 -7.61
CA HIS D 37 12.33 8.80 -6.78
C HIS D 37 11.73 7.59 -7.48
N LEU D 38 11.59 7.64 -8.80
CA LEU D 38 11.06 6.50 -9.53
C LEU D 38 12.04 5.32 -9.54
N VAL D 39 13.34 5.59 -9.63
CA VAL D 39 14.32 4.53 -9.82
C VAL D 39 14.81 3.97 -8.51
N SER D 40 15.23 4.82 -7.57
CA SER D 40 15.86 4.36 -6.34
C SER D 40 14.92 3.56 -5.46
N LYS D 41 13.60 3.72 -5.62
CA LYS D 41 12.66 2.97 -4.81
C LYS D 41 12.68 1.47 -5.10
N ARG D 42 13.16 1.08 -6.29
CA ARG D 42 13.22 -0.32 -6.66
C ARG D 42 14.54 -0.93 -6.17
N ASP D 43 14.47 -2.19 -5.72
CA ASP D 43 15.65 -2.83 -5.20
C ASP D 43 16.51 -3.40 -6.33
N GLU D 44 17.62 -4.03 -5.95
CA GLU D 44 18.61 -4.45 -6.92
C GLU D 44 18.07 -5.48 -7.92
N ASN D 45 17.15 -6.34 -7.51
CA ASN D 45 16.67 -7.42 -8.35
C ASN D 45 15.55 -6.99 -9.29
N VAL D 46 15.13 -5.73 -9.24
CA VAL D 46 14.10 -5.24 -10.14
C VAL D 46 14.72 -4.96 -11.51
N CYS D 47 13.90 -5.07 -12.55
CA CYS D 47 14.33 -4.74 -13.90
C CYS D 47 14.64 -3.25 -14.00
N ASN D 48 15.33 -2.88 -15.09
CA ASN D 48 15.86 -1.53 -15.27
C ASN D 48 15.05 -0.71 -16.26
N PHE D 49 13.75 -0.94 -16.38
CA PHE D 49 12.90 -0.26 -17.36
C PHE D 49 11.72 0.37 -16.65
N LEU D 50 11.71 1.69 -16.56
CA LEU D 50 10.62 2.44 -15.97
C LEU D 50 9.96 3.31 -17.02
N GLU D 51 8.63 3.30 -17.02
CA GLU D 51 7.89 4.18 -17.90
C GLU D 51 8.14 5.63 -17.54
N GLY D 52 8.29 6.47 -18.55
CA GLY D 52 8.64 7.85 -18.34
C GLY D 52 7.53 8.63 -17.65
N GLY D 53 7.94 9.67 -16.94
CA GLY D 53 7.01 10.54 -16.25
C GLY D 53 6.41 11.58 -17.17
N LEU D 54 5.67 12.51 -16.56
CA LEU D 54 5.02 13.57 -17.31
C LEU D 54 5.94 14.74 -17.61
N LEU D 55 7.05 14.87 -16.87
CA LEU D 55 7.94 16.01 -17.04
C LEU D 55 8.91 15.86 -18.20
N ILE D 56 9.07 14.66 -18.74
CA ILE D 56 10.01 14.41 -19.82
C ILE D 56 9.29 14.33 -21.17
N GLY D 57 8.08 14.87 -21.26
CA GLY D 57 7.30 14.81 -22.47
C GLY D 57 6.19 13.79 -22.50
N GLY D 58 5.92 13.13 -21.38
CA GLY D 58 4.83 12.18 -21.30
C GLY D 58 5.33 10.74 -21.18
N SER D 59 4.37 9.82 -21.28
CA SER D 59 4.67 8.40 -21.18
C SER D 59 5.31 7.82 -22.44
N ASP D 60 5.36 8.60 -23.53
CA ASP D 60 6.00 8.12 -24.75
C ASP D 60 7.48 7.82 -24.52
N ASN D 61 8.11 8.53 -23.59
CA ASN D 61 9.49 8.29 -23.24
C ASN D 61 9.58 7.26 -22.12
N LYS D 62 10.77 6.71 -21.92
CA LYS D 62 11.02 5.73 -20.87
C LYS D 62 12.29 6.11 -20.12
N LEU D 63 12.35 5.67 -18.86
CA LEU D 63 13.52 5.86 -18.01
C LEU D 63 14.29 4.55 -17.98
N ILE D 64 15.47 4.53 -18.59
CA ILE D 64 16.32 3.35 -18.62
C ILE D 64 17.58 3.66 -17.83
N TYR D 65 17.95 2.75 -16.92
CA TYR D 65 18.98 3.04 -15.95
C TYR D 65 19.79 1.79 -15.65
N ARG D 66 20.96 2.00 -15.05
CA ARG D 66 21.74 0.93 -14.44
C ARG D 66 22.36 1.43 -13.15
N HIS D 67 22.61 0.51 -12.23
CA HIS D 67 23.17 0.83 -10.93
C HIS D 67 24.57 0.24 -10.84
N TYR D 68 25.56 1.09 -10.56
CA TYR D 68 26.91 0.66 -10.24
C TYR D 68 27.30 1.28 -8.91
N ALA D 69 27.80 0.45 -8.00
CA ALA D 69 28.14 0.87 -6.65
C ALA D 69 26.97 1.60 -6.02
N THR D 70 27.09 2.92 -5.87
CA THR D 70 26.02 3.75 -5.35
C THR D 70 25.56 4.81 -6.35
N LEU D 71 25.86 4.62 -7.64
CA LEU D 71 25.56 5.60 -8.66
C LEU D 71 24.49 5.09 -9.61
N TYR D 72 23.61 5.99 -10.03
CA TYR D 72 22.57 5.68 -11.00
C TYR D 72 22.89 6.36 -12.33
N PHE D 73 22.67 5.65 -13.42
CA PHE D 73 22.97 6.13 -14.77
C PHE D 73 21.71 5.96 -15.61
N VAL D 74 20.90 7.02 -15.68
CA VAL D 74 19.57 6.96 -16.29
C VAL D 74 19.59 7.70 -17.62
N PHE D 75 19.13 7.04 -18.67
CA PHE D 75 19.00 7.63 -20.00
C PHE D 75 17.53 7.80 -20.32
N CYS D 76 17.12 9.03 -20.66
CA CYS D 76 15.76 9.27 -21.12
C CYS D 76 15.68 9.02 -22.62
N VAL D 77 14.96 7.97 -23.01
CA VAL D 77 14.76 7.63 -24.41
C VAL D 77 13.28 7.44 -24.66
N ASP D 78 12.90 7.58 -25.93
CA ASP D 78 11.51 7.38 -26.32
C ASP D 78 11.27 5.89 -26.59
N SER D 79 10.11 5.58 -27.18
CA SER D 79 9.76 4.22 -27.50
C SER D 79 10.58 3.64 -28.64
N SER D 80 11.37 4.47 -29.33
CA SER D 80 12.11 4.05 -30.51
C SER D 80 13.50 3.51 -30.20
N GLU D 81 14.03 3.76 -29.01
CA GLU D 81 15.36 3.27 -28.67
C GLU D 81 15.30 1.88 -28.06
N SER D 82 16.34 1.09 -28.34
CA SER D 82 16.42 -0.27 -27.84
C SER D 82 16.65 -0.25 -26.34
N GLU D 83 15.86 -1.04 -25.61
CA GLU D 83 16.00 -1.09 -24.15
C GLU D 83 17.38 -1.62 -23.77
N LEU D 84 17.74 -2.79 -24.28
CA LEU D 84 19.06 -3.33 -23.95
C LEU D 84 20.13 -2.71 -24.83
N GLY D 85 19.74 -2.13 -25.98
CA GLY D 85 20.69 -1.33 -26.72
C GLY D 85 21.17 -0.16 -25.90
N ILE D 86 20.25 0.57 -25.30
CA ILE D 86 20.63 1.67 -24.42
C ILE D 86 21.32 1.14 -23.17
N LEU D 87 20.89 -0.03 -22.69
CA LEU D 87 21.55 -0.63 -21.53
C LEU D 87 23.02 -0.91 -21.81
N ASP D 88 23.31 -1.51 -22.96
CA ASP D 88 24.70 -1.80 -23.33
C ASP D 88 25.46 -0.50 -23.60
N LEU D 89 24.76 0.51 -24.11
CA LEU D 89 25.40 1.83 -24.24
C LEU D 89 25.82 2.35 -22.87
N ILE D 90 24.96 2.20 -21.87
CA ILE D 90 25.33 2.60 -20.51
C ILE D 90 26.51 1.79 -20.02
N GLN D 91 26.52 0.48 -20.31
CA GLN D 91 27.62 -0.36 -19.85
C GLN D 91 28.96 0.10 -20.44
N VAL D 92 28.98 0.34 -21.76
CA VAL D 92 30.19 0.84 -22.39
C VAL D 92 30.55 2.21 -21.82
N PHE D 93 29.54 3.04 -21.53
CA PHE D 93 29.79 4.34 -20.94
C PHE D 93 30.52 4.21 -19.60
N VAL D 94 29.98 3.37 -18.71
CA VAL D 94 30.57 3.25 -17.38
C VAL D 94 31.97 2.66 -17.46
N GLU D 95 32.18 1.68 -18.36
CA GLU D 95 33.52 1.13 -18.51
C GLU D 95 34.48 2.19 -19.08
N THR D 96 33.96 3.06 -19.94
CA THR D 96 34.77 4.17 -20.45
C THR D 96 35.22 5.07 -19.31
N LEU D 97 34.31 5.39 -18.39
CA LEU D 97 34.75 6.17 -17.23
C LEU D 97 35.71 5.38 -16.36
N ASP D 98 35.51 4.06 -16.23
CA ASP D 98 36.43 3.27 -15.42
C ASP D 98 37.86 3.38 -15.92
N LYS D 99 38.08 3.17 -17.21
CA LYS D 99 39.47 3.16 -17.68
C LYS D 99 39.98 4.56 -18.04
N CYS D 100 39.09 5.50 -18.35
CA CYS D 100 39.54 6.88 -18.53
C CYS D 100 39.86 7.55 -17.20
N PHE D 101 39.26 7.07 -16.12
CA PHE D 101 39.50 7.61 -14.78
C PHE D 101 40.31 6.66 -13.90
N GLU D 102 40.77 5.53 -14.44
CA GLU D 102 41.56 4.58 -13.68
C GLU D 102 40.80 4.09 -12.46
N ASN D 103 39.76 3.27 -12.70
CA ASN D 103 38.81 2.83 -11.67
C ASN D 103 37.98 3.98 -11.14
N VAL D 104 37.15 4.56 -12.01
CA VAL D 104 36.29 5.68 -11.64
C VAL D 104 35.44 5.33 -10.43
N CYS D 105 35.09 6.37 -9.67
CA CYS D 105 34.12 6.26 -8.58
C CYS D 105 33.25 7.50 -8.61
N GLU D 106 32.44 7.67 -7.55
CA GLU D 106 31.59 8.85 -7.47
C GLU D 106 32.42 10.13 -7.38
N LEU D 107 33.55 10.07 -6.69
CA LEU D 107 34.40 11.24 -6.51
C LEU D 107 34.86 11.83 -7.84
N ASP D 108 35.22 10.97 -8.81
CA ASP D 108 35.57 11.46 -10.14
C ASP D 108 34.39 12.13 -10.84
N LEU D 109 33.18 11.56 -10.70
CA LEU D 109 32.00 12.22 -11.24
C LEU D 109 31.74 13.56 -10.56
N ILE D 110 32.23 13.73 -9.33
CA ILE D 110 32.00 14.99 -8.61
C ILE D 110 33.02 16.04 -9.04
N PHE D 111 34.30 15.71 -9.00
CA PHE D 111 35.37 16.68 -9.23
C PHE D 111 35.76 16.82 -10.69
N HIS D 112 35.32 15.93 -11.57
CA HIS D 112 35.73 15.96 -12.97
C HIS D 112 34.51 15.95 -13.88
N VAL D 113 33.55 16.84 -13.62
CA VAL D 113 32.28 16.80 -14.35
C VAL D 113 32.49 17.15 -15.82
N ASP D 114 33.40 18.08 -16.13
CA ASP D 114 33.60 18.49 -17.52
C ASP D 114 34.18 17.35 -18.35
N LYS D 115 35.11 16.59 -17.79
CA LYS D 115 35.65 15.44 -18.51
C LYS D 115 34.56 14.40 -18.76
N VAL D 116 33.61 14.27 -17.83
CA VAL D 116 32.52 13.32 -18.03
C VAL D 116 31.57 13.80 -19.12
N HIS D 117 31.31 15.12 -19.19
CA HIS D 117 30.56 15.65 -20.34
C HIS D 117 31.31 15.38 -21.63
N ASN D 118 32.63 15.50 -21.61
CA ASN D 118 33.43 15.19 -22.78
C ASN D 118 33.26 13.73 -23.19
N ILE D 119 33.27 12.83 -22.21
CA ILE D 119 33.08 11.40 -22.48
C ILE D 119 31.71 11.17 -23.11
N LEU D 120 30.68 11.81 -22.56
CA LEU D 120 29.34 11.67 -23.11
C LEU D 120 29.29 12.16 -24.55
N ALA D 121 29.88 13.34 -24.80
CA ALA D 121 29.85 13.91 -26.14
C ALA D 121 30.57 13.00 -27.14
N GLU D 122 31.71 12.43 -26.73
CA GLU D 122 32.40 11.48 -27.60
C GLU D 122 31.58 10.21 -27.79
N MET D 123 30.74 9.84 -26.81
CA MET D 123 29.91 8.66 -26.97
C MET D 123 28.59 8.98 -27.63
N VAL D 124 27.84 9.94 -27.10
CA VAL D 124 26.53 10.32 -27.62
C VAL D 124 26.57 11.80 -27.99
N MET D 125 25.98 12.14 -29.14
CA MET D 125 26.02 13.49 -29.68
C MET D 125 24.59 13.94 -29.91
N GLY D 126 24.13 14.91 -29.12
CA GLY D 126 22.83 15.52 -29.32
C GLY D 126 21.67 14.56 -29.38
N GLY D 127 21.70 13.46 -28.62
CA GLY D 127 20.67 12.45 -28.69
C GLY D 127 20.92 11.37 -29.74
N MET D 128 22.05 11.44 -30.43
CA MET D 128 22.47 10.44 -31.41
C MET D 128 23.64 9.63 -30.87
N VAL D 129 23.59 8.32 -31.09
CA VAL D 129 24.68 7.45 -30.68
C VAL D 129 25.85 7.63 -31.64
N LEU D 130 26.92 8.24 -31.13
CA LEU D 130 28.06 8.62 -31.97
C LEU D 130 29.08 7.50 -32.12
N GLU D 131 29.57 6.97 -31.01
CA GLU D 131 30.63 5.98 -31.06
C GLU D 131 30.32 4.87 -30.05
N THR D 132 30.43 3.63 -30.51
CA THR D 132 30.23 2.48 -29.64
C THR D 132 31.46 1.59 -29.53
N ASN D 133 32.45 1.76 -30.40
CA ASN D 133 33.69 1.01 -30.31
C ASN D 133 34.51 1.61 -29.17
N MET D 134 34.56 0.89 -28.06
CA MET D 134 35.13 1.44 -26.83
C MET D 134 36.58 1.87 -27.03
N ASN D 135 37.39 1.01 -27.67
CA ASN D 135 38.82 1.27 -27.76
C ASN D 135 39.11 2.55 -28.54
N GLU D 136 38.44 2.74 -29.68
CA GLU D 136 38.62 3.96 -30.45
C GLU D 136 38.14 5.18 -29.66
N ILE D 137 37.08 5.01 -28.86
CA ILE D 137 36.59 6.12 -28.04
C ILE D 137 37.66 6.57 -27.05
N VAL D 138 38.21 5.62 -26.29
CA VAL D 138 39.20 5.99 -25.28
C VAL D 138 40.45 6.52 -25.94
N THR D 139 40.79 5.97 -27.11
CA THR D 139 41.94 6.47 -27.87
C THR D 139 41.75 7.93 -28.26
N GLN D 140 40.54 8.28 -28.70
CA GLN D 140 40.29 9.66 -29.11
C GLN D 140 40.31 10.62 -27.93
N ILE D 141 39.74 10.22 -26.79
CA ILE D 141 39.80 11.10 -25.62
C ILE D 141 41.25 11.25 -25.16
N ASP D 142 42.02 10.17 -25.22
CA ASP D 142 43.43 10.25 -24.87
C ASP D 142 44.19 11.18 -25.81
N ALA D 143 43.88 11.14 -27.10
CA ALA D 143 44.48 12.09 -28.04
C ALA D 143 44.11 13.53 -27.68
N GLN D 144 42.85 13.75 -27.32
CA GLN D 144 42.45 15.08 -26.87
C GLN D 144 43.28 15.51 -25.67
N ASN D 145 43.48 14.62 -24.71
CA ASN D 145 44.37 14.90 -23.60
C ASN D 145 45.79 15.18 -24.08
N LYS D 146 46.21 14.54 -25.16
CA LYS D 146 47.52 14.83 -25.73
C LYS D 146 47.61 16.28 -26.21
N LEU D 147 46.57 16.79 -26.86
CA LEU D 147 46.65 18.20 -27.32
C LEU D 147 46.51 19.18 -26.17
N GLU D 148 45.75 18.82 -25.12
CA GLU D 148 45.86 19.59 -23.88
C GLU D 148 47.29 19.60 -23.33
N LYS D 149 47.98 18.46 -23.35
CA LYS D 149 49.35 18.43 -22.87
C LYS D 149 50.27 19.29 -23.74
N SER D 150 50.10 19.20 -25.06
CA SER D 150 50.98 19.90 -25.99
C SER D 150 50.74 21.41 -26.01
N GLU D 151 49.57 21.87 -25.60
CA GLU D 151 49.25 23.29 -25.61
C GLU D 151 48.13 23.61 -24.62
#